data_7LU4
#
_entry.id   7LU4
#
_cell.length_a   238.580
_cell.length_b   127.860
_cell.length_c   133.060
_cell.angle_alpha   90.00
_cell.angle_beta   103.61
_cell.angle_gamma   90.00
#
_symmetry.space_group_name_H-M   'C 1 2 1'
#
loop_
_entity.id
_entity.type
_entity.pdbx_description
1 polymer 'Multifunctional fusion protein'
2 non-polymer GLYCINE
#
_entity_poly.entity_id   1
_entity_poly.type   'polypeptide(L)'
_entity_poly.pdbx_seq_one_letter_code
;MRDPLDFQSIIMKLQQFWAEQGSLIWQPYYTQVGAGTMNPATFLRVLGPEPWNVAYVEPSIRPDDGRYGENPNRLQQHYQ
FQVILKPDPGNPQEIYLRSLEALGIDPREHDIRFVEDNWESPALGAWGLGWEVWLDGLEITQFTYFQQAGGMVLEPVSVE
ITYGLERIAMALQRVSNFRDIRWNAERTYGDVNLQGEREHSTYYFEVADVERLRQMFALFEAEAEAALARGLVLPAHDYV
LKSSHTFNVLDTRGAVGVTERQVLFARMRDMARRVAEAYVAQRQALGFPWLKPTAQVSEAPAVREAPRSIPEQETLLIEI
GTEELPPADLEAALAQLRQRVPALLDELHLPHGDVQVWGTPRRLVVWVEDLAGRQPDRELIIKGPPANRAFDAEGRPTAA
AEGFARSKGVPVEALTVAEMDGGRYVVAHVRETGRPAVEVLAEVLPGVIADLRFERSMRWNSSGVAFSRPIRWLVALHGE
TVIPFTYAGLTSGRVTRGLRFAEPATFALSHPRDYRIFLERQGVVVEPEIRRARIAEQARTLIADVGGDPEHLDEAVLNE
VTHLVEAPTALRGRFEDEYLRLPEEVLVSVMKKHQRYFPVYTREGQLLPYFIAVRNGGKEGLDVVTDGNEQVIRARFADA
AYFIREDLKHPLEYYLPRLSTLTFQAKLGSMLDKTHRIEVLVERLIPMVGLEAEDAAAVRRAAHLSKADLVTHMVVEMTS
LQGVMGRYYALQSGEPRAVAEAIFEAYLPRFAGDRYPETPAGLVLGLADRLDTLMGLFAVGLAPTGTKDPFALRRAALGL
VQNLIHWNLDFDLRQGLEAAAQGLPVPVSPEAKMESLEFIVGRLQNELLEQGYRYDVVAAVLAAQGHNPAATARGVRELS
AWVSRSDWNTILPAYARSVRITRDQTERFAIDPARLVEPAEKHLLSALLQAEVTPRRPGSVEDFFQVFLPMIPVINRFFD
EVLVMAEDAGLRANRLGLLQRIVALADGVADFSKLEGFENLYFQGHHHHHH
;
_entity_poly.pdbx_strand_id   A,B
#
# COMPACT_ATOMS: atom_id res chain seq x y z
N PRO A 4 -18.22 16.63 -20.16
CA PRO A 4 -17.62 15.31 -19.89
C PRO A 4 -16.55 15.38 -18.80
N LEU A 5 -16.73 14.57 -17.76
CA LEU A 5 -15.90 14.67 -16.57
C LEU A 5 -14.48 14.19 -16.82
N ASP A 6 -13.53 14.80 -16.11
CA ASP A 6 -12.18 14.29 -16.06
C ASP A 6 -12.13 12.98 -15.29
N PHE A 7 -11.00 12.27 -15.42
CA PHE A 7 -10.79 11.05 -14.64
C PHE A 7 -10.89 11.32 -13.15
N GLN A 8 -10.27 12.40 -12.67
CA GLN A 8 -10.33 12.70 -11.25
C GLN A 8 -11.71 13.19 -10.86
N SER A 9 -12.43 13.83 -11.79
CA SER A 9 -13.78 14.28 -11.48
C SER A 9 -14.73 13.09 -11.39
N ILE A 10 -14.50 12.04 -12.19
CA ILE A 10 -15.32 10.84 -12.10
C ILE A 10 -15.15 10.20 -10.73
N ILE A 11 -13.89 10.07 -10.29
CA ILE A 11 -13.61 9.53 -8.97
C ILE A 11 -14.27 10.36 -7.89
N MET A 12 -14.18 11.68 -7.99
CA MET A 12 -14.73 12.51 -6.92
C MET A 12 -16.27 12.51 -6.95
N LYS A 13 -16.89 12.39 -8.13
CA LYS A 13 -18.34 12.29 -8.20
C LYS A 13 -18.83 10.98 -7.58
N LEU A 14 -18.15 9.89 -7.87
CA LEU A 14 -18.49 8.61 -7.25
C LEU A 14 -18.33 8.65 -5.75
N GLN A 15 -17.21 9.21 -5.25
CA GLN A 15 -17.04 9.34 -3.81
C GLN A 15 -18.14 10.20 -3.21
N GLN A 16 -18.47 11.31 -3.85
CA GLN A 16 -19.50 12.19 -3.31
C GLN A 16 -20.87 11.49 -3.31
N PHE A 17 -21.18 10.79 -4.41
CA PHE A 17 -22.48 10.13 -4.51
C PHE A 17 -22.64 9.05 -3.47
N TRP A 18 -21.62 8.20 -3.32
CA TRP A 18 -21.70 7.11 -2.34
C TRP A 18 -21.63 7.62 -0.91
N ALA A 19 -20.98 8.76 -0.67
CA ALA A 19 -21.03 9.36 0.67
C ALA A 19 -22.42 9.91 0.98
N GLU A 20 -23.13 10.43 -0.03
CA GLU A 20 -24.50 10.86 0.15
C GLU A 20 -25.43 9.69 0.49
N GLN A 21 -25.08 8.47 0.04
CA GLN A 21 -25.81 7.27 0.39
C GLN A 21 -25.53 6.79 1.81
N GLY A 22 -24.52 7.34 2.49
CA GLY A 22 -24.18 6.94 3.84
C GLY A 22 -23.00 6.00 3.93
N SER A 23 -22.36 5.69 2.81
CA SER A 23 -21.20 4.81 2.82
C SER A 23 -20.00 5.49 3.49
N LEU A 24 -19.06 4.66 3.93
CA LEU A 24 -17.77 5.11 4.41
C LEU A 24 -16.80 5.17 3.24
N ILE A 25 -16.12 6.30 3.08
CA ILE A 25 -15.11 6.44 2.05
C ILE A 25 -13.78 5.96 2.58
N TRP A 26 -13.19 4.98 1.90
CA TRP A 26 -11.93 4.32 2.23
C TRP A 26 -10.85 4.78 1.25
N GLN A 27 -9.68 4.16 1.33
CA GLN A 27 -8.51 4.55 0.57
C GLN A 27 -7.85 3.32 -0.01
N PRO A 28 -7.17 3.46 -1.15
CA PRO A 28 -6.36 2.36 -1.68
C PRO A 28 -5.42 1.81 -0.63
N TYR A 29 -5.12 0.52 -0.74
CA TYR A 29 -4.29 -0.19 0.23
C TYR A 29 -2.81 -0.02 -0.11
N TYR A 30 -1.94 -0.14 0.89
CA TYR A 30 -0.53 0.13 0.71
C TYR A 30 0.26 -1.09 0.24
N THR A 31 -0.39 -2.06 -0.41
CA THR A 31 0.32 -3.17 -1.03
C THR A 31 -0.24 -3.39 -2.43
N GLN A 32 0.61 -3.87 -3.32
CA GLN A 32 0.18 -4.28 -4.66
C GLN A 32 -0.89 -5.36 -4.59
N VAL A 33 -2.13 -5.00 -4.91
CA VAL A 33 -3.23 -5.95 -4.94
C VAL A 33 -3.73 -6.10 -6.37
N GLY A 34 -4.27 -7.28 -6.67
CA GLY A 34 -4.82 -7.55 -8.00
C GLY A 34 -6.22 -7.07 -8.25
N ALA A 35 -6.93 -6.65 -7.19
CA ALA A 35 -8.30 -6.15 -7.32
C ALA A 35 -8.68 -5.48 -6.00
N GLY A 36 -9.69 -4.61 -6.08
CA GLY A 36 -10.22 -4.00 -4.88
C GLY A 36 -10.70 -5.00 -3.84
N THR A 37 -11.12 -6.18 -4.28
CA THR A 37 -11.61 -7.21 -3.36
C THR A 37 -10.54 -7.64 -2.36
N MET A 38 -9.26 -7.60 -2.77
CA MET A 38 -8.18 -8.01 -1.88
C MET A 38 -7.84 -6.95 -0.84
N ASN A 39 -8.41 -5.76 -0.94
CA ASN A 39 -8.30 -4.78 0.13
C ASN A 39 -9.00 -5.30 1.38
N PRO A 40 -8.38 -5.17 2.55
CA PRO A 40 -9.07 -5.56 3.81
C PRO A 40 -10.48 -4.96 3.95
N ALA A 41 -10.70 -3.75 3.44
CA ALA A 41 -12.02 -3.13 3.47
C ALA A 41 -13.08 -3.98 2.78
N THR A 42 -12.68 -4.92 1.94
CA THR A 42 -13.63 -5.87 1.35
C THR A 42 -13.43 -7.27 1.89
N PHE A 43 -12.21 -7.83 1.76
CA PHE A 43 -12.01 -9.24 2.03
C PHE A 43 -12.30 -9.60 3.48
N LEU A 44 -11.92 -8.74 4.42
CA LEU A 44 -12.22 -9.03 5.82
C LEU A 44 -13.60 -8.51 6.24
N ARG A 45 -14.01 -7.35 5.76
CA ARG A 45 -15.26 -6.77 6.26
C ARG A 45 -16.50 -7.48 5.76
N VAL A 46 -16.39 -8.33 4.73
CA VAL A 46 -17.58 -9.07 4.30
C VAL A 46 -17.79 -10.30 5.17
N LEU A 47 -16.74 -10.81 5.79
CA LEU A 47 -16.87 -11.87 6.78
C LEU A 47 -17.63 -11.39 8.00
N GLY A 48 -18.21 -12.34 8.73
CA GLY A 48 -18.92 -12.06 9.95
C GLY A 48 -20.26 -11.38 9.72
N PRO A 49 -21.02 -11.17 10.79
CA PRO A 49 -22.35 -10.58 10.68
C PRO A 49 -22.40 -9.07 10.73
N GLU A 50 -21.27 -8.38 10.87
CA GLU A 50 -21.39 -6.95 11.13
C GLU A 50 -21.65 -6.20 9.82
N PRO A 51 -22.45 -5.12 9.87
CA PRO A 51 -22.74 -4.35 8.66
C PRO A 51 -21.54 -3.52 8.21
N TRP A 52 -21.56 -3.14 6.95
CA TRP A 52 -20.40 -2.47 6.34
C TRP A 52 -20.81 -1.90 4.99
N ASN A 53 -20.80 -0.58 4.88
CA ASN A 53 -20.96 0.11 3.61
C ASN A 53 -19.72 0.94 3.33
N VAL A 54 -18.91 0.50 2.36
CA VAL A 54 -17.66 1.18 2.01
C VAL A 54 -17.60 1.48 0.52
N ALA A 55 -16.86 2.54 0.17
CA ALA A 55 -16.54 2.88 -1.20
C ALA A 55 -15.12 3.43 -1.24
N TYR A 56 -14.33 2.99 -2.22
CA TYR A 56 -12.95 3.46 -2.30
C TYR A 56 -12.38 3.14 -3.67
N VAL A 57 -11.44 3.97 -4.10
CA VAL A 57 -10.64 3.70 -5.29
C VAL A 57 -9.64 2.60 -4.99
N GLU A 58 -9.30 1.81 -6.00
CA GLU A 58 -8.21 0.85 -5.83
C GLU A 58 -7.45 0.65 -7.12
N PRO A 59 -6.20 1.07 -7.21
CA PRO A 59 -5.41 0.74 -8.40
C PRO A 59 -5.01 -0.72 -8.41
N SER A 60 -5.65 -1.52 -9.24
CA SER A 60 -5.39 -2.94 -9.26
C SER A 60 -4.20 -3.26 -10.17
N ILE A 61 -3.31 -4.14 -9.69
CA ILE A 61 -2.08 -4.49 -10.37
C ILE A 61 -2.16 -5.92 -10.87
N ARG A 62 -2.08 -6.09 -12.19
CA ARG A 62 -2.12 -7.41 -12.82
C ARG A 62 -0.94 -7.48 -13.78
N PRO A 63 0.19 -8.02 -13.32
CA PRO A 63 1.40 -8.02 -14.17
C PRO A 63 1.21 -8.74 -15.49
N ASP A 64 0.35 -9.77 -15.54
CA ASP A 64 0.12 -10.51 -16.77
C ASP A 64 -0.49 -9.63 -17.85
N ASP A 65 -1.24 -8.60 -17.48
CA ASP A 65 -1.98 -7.78 -18.43
C ASP A 65 -1.15 -6.65 -19.04
N GLY A 66 0.14 -6.56 -18.70
CA GLY A 66 0.95 -5.47 -19.22
C GLY A 66 1.22 -5.63 -20.71
N ARG A 67 1.05 -4.53 -21.44
CA ARG A 67 1.33 -4.50 -22.89
C ARG A 67 2.25 -3.34 -23.25
N TYR A 68 3.06 -2.87 -22.30
CA TYR A 68 4.05 -1.81 -22.52
C TYR A 68 3.39 -0.49 -22.92
N GLY A 69 2.11 -0.31 -22.60
CA GLY A 69 1.40 0.91 -22.93
C GLY A 69 0.99 1.06 -24.37
N GLU A 70 1.07 -0.01 -25.17
CA GLU A 70 0.70 0.03 -26.58
C GLU A 70 -0.77 -0.31 -26.81
N ASN A 71 -1.29 -1.30 -26.09
CA ASN A 71 -2.69 -1.67 -26.24
C ASN A 71 -3.57 -0.59 -25.63
N PRO A 72 -4.56 -0.07 -26.36
CA PRO A 72 -5.41 1.00 -25.82
C PRO A 72 -6.12 0.66 -24.52
N ASN A 73 -6.36 -0.61 -24.23
CA ASN A 73 -7.12 -1.01 -23.06
C ASN A 73 -6.31 -1.82 -22.05
N ARG A 74 -5.35 -2.61 -22.50
CA ARG A 74 -4.61 -3.51 -21.63
C ARG A 74 -3.55 -2.75 -20.85
N LEU A 75 -3.67 -2.76 -19.53
CA LEU A 75 -2.75 -2.09 -18.62
C LEU A 75 -2.41 -3.01 -17.47
N GLN A 76 -1.13 -2.97 -17.04
CA GLN A 76 -0.77 -3.72 -15.85
C GLN A 76 -1.37 -3.10 -14.60
N GLN A 77 -1.66 -1.79 -14.63
CA GLN A 77 -2.37 -1.10 -13.58
C GLN A 77 -3.62 -0.43 -14.15
N HIS A 78 -4.78 -0.72 -13.57
CA HIS A 78 -6.00 0.00 -13.90
C HIS A 78 -6.75 0.34 -12.61
N TYR A 79 -7.39 1.51 -12.60
CA TYR A 79 -8.05 2.03 -11.42
C TYR A 79 -9.49 1.52 -11.38
N GLN A 80 -9.81 0.74 -10.34
CA GLN A 80 -11.18 0.35 -10.08
C GLN A 80 -11.78 1.26 -9.04
N PHE A 81 -13.12 1.33 -9.02
CA PHE A 81 -13.84 1.89 -7.90
C PHE A 81 -14.65 0.78 -7.26
N GLN A 82 -14.36 0.51 -5.98
CA GLN A 82 -14.90 -0.63 -5.25
C GLN A 82 -15.98 -0.15 -4.30
N VAL A 83 -17.18 -0.74 -4.40
CA VAL A 83 -18.26 -0.45 -3.48
C VAL A 83 -18.70 -1.76 -2.85
N ILE A 84 -18.98 -1.72 -1.55
CA ILE A 84 -19.49 -2.87 -0.81
C ILE A 84 -20.72 -2.41 -0.05
N LEU A 85 -21.81 -3.16 -0.16
CA LEU A 85 -23.04 -2.88 0.55
C LEU A 85 -23.41 -4.11 1.37
N LYS A 86 -23.55 -3.93 2.66
CA LYS A 86 -23.76 -5.06 3.55
C LYS A 86 -24.48 -4.56 4.79
N PRO A 87 -25.73 -4.98 5.01
CA PRO A 87 -26.42 -6.00 4.21
C PRO A 87 -27.05 -5.48 2.91
N ASP A 88 -27.84 -6.32 2.27
CA ASP A 88 -28.53 -5.93 1.04
C ASP A 88 -29.48 -4.76 1.33
N PRO A 89 -29.37 -3.65 0.59
CA PRO A 89 -30.25 -2.51 0.85
C PRO A 89 -31.65 -2.65 0.27
N GLY A 90 -31.89 -3.63 -0.59
CA GLY A 90 -33.18 -3.82 -1.21
C GLY A 90 -33.26 -3.32 -2.64
N ASN A 91 -32.45 -2.32 -3.01
CA ASN A 91 -32.42 -1.81 -4.37
C ASN A 91 -31.01 -1.41 -4.84
N PRO A 92 -30.02 -2.29 -4.73
CA PRO A 92 -28.66 -1.89 -5.14
C PRO A 92 -28.53 -1.56 -6.61
N GLN A 93 -29.28 -2.24 -7.48
CA GLN A 93 -29.19 -1.91 -8.91
C GLN A 93 -29.69 -0.50 -9.18
N GLU A 94 -30.77 -0.09 -8.51
CA GLU A 94 -31.30 1.25 -8.73
C GLU A 94 -30.37 2.31 -8.16
N ILE A 95 -29.77 2.06 -6.98
CA ILE A 95 -28.77 2.97 -6.43
C ILE A 95 -27.60 3.10 -7.39
N TYR A 96 -27.09 1.97 -7.90
CA TYR A 96 -26.02 2.00 -8.87
C TYR A 96 -26.41 2.81 -10.11
N LEU A 97 -27.67 2.70 -10.55
CA LEU A 97 -28.08 3.47 -11.73
C LEU A 97 -28.15 4.95 -11.42
N ARG A 98 -28.47 5.31 -10.18
CA ARG A 98 -28.41 6.72 -9.78
C ARG A 98 -26.96 7.21 -9.72
N SER A 99 -26.01 6.33 -9.46
CA SER A 99 -24.60 6.75 -9.49
C SER A 99 -24.15 7.02 -10.93
N LEU A 100 -24.57 6.18 -11.88
CA LEU A 100 -24.28 6.48 -13.28
C LEU A 100 -24.92 7.80 -13.69
N GLU A 101 -26.15 8.07 -13.22
CA GLU A 101 -26.77 9.36 -13.47
C GLU A 101 -25.91 10.50 -12.94
N ALA A 102 -25.34 10.34 -11.74
CA ALA A 102 -24.50 11.39 -11.17
C ALA A 102 -23.21 11.59 -11.99
N LEU A 103 -22.78 10.58 -12.72
CA LEU A 103 -21.65 10.71 -13.64
C LEU A 103 -22.04 11.26 -15.00
N GLY A 104 -23.27 11.74 -15.16
CA GLY A 104 -23.74 12.23 -16.45
C GLY A 104 -24.15 11.16 -17.44
N ILE A 105 -24.49 9.96 -16.98
CA ILE A 105 -24.96 8.88 -17.84
C ILE A 105 -26.43 8.65 -17.53
N ASP A 106 -27.31 8.98 -18.48
CA ASP A 106 -28.74 8.86 -18.27
C ASP A 106 -29.21 7.50 -18.78
N PRO A 107 -29.76 6.63 -17.93
CA PRO A 107 -30.33 5.37 -18.42
C PRO A 107 -31.48 5.56 -19.39
N ARG A 108 -32.12 6.74 -19.39
CA ARG A 108 -33.18 7.01 -20.34
C ARG A 108 -32.65 7.28 -21.74
N GLU A 109 -31.35 7.56 -21.88
CA GLU A 109 -30.72 7.81 -23.17
C GLU A 109 -29.77 6.70 -23.62
N HIS A 110 -29.21 5.94 -22.69
CA HIS A 110 -28.30 4.85 -23.01
C HIS A 110 -28.92 3.52 -22.60
N ASP A 111 -28.45 2.45 -23.23
CA ASP A 111 -28.92 1.11 -22.93
C ASP A 111 -27.97 0.49 -21.91
N ILE A 112 -28.37 0.52 -20.65
CA ILE A 112 -27.64 -0.13 -19.57
C ILE A 112 -28.25 -1.51 -19.34
N ARG A 113 -27.43 -2.55 -19.47
CA ARG A 113 -27.86 -3.93 -19.36
C ARG A 113 -27.09 -4.67 -18.26
N PHE A 114 -27.76 -5.64 -17.63
CA PHE A 114 -27.15 -6.55 -16.65
C PHE A 114 -27.10 -7.94 -17.26
N VAL A 115 -25.90 -8.39 -17.60
CA VAL A 115 -25.68 -9.65 -18.31
C VAL A 115 -24.89 -10.59 -17.42
N GLU A 116 -25.36 -11.83 -17.29
CA GLU A 116 -24.83 -12.79 -16.33
C GLU A 116 -23.31 -12.89 -16.43
N ASP A 117 -22.64 -12.76 -15.28
CA ASP A 117 -21.19 -13.01 -15.19
C ASP A 117 -20.89 -13.30 -13.72
N ASN A 118 -20.68 -14.57 -13.40
CA ASN A 118 -20.46 -14.97 -12.02
C ASN A 118 -19.00 -14.83 -11.65
N TRP A 119 -18.75 -14.73 -10.36
CA TRP A 119 -17.43 -14.45 -9.82
C TRP A 119 -16.95 -15.66 -9.02
N GLU A 120 -15.71 -16.06 -9.25
CA GLU A 120 -15.10 -17.17 -8.52
C GLU A 120 -13.63 -16.85 -8.29
N SER A 121 -13.22 -16.73 -7.03
CA SER A 121 -11.83 -16.44 -6.68
C SER A 121 -11.31 -17.55 -5.76
N PRO A 122 -10.77 -18.62 -6.32
CA PRO A 122 -10.22 -19.69 -5.47
C PRO A 122 -9.05 -19.24 -4.60
N ALA A 123 -8.30 -18.23 -5.04
CA ALA A 123 -7.21 -17.70 -4.23
C ALA A 123 -7.72 -17.17 -2.90
N LEU A 124 -8.92 -16.60 -2.88
CA LEU A 124 -9.56 -16.11 -1.66
C LEU A 124 -10.65 -17.04 -1.15
N GLY A 125 -10.77 -18.24 -1.73
CA GLY A 125 -11.82 -19.17 -1.38
C GLY A 125 -13.21 -18.57 -1.41
N ALA A 126 -13.51 -17.81 -2.47
CA ALA A 126 -14.72 -16.98 -2.54
C ALA A 126 -15.44 -17.18 -3.87
N TRP A 127 -16.75 -16.93 -3.85
CA TRP A 127 -17.55 -16.96 -5.07
C TRP A 127 -18.83 -16.16 -4.84
N GLY A 128 -19.44 -15.75 -5.95
CA GLY A 128 -20.69 -15.01 -5.92
C GLY A 128 -21.36 -15.12 -7.26
N LEU A 129 -22.58 -14.62 -7.31
CA LEU A 129 -23.37 -14.58 -8.54
C LEU A 129 -23.71 -13.14 -8.84
N GLY A 130 -23.71 -12.80 -10.14
CA GLY A 130 -24.08 -11.46 -10.53
C GLY A 130 -23.94 -11.25 -12.03
N TRP A 131 -23.64 -10.01 -12.41
CA TRP A 131 -23.61 -9.63 -13.81
C TRP A 131 -22.41 -8.74 -14.12
N GLU A 132 -22.12 -8.63 -15.40
CA GLU A 132 -21.38 -7.50 -15.94
C GLU A 132 -22.40 -6.48 -16.42
N VAL A 133 -22.06 -5.21 -16.31
CA VAL A 133 -22.95 -4.12 -16.70
C VAL A 133 -22.50 -3.59 -18.05
N TRP A 134 -23.44 -3.46 -18.98
CA TRP A 134 -23.17 -2.95 -20.31
C TRP A 134 -23.65 -1.50 -20.40
N LEU A 135 -22.82 -0.64 -20.97
CA LEU A 135 -23.21 0.71 -21.34
C LEU A 135 -23.17 0.73 -22.87
N ASP A 136 -24.34 0.60 -23.50
CA ASP A 136 -24.43 0.43 -24.94
C ASP A 136 -23.48 -0.67 -25.43
N GLY A 137 -23.44 -1.78 -24.69
CA GLY A 137 -22.55 -2.89 -24.99
C GLY A 137 -21.19 -2.87 -24.32
N LEU A 138 -20.82 -1.79 -23.63
CA LEU A 138 -19.50 -1.66 -23.05
C LEU A 138 -19.51 -2.14 -21.60
N GLU A 139 -18.69 -3.16 -21.31
CA GLU A 139 -18.55 -3.64 -19.94
C GLU A 139 -17.91 -2.55 -19.08
N ILE A 140 -18.67 -2.00 -18.13
CA ILE A 140 -18.18 -0.90 -17.29
C ILE A 140 -18.24 -1.21 -15.80
N THR A 141 -18.82 -2.35 -15.41
CA THR A 141 -18.99 -2.62 -13.99
C THR A 141 -19.19 -4.10 -13.77
N GLN A 142 -18.61 -4.62 -12.70
CA GLN A 142 -18.88 -5.95 -12.20
C GLN A 142 -19.80 -5.83 -10.99
N PHE A 143 -20.87 -6.60 -10.98
CA PHE A 143 -21.93 -6.50 -9.98
C PHE A 143 -22.14 -7.89 -9.42
N THR A 144 -21.77 -8.09 -8.15
CA THR A 144 -21.70 -9.43 -7.59
C THR A 144 -22.35 -9.48 -6.21
N TYR A 145 -23.09 -10.54 -5.94
CA TYR A 145 -23.58 -10.86 -4.61
C TYR A 145 -22.68 -11.94 -4.04
N PHE A 146 -21.87 -11.58 -3.04
CA PHE A 146 -20.93 -12.52 -2.45
C PHE A 146 -21.65 -13.55 -1.61
N GLN A 147 -21.36 -14.83 -1.86
CA GLN A 147 -21.96 -15.92 -1.10
C GLN A 147 -20.98 -16.59 -0.16
N GLN A 148 -19.68 -16.57 -0.47
CA GLN A 148 -18.68 -17.28 0.29
C GLN A 148 -17.37 -16.51 0.19
N ALA A 149 -16.58 -16.52 1.27
CA ALA A 149 -15.30 -15.83 1.27
C ALA A 149 -14.40 -16.45 2.34
N GLY A 150 -13.19 -16.80 1.96
CA GLY A 150 -12.30 -17.47 2.89
C GLY A 150 -12.80 -18.84 3.32
N GLY A 151 -13.62 -19.48 2.49
CA GLY A 151 -14.23 -20.76 2.81
C GLY A 151 -15.45 -20.69 3.70
N MET A 152 -15.87 -19.50 4.11
CA MET A 152 -16.97 -19.35 5.03
C MET A 152 -18.24 -18.94 4.32
N VAL A 153 -19.37 -19.41 4.84
CA VAL A 153 -20.68 -19.05 4.32
C VAL A 153 -21.03 -17.65 4.83
N LEU A 154 -21.24 -16.72 3.90
CA LEU A 154 -21.45 -15.33 4.29
C LEU A 154 -22.89 -15.11 4.73
N GLU A 155 -23.06 -14.35 5.81
CA GLU A 155 -24.36 -13.97 6.32
C GLU A 155 -24.18 -12.77 7.26
N PRO A 156 -24.71 -11.59 6.91
CA PRO A 156 -25.47 -11.30 5.69
C PRO A 156 -24.64 -11.22 4.42
N VAL A 157 -25.30 -11.45 3.28
CA VAL A 157 -24.64 -11.38 1.98
C VAL A 157 -24.23 -9.94 1.70
N SER A 158 -23.10 -9.77 1.01
CA SER A 158 -22.59 -8.47 0.62
C SER A 158 -22.74 -8.28 -0.89
N VAL A 159 -22.92 -7.03 -1.29
CA VAL A 159 -22.99 -6.65 -2.70
C VAL A 159 -21.68 -5.94 -3.04
N GLU A 160 -20.95 -6.45 -4.04
CA GLU A 160 -19.76 -5.80 -4.55
C GLU A 160 -20.07 -5.15 -5.90
N ILE A 161 -19.83 -3.84 -6.00
CA ILE A 161 -19.97 -3.11 -7.24
C ILE A 161 -18.60 -2.54 -7.58
N THR A 162 -18.01 -3.02 -8.68
CA THR A 162 -16.67 -2.65 -9.11
C THR A 162 -16.75 -1.89 -10.43
N TYR A 163 -16.52 -0.58 -10.38
CA TYR A 163 -16.50 0.24 -11.58
C TYR A 163 -15.16 0.13 -12.30
N GLY A 164 -15.21 0.00 -13.62
CA GLY A 164 -14.02 0.09 -14.43
C GLY A 164 -13.82 1.52 -14.89
N LEU A 165 -12.92 2.25 -14.24
CA LEU A 165 -12.88 3.70 -14.41
C LEU A 165 -12.37 4.10 -15.78
N GLU A 166 -11.38 3.38 -16.32
CA GLU A 166 -10.85 3.73 -17.63
C GLU A 166 -11.92 3.60 -18.72
N ARG A 167 -12.74 2.56 -18.63
CA ARG A 167 -13.75 2.33 -19.66
C ARG A 167 -14.89 3.33 -19.57
N ILE A 168 -15.31 3.67 -18.35
CA ILE A 168 -16.31 4.72 -18.16
C ILE A 168 -15.79 6.05 -18.69
N ALA A 169 -14.54 6.40 -18.37
CA ALA A 169 -13.98 7.67 -18.82
C ALA A 169 -13.84 7.71 -20.34
N MET A 170 -13.37 6.62 -20.94
CA MET A 170 -13.29 6.57 -22.39
C MET A 170 -14.67 6.72 -23.04
N ALA A 171 -15.72 6.19 -22.41
CA ALA A 171 -17.06 6.37 -22.97
C ALA A 171 -17.54 7.81 -22.81
N LEU A 172 -17.31 8.42 -21.64
CA LEU A 172 -17.76 9.80 -21.43
C LEU A 172 -17.00 10.79 -22.28
N GLN A 173 -15.73 10.52 -22.55
CA GLN A 173 -14.87 11.46 -23.25
C GLN A 173 -14.76 11.17 -24.73
N ARG A 174 -15.33 10.05 -25.19
CA ARG A 174 -15.30 9.64 -26.59
C ARG A 174 -13.87 9.58 -27.11
N VAL A 175 -12.99 8.98 -26.30
CA VAL A 175 -11.62 8.69 -26.70
C VAL A 175 -11.51 7.18 -26.83
N SER A 176 -10.68 6.73 -27.77
CA SER A 176 -10.54 5.31 -28.06
C SER A 176 -9.31 4.71 -27.40
N ASN A 177 -8.66 5.45 -26.53
CA ASN A 177 -7.33 5.09 -26.10
C ASN A 177 -7.10 5.60 -24.68
N PHE A 178 -6.49 4.77 -23.83
CA PHE A 178 -6.29 5.17 -22.44
C PHE A 178 -5.38 6.38 -22.33
N ARG A 179 -4.39 6.50 -23.20
CA ARG A 179 -3.47 7.64 -23.15
C ARG A 179 -4.17 8.96 -23.40
N ASP A 180 -5.34 8.95 -24.04
CA ASP A 180 -6.07 10.18 -24.36
C ASP A 180 -7.09 10.56 -23.31
N ILE A 181 -7.25 9.75 -22.26
CA ILE A 181 -8.11 10.15 -21.15
C ILE A 181 -7.56 11.42 -20.52
N ARG A 182 -8.45 12.36 -20.23
CA ARG A 182 -8.07 13.59 -19.54
C ARG A 182 -8.14 13.37 -18.04
N TRP A 183 -7.00 13.50 -17.37
CA TRP A 183 -7.01 13.39 -15.91
C TRP A 183 -7.51 14.67 -15.27
N ASN A 184 -6.94 15.81 -15.67
CA ASN A 184 -7.38 17.12 -15.23
C ASN A 184 -7.18 18.07 -16.40
N ALA A 185 -7.34 19.38 -16.18
CA ALA A 185 -7.24 20.31 -17.30
C ALA A 185 -5.85 20.33 -17.93
N GLU A 186 -4.81 19.94 -17.20
CA GLU A 186 -3.44 20.05 -17.69
C GLU A 186 -2.86 18.75 -18.23
N ARG A 187 -3.16 17.62 -17.59
CA ARG A 187 -2.47 16.38 -17.88
C ARG A 187 -3.45 15.32 -18.36
N THR A 188 -2.94 14.37 -19.13
CA THR A 188 -3.70 13.21 -19.55
C THR A 188 -3.24 11.99 -18.77
N TYR A 189 -4.10 10.96 -18.80
CA TYR A 189 -3.77 9.68 -18.22
C TYR A 189 -2.44 9.14 -18.75
N GLY A 190 -2.20 9.27 -20.06
CA GLY A 190 -0.93 8.83 -20.62
C GLY A 190 0.24 9.70 -20.20
N ASP A 191 -0.01 10.99 -19.99
CA ASP A 191 1.07 11.87 -19.53
C ASP A 191 1.68 11.40 -18.21
N VAL A 192 0.88 10.82 -17.33
CA VAL A 192 1.35 10.48 -15.99
C VAL A 192 1.56 8.98 -15.79
N ASN A 193 1.04 8.11 -16.68
CA ASN A 193 1.13 6.67 -16.48
C ASN A 193 1.79 5.90 -17.60
N LEU A 194 2.03 6.50 -18.76
CA LEU A 194 2.53 5.73 -19.90
C LEU A 194 3.92 5.15 -19.61
N GLN A 195 4.84 5.98 -19.09
CA GLN A 195 6.17 5.48 -18.77
C GLN A 195 6.11 4.40 -17.69
N GLY A 196 5.19 4.55 -16.73
CA GLY A 196 5.03 3.50 -15.71
C GLY A 196 4.56 2.20 -16.30
N GLU A 197 3.58 2.25 -17.21
CA GLU A 197 3.12 1.04 -17.88
C GLU A 197 4.24 0.38 -18.65
N ARG A 198 5.04 1.17 -19.37
CA ARG A 198 6.16 0.62 -20.13
C ARG A 198 7.20 0.00 -19.21
N GLU A 199 7.60 0.72 -18.16
CA GLU A 199 8.71 0.22 -17.34
C GLU A 199 8.27 -0.96 -16.49
N HIS A 200 7.07 -0.91 -15.91
CA HIS A 200 6.58 -2.03 -15.13
C HIS A 200 6.41 -3.28 -15.99
N SER A 201 5.91 -3.13 -17.21
CA SER A 201 5.78 -4.29 -18.09
C SER A 201 7.13 -4.89 -18.41
N THR A 202 8.12 -4.04 -18.71
CA THR A 202 9.46 -4.53 -19.00
C THR A 202 10.06 -5.27 -17.82
N TYR A 203 9.84 -4.76 -16.60
CA TYR A 203 10.37 -5.45 -15.43
C TYR A 203 9.65 -6.76 -15.19
N TYR A 204 8.32 -6.77 -15.31
CA TYR A 204 7.54 -7.98 -15.01
C TYR A 204 7.79 -9.09 -16.01
N PHE A 205 8.13 -8.76 -17.26
CA PHE A 205 8.30 -9.78 -18.29
C PHE A 205 9.76 -10.15 -18.51
N GLU A 206 10.68 -9.19 -18.44
CA GLU A 206 12.05 -9.40 -18.90
C GLU A 206 13.11 -9.36 -17.82
N VAL A 207 12.97 -8.54 -16.79
CA VAL A 207 14.08 -8.20 -15.92
C VAL A 207 14.05 -8.95 -14.59
N ALA A 208 12.86 -9.10 -14.00
CA ALA A 208 12.74 -9.59 -12.63
C ALA A 208 13.48 -10.90 -12.43
N ASP A 209 14.42 -10.91 -11.49
CA ASP A 209 15.21 -12.11 -11.24
C ASP A 209 14.37 -13.17 -10.55
N VAL A 210 14.40 -14.39 -11.09
CA VAL A 210 13.50 -15.45 -10.65
C VAL A 210 13.92 -15.99 -9.29
N GLU A 211 15.23 -16.17 -9.08
CA GLU A 211 15.69 -16.69 -7.79
C GLU A 211 15.36 -15.73 -6.65
N ARG A 212 15.57 -14.42 -6.87
CA ARG A 212 15.23 -13.45 -5.84
C ARG A 212 13.73 -13.42 -5.56
N LEU A 213 12.91 -13.61 -6.60
CA LEU A 213 11.46 -13.64 -6.40
C LEU A 213 11.04 -14.84 -5.58
N ARG A 214 11.68 -15.98 -5.81
CA ARG A 214 11.36 -17.17 -5.01
C ARG A 214 11.78 -16.98 -3.57
N GLN A 215 12.94 -16.35 -3.35
CA GLN A 215 13.34 -16.00 -1.99
C GLN A 215 12.33 -15.06 -1.34
N MET A 216 11.90 -14.03 -2.07
CA MET A 216 10.87 -13.13 -1.55
C MET A 216 9.65 -13.89 -1.11
N PHE A 217 9.12 -14.75 -1.99
CA PHE A 217 7.93 -15.52 -1.67
C PHE A 217 8.11 -16.32 -0.39
N ALA A 218 9.25 -16.99 -0.24
CA ALA A 218 9.49 -17.80 0.96
C ALA A 218 9.51 -16.93 2.21
N LEU A 219 10.17 -15.78 2.13
CA LEU A 219 10.21 -14.84 3.25
C LEU A 219 8.82 -14.31 3.59
N PHE A 220 8.06 -13.90 2.58
CA PHE A 220 6.72 -13.34 2.83
C PHE A 220 5.79 -14.38 3.44
N GLU A 221 5.87 -15.62 2.96
CA GLU A 221 5.04 -16.68 3.54
C GLU A 221 5.45 -16.97 4.99
N ALA A 222 6.76 -17.02 5.26
CA ALA A 222 7.22 -17.32 6.61
C ALA A 222 6.80 -16.23 7.59
N GLU A 223 6.83 -14.96 7.16
CA GLU A 223 6.38 -13.89 8.03
C GLU A 223 4.87 -13.89 8.21
N ALA A 224 4.12 -14.28 7.18
CA ALA A 224 2.67 -14.42 7.34
C ALA A 224 2.34 -15.52 8.34
N GLU A 225 3.06 -16.63 8.28
CA GLU A 225 2.85 -17.71 9.25
C GLU A 225 3.20 -17.24 10.66
N ALA A 226 4.29 -16.46 10.79
CA ALA A 226 4.68 -15.95 12.09
C ALA A 226 3.64 -14.98 12.64
N ALA A 227 3.04 -14.17 11.77
CA ALA A 227 2.01 -13.25 12.22
C ALA A 227 0.75 -14.00 12.64
N LEU A 228 0.34 -14.99 11.83
CA LEU A 228 -0.82 -15.81 12.18
C LEU A 228 -0.62 -16.56 13.49
N ALA A 229 0.61 -17.00 13.77
CA ALA A 229 0.89 -17.69 15.03
C ALA A 229 0.58 -16.80 16.23
N ARG A 230 0.74 -15.48 16.10
CA ARG A 230 0.38 -14.52 17.13
C ARG A 230 -1.04 -13.97 16.98
N GLY A 231 -1.81 -14.48 16.03
CA GLY A 231 -3.14 -13.92 15.75
C GLY A 231 -3.14 -12.52 15.22
N LEU A 232 -2.06 -12.08 14.57
CA LEU A 232 -1.99 -10.75 13.95
C LEU A 232 -2.60 -10.82 12.55
N VAL A 233 -3.87 -10.46 12.44
CA VAL A 233 -4.64 -10.65 11.21
C VAL A 233 -4.08 -9.80 10.07
N LEU A 234 -3.92 -8.50 10.30
CA LEU A 234 -3.57 -7.60 9.21
C LEU A 234 -2.11 -7.73 8.75
N PRO A 235 -1.12 -7.88 9.65
CA PRO A 235 0.24 -8.18 9.16
C PRO A 235 0.33 -9.47 8.38
N ALA A 236 -0.48 -10.46 8.74
CA ALA A 236 -0.57 -11.69 7.99
C ALA A 236 -1.18 -11.45 6.62
N HIS A 237 -2.31 -10.72 6.60
CA HIS A 237 -2.96 -10.38 5.35
C HIS A 237 -2.03 -9.62 4.41
N ASP A 238 -1.22 -8.71 4.97
CA ASP A 238 -0.27 -7.96 4.14
C ASP A 238 0.72 -8.88 3.47
N TYR A 239 1.31 -9.81 4.24
CA TYR A 239 2.32 -10.71 3.68
C TYR A 239 1.71 -11.74 2.74
N VAL A 240 0.44 -12.08 2.94
CA VAL A 240 -0.25 -12.94 1.97
C VAL A 240 -0.39 -12.21 0.64
N LEU A 241 -0.81 -10.94 0.67
CA LEU A 241 -0.88 -10.14 -0.54
C LEU A 241 0.47 -10.03 -1.23
N LYS A 242 1.54 -9.81 -0.46
CA LYS A 242 2.87 -9.71 -1.06
C LYS A 242 3.29 -11.02 -1.70
N SER A 243 2.93 -12.16 -1.09
CA SER A 243 3.20 -13.46 -1.71
C SER A 243 2.43 -13.59 -3.03
N SER A 244 1.16 -13.18 -3.05
CA SER A 244 0.38 -13.29 -4.27
C SER A 244 0.96 -12.46 -5.40
N HIS A 245 1.38 -11.22 -5.10
CA HIS A 245 1.99 -10.39 -6.13
C HIS A 245 3.30 -11.00 -6.63
N THR A 246 4.12 -11.50 -5.70
CA THR A 246 5.40 -12.11 -6.10
C THR A 246 5.16 -13.33 -6.96
N PHE A 247 4.17 -14.14 -6.60
CA PHE A 247 3.81 -15.29 -7.42
C PHE A 247 3.36 -14.86 -8.81
N ASN A 248 2.55 -13.80 -8.90
CA ASN A 248 2.11 -13.31 -10.20
C ASN A 248 3.28 -12.84 -11.05
N VAL A 249 4.24 -12.16 -10.44
CA VAL A 249 5.41 -11.72 -11.22
C VAL A 249 6.24 -12.92 -11.65
N LEU A 250 6.28 -13.96 -10.81
CA LEU A 250 6.97 -15.19 -11.20
C LEU A 250 6.28 -15.84 -12.39
N ASP A 251 4.95 -15.87 -12.37
CA ASP A 251 4.20 -16.45 -13.48
C ASP A 251 4.47 -15.68 -14.77
N THR A 252 4.53 -14.34 -14.70
CA THR A 252 4.77 -13.55 -15.90
C THR A 252 6.17 -13.80 -16.46
N ARG A 253 7.15 -14.08 -15.60
CA ARG A 253 8.47 -14.44 -16.10
C ARG A 253 8.52 -15.86 -16.66
N GLY A 254 7.42 -16.60 -16.59
CA GLY A 254 7.36 -17.94 -17.15
C GLY A 254 8.24 -18.94 -16.43
N ALA A 255 8.37 -18.81 -15.11
CA ALA A 255 9.20 -19.69 -14.32
C ALA A 255 8.43 -20.66 -13.43
N VAL A 256 7.13 -20.44 -13.25
CA VAL A 256 6.34 -21.32 -12.40
C VAL A 256 6.08 -22.63 -13.14
N GLY A 257 6.50 -23.74 -12.52
CA GLY A 257 6.31 -25.06 -13.09
C GLY A 257 4.93 -25.63 -12.81
N VAL A 258 4.70 -26.84 -13.30
CA VAL A 258 3.39 -27.47 -13.18
C VAL A 258 3.10 -27.82 -11.73
N THR A 259 4.03 -28.53 -11.09
CA THR A 259 3.84 -28.88 -9.68
C THR A 259 4.04 -27.68 -8.78
N GLU A 260 4.96 -26.78 -9.15
CA GLU A 260 5.19 -25.56 -8.38
C GLU A 260 3.92 -24.72 -8.27
N ARG A 261 3.16 -24.62 -9.36
CA ARG A 261 1.94 -23.82 -9.36
C ARG A 261 0.91 -24.39 -8.39
N GLN A 262 0.76 -25.71 -8.37
CA GLN A 262 -0.25 -26.32 -7.51
C GLN A 262 0.15 -26.22 -6.04
N VAL A 263 1.43 -26.40 -5.74
CA VAL A 263 1.91 -26.32 -4.36
C VAL A 263 1.76 -24.90 -3.83
N LEU A 264 2.27 -23.92 -4.57
CA LEU A 264 2.24 -22.53 -4.12
C LEU A 264 0.82 -22.01 -4.00
N PHE A 265 -0.06 -22.39 -4.93
CA PHE A 265 -1.44 -21.93 -4.86
C PHE A 265 -2.16 -22.55 -3.67
N ALA A 266 -1.85 -23.80 -3.33
CA ALA A 266 -2.44 -24.41 -2.14
C ALA A 266 -2.00 -23.69 -0.88
N ARG A 267 -0.71 -23.32 -0.80
CA ARG A 267 -0.22 -22.59 0.36
C ARG A 267 -0.90 -21.23 0.49
N MET A 268 -1.03 -20.49 -0.62
CA MET A 268 -1.68 -19.18 -0.57
C MET A 268 -3.16 -19.31 -0.21
N ARG A 269 -3.84 -20.33 -0.72
CA ARG A 269 -5.24 -20.51 -0.36
C ARG A 269 -5.39 -20.80 1.13
N ASP A 270 -4.55 -21.69 1.66
CA ASP A 270 -4.66 -22.04 3.07
C ASP A 270 -4.36 -20.84 3.96
N MET A 271 -3.37 -20.03 3.59
CA MET A 271 -3.08 -18.83 4.37
C MET A 271 -4.25 -17.87 4.35
N ALA A 272 -4.79 -17.59 3.17
CA ALA A 272 -5.91 -16.66 3.07
C ALA A 272 -7.11 -17.15 3.87
N ARG A 273 -7.35 -18.46 3.87
CA ARG A 273 -8.44 -19.03 4.68
C ARG A 273 -8.17 -18.84 6.17
N ARG A 274 -6.93 -19.06 6.60
CA ARG A 274 -6.63 -18.88 8.01
C ARG A 274 -6.71 -17.41 8.42
N VAL A 275 -6.32 -16.50 7.52
CA VAL A 275 -6.47 -15.08 7.83
C VAL A 275 -7.93 -14.74 8.04
N ALA A 276 -8.81 -15.22 7.15
CA ALA A 276 -10.23 -14.96 7.27
C ALA A 276 -10.81 -15.55 8.55
N GLU A 277 -10.42 -16.80 8.89
CA GLU A 277 -10.93 -17.40 10.12
C GLU A 277 -10.44 -16.64 11.34
N ALA A 278 -9.18 -16.18 11.32
CA ALA A 278 -8.66 -15.42 12.45
C ALA A 278 -9.39 -14.09 12.60
N TYR A 279 -9.76 -13.46 11.48
CA TYR A 279 -10.50 -12.19 11.56
C TYR A 279 -11.88 -12.39 12.17
N VAL A 280 -12.57 -13.47 11.79
CA VAL A 280 -13.92 -13.71 12.32
C VAL A 280 -13.85 -14.03 13.81
N ALA A 281 -12.86 -14.84 14.22
CA ALA A 281 -12.69 -15.12 15.65
C ALA A 281 -12.38 -13.84 16.42
N GLN A 282 -11.58 -12.96 15.83
CA GLN A 282 -11.27 -11.68 16.47
C GLN A 282 -12.51 -10.83 16.65
N ARG A 283 -13.38 -10.75 15.62
CA ARG A 283 -14.60 -9.98 15.77
C ARG A 283 -15.55 -10.62 16.79
N GLN A 284 -15.59 -11.95 16.83
CA GLN A 284 -16.46 -12.61 17.81
C GLN A 284 -15.98 -12.35 19.24
N ALA A 285 -14.67 -12.38 19.47
CA ALA A 285 -14.14 -12.08 20.79
C ALA A 285 -14.47 -10.66 21.22
N LEU A 286 -14.54 -9.71 20.27
CA LEU A 286 -14.99 -8.35 20.56
C LEU A 286 -16.49 -8.27 20.82
N GLY A 287 -17.22 -9.37 20.60
CA GLY A 287 -18.66 -9.34 20.76
C GLY A 287 -19.44 -8.76 19.59
N PHE A 288 -18.83 -8.69 18.40
CA PHE A 288 -19.42 -8.10 17.19
C PHE A 288 -19.99 -6.71 17.49
N PRO A 289 -19.15 -5.75 17.87
CA PRO A 289 -19.68 -4.48 18.39
C PRO A 289 -20.47 -3.65 17.39
N TRP A 290 -20.29 -3.86 16.09
CA TRP A 290 -21.01 -3.03 15.13
C TRP A 290 -22.45 -3.45 14.90
N LEU A 291 -22.91 -4.53 15.53
CA LEU A 291 -24.31 -4.96 15.40
C LEU A 291 -25.27 -3.97 16.05
N ILE A 310 -67.17 -12.40 -1.72
CA ILE A 310 -67.67 -12.75 -3.04
C ILE A 310 -66.74 -13.73 -3.76
N PRO A 311 -67.14 -14.13 -4.96
CA PRO A 311 -66.37 -15.05 -5.78
C PRO A 311 -67.06 -15.13 -7.14
N GLU A 312 -66.39 -15.78 -8.09
CA GLU A 312 -66.93 -15.94 -9.44
C GLU A 312 -66.06 -16.88 -10.27
N GLN A 313 -66.07 -16.69 -11.59
CA GLN A 313 -65.08 -17.28 -12.48
C GLN A 313 -64.21 -16.13 -13.00
N GLU A 314 -62.92 -16.16 -12.69
CA GLU A 314 -62.10 -14.95 -12.83
C GLU A 314 -60.66 -15.30 -13.21
N THR A 315 -59.92 -14.29 -13.66
CA THR A 315 -58.57 -14.46 -14.20
C THR A 315 -57.51 -14.38 -13.09
N LEU A 316 -56.47 -15.21 -13.23
CA LEU A 316 -55.38 -15.28 -12.27
C LEU A 316 -54.10 -14.72 -12.87
N LEU A 317 -53.40 -13.88 -12.10
CA LEU A 317 -52.13 -13.29 -12.51
C LEU A 317 -51.11 -13.46 -11.38
N ILE A 318 -50.04 -14.18 -11.67
CA ILE A 318 -48.91 -14.33 -10.74
C ILE A 318 -47.66 -13.77 -11.42
N GLU A 319 -47.03 -12.79 -10.79
CA GLU A 319 -45.78 -12.23 -11.28
C GLU A 319 -44.73 -12.30 -10.18
N ILE A 320 -43.63 -12.98 -10.47
CA ILE A 320 -42.46 -13.01 -9.61
C ILE A 320 -41.46 -12.02 -10.19
N GLY A 321 -41.38 -10.83 -9.58
CA GLY A 321 -40.42 -9.83 -10.01
C GLY A 321 -39.02 -10.10 -9.50
N THR A 322 -38.05 -10.20 -10.41
CA THR A 322 -36.68 -10.54 -10.07
C THR A 322 -35.71 -9.55 -10.70
N GLU A 323 -34.48 -9.59 -10.22
CA GLU A 323 -33.38 -8.95 -10.94
C GLU A 323 -32.99 -9.84 -12.11
N GLU A 324 -32.20 -9.28 -13.03
CA GLU A 324 -31.94 -9.89 -14.33
C GLU A 324 -31.51 -11.35 -14.21
N LEU A 325 -32.36 -12.26 -14.70
CA LEU A 325 -32.12 -13.69 -14.68
C LEU A 325 -31.34 -14.12 -15.92
N PRO A 326 -30.43 -15.09 -15.78
CA PRO A 326 -29.75 -15.63 -16.95
C PRO A 326 -30.75 -16.39 -17.84
N PRO A 327 -30.46 -16.49 -19.13
CA PRO A 327 -31.42 -17.20 -20.01
C PRO A 327 -31.66 -18.64 -19.61
N ALA A 328 -30.59 -19.41 -19.34
CA ALA A 328 -30.76 -20.81 -18.93
C ALA A 328 -31.60 -20.92 -17.66
N ASP A 329 -31.47 -19.97 -16.73
CA ASP A 329 -32.28 -19.99 -15.52
C ASP A 329 -33.71 -19.57 -15.80
N LEU A 330 -33.91 -18.57 -16.67
CA LEU A 330 -35.26 -18.17 -17.03
C LEU A 330 -35.99 -19.31 -17.74
N GLU A 331 -35.32 -19.93 -18.71
CA GLU A 331 -35.93 -21.03 -19.46
C GLU A 331 -36.26 -22.21 -18.55
N ALA A 332 -35.36 -22.53 -17.62
CA ALA A 332 -35.63 -23.63 -16.68
C ALA A 332 -36.80 -23.29 -15.76
N ALA A 333 -36.93 -22.02 -15.38
CA ALA A 333 -38.04 -21.62 -14.52
C ALA A 333 -39.36 -21.67 -15.26
N LEU A 334 -39.38 -21.25 -16.53
CA LEU A 334 -40.61 -21.29 -17.31
C LEU A 334 -41.11 -22.72 -17.48
N ALA A 335 -40.20 -23.65 -17.79
CA ALA A 335 -40.61 -25.03 -17.99
C ALA A 335 -41.16 -25.65 -16.71
N GLN A 336 -40.53 -25.39 -15.57
CA GLN A 336 -41.04 -25.95 -14.30
C GLN A 336 -42.39 -25.35 -13.92
N LEU A 337 -42.63 -24.08 -14.27
CA LEU A 337 -43.95 -23.51 -14.01
C LEU A 337 -45.02 -24.13 -14.91
N ARG A 338 -44.66 -24.43 -16.16
CA ARG A 338 -45.63 -25.06 -17.06
C ARG A 338 -45.96 -26.48 -16.63
N GLN A 339 -44.96 -27.22 -16.14
CA GLN A 339 -45.16 -28.59 -15.70
C GLN A 339 -45.90 -28.67 -14.38
N ARG A 340 -45.98 -27.59 -13.61
CA ARG A 340 -46.49 -27.64 -12.25
C ARG A 340 -47.80 -26.89 -12.03
N VAL A 341 -47.97 -25.72 -12.64
CA VAL A 341 -49.17 -24.91 -12.37
C VAL A 341 -50.46 -25.61 -12.78
N PRO A 342 -50.58 -26.19 -13.98
CA PRO A 342 -51.80 -26.94 -14.28
C PRO A 342 -52.06 -28.08 -13.31
N ALA A 343 -51.03 -28.86 -12.99
CA ALA A 343 -51.20 -29.96 -12.03
C ALA A 343 -51.62 -29.44 -10.66
N LEU A 344 -51.03 -28.32 -10.22
CA LEU A 344 -51.34 -27.80 -8.89
C LEU A 344 -52.80 -27.36 -8.80
N LEU A 345 -53.32 -26.74 -9.86
CA LEU A 345 -54.72 -26.34 -9.87
C LEU A 345 -55.65 -27.56 -9.80
N ASP A 346 -55.25 -28.66 -10.44
CA ASP A 346 -56.02 -29.89 -10.35
C ASP A 346 -56.01 -30.43 -8.92
N GLU A 347 -54.84 -30.48 -8.29
CA GLU A 347 -54.75 -30.95 -6.91
C GLU A 347 -55.52 -30.04 -5.95
N LEU A 348 -55.82 -28.81 -6.35
CA LEU A 348 -56.72 -27.95 -5.61
C LEU A 348 -58.17 -28.14 -6.02
N HIS A 349 -58.43 -28.98 -7.02
CA HIS A 349 -59.77 -29.21 -7.56
C HIS A 349 -60.42 -27.90 -8.00
N LEU A 350 -59.60 -27.00 -8.56
CA LEU A 350 -60.09 -25.72 -9.06
C LEU A 350 -60.29 -25.81 -10.57
N PRO A 351 -61.52 -25.71 -11.07
CA PRO A 351 -61.72 -25.61 -12.52
C PRO A 351 -60.98 -24.40 -13.07
N HIS A 352 -60.32 -24.60 -14.20
CA HIS A 352 -59.52 -23.51 -14.76
C HIS A 352 -59.52 -23.57 -16.28
N GLY A 353 -59.18 -22.43 -16.88
CA GLY A 353 -58.96 -22.33 -18.31
C GLY A 353 -57.54 -22.69 -18.69
N ASP A 354 -57.08 -22.12 -19.81
CA ASP A 354 -55.72 -22.38 -20.28
C ASP A 354 -54.70 -21.71 -19.38
N VAL A 355 -53.61 -22.41 -19.11
CA VAL A 355 -52.52 -21.90 -18.28
C VAL A 355 -51.39 -21.44 -19.19
N GLN A 356 -51.11 -20.14 -19.15
CA GLN A 356 -50.03 -19.56 -19.94
C GLN A 356 -48.91 -19.09 -19.02
N VAL A 357 -47.67 -19.35 -19.42
CA VAL A 357 -46.49 -19.00 -18.64
C VAL A 357 -45.60 -18.11 -19.50
N TRP A 358 -45.32 -16.91 -19.01
CA TRP A 358 -44.49 -15.93 -19.69
C TRP A 358 -43.30 -15.54 -18.81
N GLY A 359 -42.32 -14.89 -19.44
CA GLY A 359 -41.13 -14.50 -18.71
C GLY A 359 -40.19 -13.58 -19.44
N THR A 360 -39.68 -12.58 -18.72
CA THR A 360 -38.59 -11.72 -19.16
C THR A 360 -37.43 -11.91 -18.19
N PRO A 361 -36.26 -11.31 -18.44
CA PRO A 361 -35.17 -11.39 -17.45
C PRO A 361 -35.56 -10.88 -16.07
N ARG A 362 -36.59 -10.05 -15.96
CA ARG A 362 -37.04 -9.52 -14.68
C ARG A 362 -38.39 -10.06 -14.23
N ARG A 363 -38.99 -11.00 -14.96
CA ARG A 363 -40.36 -11.42 -14.71
C ARG A 363 -40.54 -12.92 -14.90
N LEU A 364 -41.30 -13.52 -13.99
CA LEU A 364 -41.91 -14.83 -14.17
C LEU A 364 -43.41 -14.64 -14.03
N VAL A 365 -44.16 -14.90 -15.10
CA VAL A 365 -45.57 -14.55 -15.15
C VAL A 365 -46.39 -15.81 -15.38
N VAL A 366 -47.43 -15.98 -14.58
CA VAL A 366 -48.40 -17.06 -14.73
C VAL A 366 -49.76 -16.43 -15.02
N TRP A 367 -50.42 -16.88 -16.09
CA TRP A 367 -51.66 -16.30 -16.56
C TRP A 367 -52.67 -17.41 -16.79
N VAL A 368 -53.77 -17.37 -16.03
CA VAL A 368 -54.85 -18.36 -16.11
C VAL A 368 -56.14 -17.60 -16.39
N GLU A 369 -56.67 -17.75 -17.61
CA GLU A 369 -57.74 -16.86 -18.08
C GLU A 369 -59.04 -17.08 -17.32
N ASP A 370 -59.48 -18.32 -17.19
CA ASP A 370 -60.69 -18.64 -16.44
C ASP A 370 -60.31 -19.51 -15.25
N LEU A 371 -60.72 -19.09 -14.06
CA LEU A 371 -60.39 -19.83 -12.85
C LEU A 371 -61.54 -19.70 -11.86
N ALA A 372 -61.95 -20.82 -11.28
CA ALA A 372 -63.05 -20.82 -10.34
C ALA A 372 -62.67 -20.08 -9.07
N GLY A 373 -63.59 -19.25 -8.59
CA GLY A 373 -63.39 -18.50 -7.37
C GLY A 373 -63.59 -19.26 -6.08
N ARG A 374 -64.04 -20.52 -6.16
CA ARG A 374 -64.26 -21.30 -4.95
C ARG A 374 -64.05 -22.77 -5.27
N GLN A 375 -63.54 -23.50 -4.29
CA GLN A 375 -63.42 -24.94 -4.43
C GLN A 375 -64.78 -25.61 -4.28
N PRO A 376 -65.02 -26.69 -5.02
CA PRO A 376 -66.18 -27.53 -4.71
C PRO A 376 -65.96 -28.32 -3.43
N ASP A 377 -67.04 -28.58 -2.71
CA ASP A 377 -66.94 -29.39 -1.52
C ASP A 377 -66.54 -30.82 -1.90
N ARG A 378 -65.77 -31.46 -1.02
CA ARG A 378 -65.24 -32.78 -1.29
C ARG A 378 -65.37 -33.67 -0.07
N GLU A 379 -65.56 -34.96 -0.32
CA GLU A 379 -65.56 -35.97 0.73
C GLU A 379 -64.24 -36.71 0.67
N LEU A 380 -63.53 -36.74 1.80
CA LEU A 380 -62.18 -37.28 1.86
C LEU A 380 -62.22 -38.65 2.55
N ILE A 381 -61.63 -39.65 1.91
CA ILE A 381 -61.59 -41.01 2.41
C ILE A 381 -60.17 -41.31 2.85
N ILE A 382 -59.98 -41.57 4.13
CA ILE A 382 -58.67 -41.77 4.73
C ILE A 382 -58.50 -43.24 5.05
N LYS A 383 -57.60 -43.91 4.32
CA LYS A 383 -57.31 -45.31 4.56
C LYS A 383 -56.74 -45.53 5.94
N GLY A 384 -57.21 -46.58 6.62
CA GLY A 384 -56.73 -46.94 7.92
C GLY A 384 -56.21 -48.37 7.96
N PRO A 385 -56.24 -49.00 9.13
CA PRO A 385 -55.77 -50.37 9.23
C PRO A 385 -56.64 -51.31 8.40
N PRO A 386 -56.11 -52.46 8.01
CA PRO A 386 -56.93 -53.41 7.25
C PRO A 386 -58.03 -54.00 8.10
N ALA A 387 -59.11 -54.40 7.43
CA ALA A 387 -60.29 -54.91 8.16
C ALA A 387 -59.95 -56.14 9.00
N ASN A 388 -58.99 -56.95 8.57
CA ASN A 388 -58.65 -58.16 9.30
C ASN A 388 -58.16 -57.86 10.71
N ARG A 389 -57.57 -56.67 10.92
CA ARG A 389 -57.12 -56.24 12.23
C ARG A 389 -58.05 -55.21 12.88
N ALA A 390 -58.97 -54.60 12.12
CA ALA A 390 -59.87 -53.59 12.69
C ALA A 390 -61.05 -54.21 13.42
N PHE A 391 -61.54 -55.37 12.99
CA PHE A 391 -62.72 -55.99 13.57
C PHE A 391 -62.40 -57.39 14.10
N ASP A 392 -63.07 -57.75 15.19
CA ASP A 392 -62.89 -59.05 15.82
C ASP A 392 -63.69 -60.11 15.06
N ALA A 393 -63.83 -61.29 15.67
CA ALA A 393 -64.58 -62.37 15.04
C ALA A 393 -66.06 -62.01 14.90
N GLU A 394 -66.61 -61.30 15.88
CA GLU A 394 -68.02 -60.95 15.92
C GLU A 394 -68.35 -59.70 15.11
N GLY A 395 -67.35 -59.07 14.49
CA GLY A 395 -67.56 -57.85 13.72
C GLY A 395 -67.44 -56.57 14.50
N ARG A 396 -67.08 -56.62 15.78
CA ARG A 396 -66.97 -55.38 16.54
C ARG A 396 -65.57 -54.79 16.42
N PRO A 397 -65.47 -53.47 16.42
CA PRO A 397 -64.16 -52.83 16.21
C PRO A 397 -63.18 -53.14 17.34
N THR A 398 -61.92 -53.27 16.94
CA THR A 398 -60.81 -53.53 17.86
C THR A 398 -60.15 -52.23 18.28
N ALA A 399 -59.15 -52.34 19.15
CA ALA A 399 -58.39 -51.16 19.57
C ALA A 399 -57.67 -50.50 18.39
N ALA A 400 -57.28 -51.29 17.38
CA ALA A 400 -56.64 -50.72 16.20
C ALA A 400 -57.56 -49.75 15.47
N ALA A 401 -58.86 -50.08 15.40
CA ALA A 401 -59.82 -49.15 14.81
C ALA A 401 -60.09 -47.98 15.74
N GLU A 402 -60.08 -48.20 17.05
CA GLU A 402 -60.28 -47.10 17.99
C GLU A 402 -59.14 -46.09 17.92
N GLY A 403 -57.90 -46.57 17.87
CA GLY A 403 -56.77 -45.65 17.77
C GLY A 403 -56.79 -44.86 16.48
N PHE A 404 -57.03 -45.55 15.36
CA PHE A 404 -57.19 -44.84 14.09
C PHE A 404 -58.35 -43.87 14.14
N ALA A 405 -59.42 -44.20 14.88
CA ALA A 405 -60.51 -43.25 15.06
C ALA A 405 -60.08 -42.07 15.93
N ARG A 406 -59.30 -42.34 16.99
CA ARG A 406 -58.80 -41.25 17.84
C ARG A 406 -57.76 -40.40 17.11
N SER A 407 -57.00 -40.98 16.18
CA SER A 407 -56.06 -40.21 15.39
C SER A 407 -56.78 -39.13 14.60
N LYS A 408 -57.88 -39.49 13.94
CA LYS A 408 -58.77 -38.51 13.33
C LYS A 408 -59.72 -38.00 14.41
N GLY A 409 -60.74 -37.25 14.03
CA GLY A 409 -61.65 -36.72 15.02
C GLY A 409 -63.03 -37.32 15.00
N VAL A 410 -63.11 -38.63 14.76
CA VAL A 410 -64.39 -39.32 14.58
C VAL A 410 -64.51 -40.44 15.60
N PRO A 411 -65.72 -40.79 16.03
CA PRO A 411 -65.90 -41.99 16.84
C PRO A 411 -65.79 -43.23 15.97
N VAL A 412 -65.41 -44.34 16.62
CA VAL A 412 -65.17 -45.58 15.88
C VAL A 412 -66.43 -46.07 15.19
N GLU A 413 -67.60 -45.76 15.73
CA GLU A 413 -68.86 -46.14 15.08
C GLU A 413 -69.05 -45.47 13.73
N ALA A 414 -68.35 -44.36 13.46
CA ALA A 414 -68.46 -43.68 12.17
C ALA A 414 -67.54 -44.27 11.11
N LEU A 415 -66.62 -45.16 11.49
CA LEU A 415 -65.76 -45.80 10.51
C LEU A 415 -66.57 -46.74 9.61
N THR A 416 -66.19 -46.81 8.34
CA THR A 416 -66.77 -47.74 7.40
C THR A 416 -65.64 -48.56 6.76
N VAL A 417 -66.02 -49.50 5.90
CA VAL A 417 -65.07 -50.35 5.21
C VAL A 417 -65.26 -50.17 3.71
N ALA A 418 -64.14 -50.14 2.98
CA ALA A 418 -64.19 -49.99 1.54
C ALA A 418 -63.12 -50.84 0.88
N GLU A 419 -63.33 -51.09 -0.41
CA GLU A 419 -62.34 -51.79 -1.21
C GLU A 419 -61.55 -50.84 -2.10
N MET A 420 -60.30 -50.55 -1.70
CA MET A 420 -59.43 -49.65 -2.44
C MET A 420 -58.29 -50.41 -3.08
N ASP A 421 -57.06 -50.10 -2.68
CA ASP A 421 -55.94 -50.98 -2.93
C ASP A 421 -56.23 -52.40 -2.45
N GLY A 422 -55.73 -53.35 -3.24
CA GLY A 422 -55.94 -54.79 -3.09
C GLY A 422 -56.19 -55.23 -1.67
N GLY A 423 -57.46 -55.41 -1.34
CA GLY A 423 -57.87 -55.75 0.01
C GLY A 423 -58.93 -54.81 0.55
N ARG A 424 -59.31 -55.06 1.80
CA ARG A 424 -60.30 -54.26 2.48
C ARG A 424 -59.76 -53.53 3.69
N TYR A 425 -59.88 -52.21 3.70
CA TYR A 425 -59.38 -51.39 4.80
C TYR A 425 -60.52 -50.57 5.40
N VAL A 426 -60.43 -50.34 6.71
CA VAL A 426 -61.35 -49.42 7.36
C VAL A 426 -60.95 -47.99 7.01
N VAL A 427 -61.96 -47.13 6.80
CA VAL A 427 -61.71 -45.78 6.32
C VAL A 427 -62.49 -44.78 7.19
N ALA A 428 -62.03 -43.54 7.18
CA ALA A 428 -62.71 -42.45 7.86
C ALA A 428 -63.15 -41.42 6.83
N HIS A 429 -64.27 -40.75 7.12
CA HIS A 429 -64.91 -39.85 6.18
C HIS A 429 -64.83 -38.42 6.70
N VAL A 430 -64.33 -37.50 5.87
CA VAL A 430 -64.22 -36.09 6.22
C VAL A 430 -64.81 -35.27 5.08
N ARG A 431 -65.67 -34.31 5.44
CA ARG A 431 -66.33 -33.45 4.46
C ARG A 431 -65.63 -32.09 4.45
N GLU A 432 -64.55 -32.03 3.68
CA GLU A 432 -63.79 -30.78 3.54
C GLU A 432 -64.62 -29.73 2.82
N THR A 433 -64.65 -28.53 3.39
CA THR A 433 -65.44 -27.44 2.82
C THR A 433 -64.71 -26.81 1.65
N GLY A 434 -65.46 -26.48 0.59
CA GLY A 434 -64.91 -25.77 -0.54
C GLY A 434 -64.51 -24.35 -0.21
N ARG A 435 -63.20 -24.08 -0.23
CA ARG A 435 -62.66 -22.78 0.14
C ARG A 435 -62.44 -21.91 -1.09
N PRO A 436 -62.43 -20.59 -0.92
CA PRO A 436 -62.19 -19.71 -2.08
C PRO A 436 -60.80 -19.89 -2.66
N ALA A 437 -60.67 -19.59 -3.96
CA ALA A 437 -59.40 -19.76 -4.64
C ALA A 437 -58.31 -18.88 -4.04
N VAL A 438 -58.67 -17.68 -3.58
CA VAL A 438 -57.70 -16.79 -2.95
C VAL A 438 -57.13 -17.42 -1.68
N GLU A 439 -57.99 -18.04 -0.89
CA GLU A 439 -57.55 -18.59 0.39
C GLU A 439 -56.62 -19.79 0.21
N VAL A 440 -56.91 -20.64 -0.78
CA VAL A 440 -56.11 -21.86 -0.95
C VAL A 440 -54.84 -21.60 -1.76
N LEU A 441 -54.89 -20.70 -2.73
CA LEU A 441 -53.67 -20.36 -3.48
C LEU A 441 -52.64 -19.67 -2.59
N ALA A 442 -53.08 -18.83 -1.65
CA ALA A 442 -52.15 -18.18 -0.73
C ALA A 442 -51.35 -19.18 0.08
N GLU A 443 -51.89 -20.37 0.33
CA GLU A 443 -51.19 -21.36 1.11
C GLU A 443 -50.13 -22.13 0.32
N VAL A 444 -50.14 -22.04 -1.01
CA VAL A 444 -49.29 -22.91 -1.82
C VAL A 444 -48.28 -22.10 -2.62
N LEU A 445 -48.60 -20.83 -2.92
CA LEU A 445 -47.73 -20.05 -3.78
C LEU A 445 -46.30 -19.92 -3.24
N PRO A 446 -46.05 -19.71 -1.95
CA PRO A 446 -44.65 -19.74 -1.47
C PRO A 446 -43.95 -21.04 -1.79
N GLY A 447 -44.61 -22.18 -1.58
CA GLY A 447 -44.05 -23.47 -1.93
C GLY A 447 -43.85 -23.67 -3.43
N VAL A 448 -44.61 -22.97 -4.27
CA VAL A 448 -44.39 -23.06 -5.71
C VAL A 448 -43.05 -22.44 -6.08
N ILE A 449 -42.78 -21.23 -5.56
CA ILE A 449 -41.52 -20.55 -5.87
C ILE A 449 -40.34 -21.33 -5.32
N ALA A 450 -40.44 -21.83 -4.08
CA ALA A 450 -39.33 -22.53 -3.45
C ALA A 450 -38.97 -23.81 -4.18
N ASP A 451 -39.92 -24.44 -4.88
CA ASP A 451 -39.62 -25.68 -5.58
C ASP A 451 -38.88 -25.45 -6.89
N LEU A 452 -38.77 -24.21 -7.35
CA LEU A 452 -38.02 -23.92 -8.56
C LEU A 452 -36.54 -24.19 -8.34
N ARG A 453 -35.92 -24.90 -9.29
CA ARG A 453 -34.54 -25.35 -9.17
C ARG A 453 -33.70 -24.76 -10.28
N PHE A 454 -32.53 -24.26 -9.90
CA PHE A 454 -31.57 -23.71 -10.85
C PHE A 454 -30.23 -24.39 -10.65
N GLU A 455 -29.38 -24.34 -11.69
CA GLU A 455 -28.05 -24.93 -11.58
C GLU A 455 -27.26 -24.28 -10.45
N ARG A 456 -27.32 -22.96 -10.34
CA ARG A 456 -26.64 -22.21 -9.29
C ARG A 456 -27.64 -21.26 -8.64
N SER A 457 -27.63 -21.20 -7.32
CA SER A 457 -28.58 -20.39 -6.58
C SER A 457 -27.81 -19.47 -5.64
N MET A 458 -28.43 -18.33 -5.30
CA MET A 458 -27.82 -17.37 -4.40
C MET A 458 -28.87 -16.82 -3.45
N ARG A 459 -28.44 -16.46 -2.25
CA ARG A 459 -29.31 -15.77 -1.32
C ARG A 459 -28.81 -14.34 -1.16
N TRP A 460 -29.66 -13.48 -0.59
CA TRP A 460 -29.37 -12.05 -0.59
C TRP A 460 -29.84 -11.30 0.66
N ASN A 461 -30.73 -11.85 1.48
CA ASN A 461 -31.21 -11.13 2.65
C ASN A 461 -31.36 -12.11 3.80
N SER A 462 -31.99 -11.64 4.88
CA SER A 462 -32.07 -12.40 6.13
C SER A 462 -33.08 -13.53 6.10
N SER A 463 -33.98 -13.57 5.12
CA SER A 463 -34.92 -14.70 5.01
C SER A 463 -34.21 -16.01 4.72
N GLY A 464 -32.98 -15.96 4.20
CA GLY A 464 -32.27 -17.17 3.84
C GLY A 464 -32.73 -17.83 2.56
N VAL A 465 -33.75 -17.29 1.90
CA VAL A 465 -34.24 -17.85 0.64
C VAL A 465 -33.14 -17.76 -0.41
N ALA A 466 -32.86 -18.90 -1.06
CA ALA A 466 -31.97 -18.93 -2.21
C ALA A 466 -32.80 -18.94 -3.49
N PHE A 467 -32.29 -18.25 -4.51
CA PHE A 467 -32.96 -18.17 -5.80
C PHE A 467 -31.89 -17.88 -6.84
N SER A 468 -32.29 -17.88 -8.11
CA SER A 468 -31.33 -17.60 -9.18
C SER A 468 -30.78 -16.19 -9.05
N ARG A 469 -31.66 -15.23 -8.87
CA ARG A 469 -31.33 -13.83 -8.62
C ARG A 469 -32.35 -13.31 -7.62
N PRO A 470 -32.03 -12.24 -6.90
CA PRO A 470 -32.95 -11.77 -5.86
C PRO A 470 -34.36 -11.52 -6.38
N ILE A 471 -35.34 -11.89 -5.56
CA ILE A 471 -36.74 -11.58 -5.83
C ILE A 471 -37.05 -10.24 -5.16
N ARG A 472 -37.60 -9.30 -5.93
CA ARG A 472 -37.81 -7.95 -5.44
C ARG A 472 -39.27 -7.55 -5.27
N TRP A 473 -40.19 -8.16 -6.02
CA TRP A 473 -41.59 -7.85 -5.81
C TRP A 473 -42.43 -9.03 -6.27
N LEU A 474 -43.65 -9.10 -5.73
CA LEU A 474 -44.57 -10.21 -5.97
C LEU A 474 -45.94 -9.66 -6.32
N VAL A 475 -46.53 -10.16 -7.41
CA VAL A 475 -47.89 -9.83 -7.79
C VAL A 475 -48.70 -11.12 -7.77
N ALA A 476 -49.86 -11.08 -7.10
CA ALA A 476 -50.78 -12.22 -7.06
C ALA A 476 -52.20 -11.66 -7.10
N LEU A 477 -52.85 -11.77 -8.26
CA LEU A 477 -54.19 -11.24 -8.46
C LEU A 477 -55.13 -12.33 -8.95
N HIS A 478 -56.31 -12.38 -8.36
CA HIS A 478 -57.45 -13.15 -8.88
C HIS A 478 -58.56 -12.11 -9.08
N GLY A 479 -58.66 -11.57 -10.29
CA GLY A 479 -59.48 -10.40 -10.50
C GLY A 479 -59.00 -9.18 -9.75
N GLU A 480 -59.85 -8.60 -8.93
CA GLU A 480 -59.52 -7.40 -8.16
C GLU A 480 -59.02 -7.71 -6.76
N THR A 481 -58.82 -8.98 -6.43
CA THR A 481 -58.47 -9.40 -5.07
C THR A 481 -57.02 -9.87 -5.03
N VAL A 482 -56.27 -9.34 -4.07
CA VAL A 482 -54.87 -9.71 -3.90
C VAL A 482 -54.80 -11.00 -3.10
N ILE A 483 -54.04 -11.97 -3.60
CA ILE A 483 -53.74 -13.21 -2.89
C ILE A 483 -52.64 -12.95 -1.88
N PRO A 484 -52.94 -12.87 -0.59
CA PRO A 484 -51.95 -12.44 0.41
C PRO A 484 -51.03 -13.57 0.85
N PHE A 485 -49.73 -13.39 0.61
CA PHE A 485 -48.72 -14.32 1.11
C PHE A 485 -47.38 -13.60 1.16
N THR A 486 -46.44 -14.21 1.87
CA THR A 486 -45.10 -13.66 2.02
C THR A 486 -44.08 -14.70 1.59
N TYR A 487 -43.01 -14.23 0.93
CA TYR A 487 -41.89 -15.07 0.56
C TYR A 487 -40.68 -14.17 0.36
N ALA A 488 -39.50 -14.70 0.68
CA ALA A 488 -38.24 -13.98 0.52
C ALA A 488 -38.26 -12.60 1.19
N GLY A 489 -38.97 -12.46 2.31
CA GLY A 489 -39.10 -11.16 2.95
C GLY A 489 -40.08 -10.21 2.30
N LEU A 490 -40.73 -10.60 1.21
CA LEU A 490 -41.65 -9.73 0.48
C LEU A 490 -43.10 -10.07 0.84
N THR A 491 -43.99 -9.11 0.58
CA THR A 491 -45.42 -9.27 0.78
C THR A 491 -46.13 -9.06 -0.55
N SER A 492 -46.94 -10.04 -0.95
CA SER A 492 -47.61 -9.99 -2.24
C SER A 492 -48.57 -8.80 -2.31
N GLY A 493 -48.79 -8.32 -3.53
CA GLY A 493 -49.67 -7.19 -3.73
C GLY A 493 -50.03 -7.04 -5.18
N ARG A 494 -50.54 -5.84 -5.51
CA ARG A 494 -51.05 -5.57 -6.85
C ARG A 494 -50.15 -4.61 -7.62
N VAL A 495 -48.97 -4.30 -7.11
CA VAL A 495 -48.06 -3.34 -7.73
C VAL A 495 -46.99 -4.10 -8.52
N THR A 496 -46.85 -3.74 -9.79
CA THR A 496 -45.80 -4.29 -10.64
C THR A 496 -44.85 -3.18 -11.07
N ARG A 497 -43.72 -3.58 -11.65
CA ARG A 497 -42.73 -2.64 -12.17
C ARG A 497 -42.64 -2.76 -13.68
N GLY A 498 -42.45 -1.63 -14.34
CA GLY A 498 -42.19 -1.59 -15.77
C GLY A 498 -40.71 -1.58 -16.06
N LEU A 499 -40.34 -0.93 -17.16
CA LEU A 499 -38.93 -0.66 -17.43
C LEU A 499 -38.38 0.31 -16.38
N ARG A 500 -37.11 0.10 -16.02
CA ARG A 500 -36.51 0.93 -14.97
C ARG A 500 -36.46 2.39 -15.38
N PHE A 501 -36.19 2.67 -16.65
CA PHE A 501 -36.05 4.02 -17.14
C PHE A 501 -37.36 4.64 -17.63
N ALA A 502 -38.48 3.92 -17.50
CA ALA A 502 -39.78 4.43 -17.93
C ALA A 502 -40.56 4.98 -16.75
N GLU A 503 -41.61 5.74 -17.07
CA GLU A 503 -42.44 6.35 -16.05
C GLU A 503 -43.88 5.85 -16.22
N PRO A 504 -44.53 5.39 -15.13
CA PRO A 504 -43.93 5.31 -13.78
C PRO A 504 -43.07 4.07 -13.59
N ALA A 505 -42.27 4.06 -12.52
CA ALA A 505 -41.44 2.90 -12.24
C ALA A 505 -42.28 1.75 -11.70
N THR A 506 -43.27 2.05 -10.86
CA THR A 506 -44.17 1.07 -10.30
C THR A 506 -45.61 1.42 -10.68
N PHE A 507 -46.40 0.40 -10.97
CA PHE A 507 -47.78 0.58 -11.41
C PHE A 507 -48.68 -0.34 -10.61
N ALA A 508 -49.69 0.23 -9.96
CA ALA A 508 -50.68 -0.55 -9.22
C ALA A 508 -51.74 -1.09 -10.17
N LEU A 509 -52.00 -2.39 -10.07
CA LEU A 509 -52.93 -3.08 -10.95
C LEU A 509 -54.28 -3.21 -10.26
N SER A 510 -55.32 -2.60 -10.84
CA SER A 510 -56.66 -2.82 -10.34
C SER A 510 -57.21 -4.18 -10.75
N HIS A 511 -56.80 -4.68 -11.93
CA HIS A 511 -57.28 -5.95 -12.45
C HIS A 511 -56.24 -6.47 -13.44
N PRO A 512 -56.11 -7.80 -13.60
CA PRO A 512 -55.09 -8.34 -14.52
C PRO A 512 -55.18 -7.83 -15.94
N ARG A 513 -56.33 -7.29 -16.35
CA ARG A 513 -56.42 -6.72 -17.69
C ARG A 513 -55.53 -5.50 -17.85
N ASP A 514 -55.26 -4.78 -16.75
CA ASP A 514 -54.40 -3.60 -16.82
C ASP A 514 -52.94 -4.00 -17.05
N TYR A 515 -52.56 -5.20 -16.62
CA TYR A 515 -51.16 -5.63 -16.69
C TYR A 515 -50.65 -5.64 -18.13
N ARG A 516 -51.34 -6.37 -19.02
CA ARG A 516 -50.90 -6.43 -20.41
C ARG A 516 -50.96 -5.07 -21.09
N ILE A 517 -51.89 -4.20 -20.67
CA ILE A 517 -51.97 -2.86 -21.23
C ILE A 517 -50.75 -2.03 -20.81
N PHE A 518 -50.41 -2.09 -19.52
CA PHE A 518 -49.31 -1.28 -18.99
C PHE A 518 -47.98 -1.64 -19.64
N LEU A 519 -47.68 -2.93 -19.75
CA LEU A 519 -46.41 -3.34 -20.35
C LEU A 519 -46.33 -2.98 -21.83
N GLU A 520 -47.46 -3.10 -22.55
CA GLU A 520 -47.43 -2.87 -23.99
C GLU A 520 -47.25 -1.40 -24.35
N ARG A 521 -47.64 -0.48 -23.45
CA ARG A 521 -47.35 0.94 -23.68
C ARG A 521 -45.85 1.20 -23.67
N GLN A 522 -45.10 0.54 -22.79
CA GLN A 522 -43.66 0.70 -22.72
C GLN A 522 -42.92 -0.09 -23.78
N GLY A 523 -43.62 -0.95 -24.52
CA GLY A 523 -42.98 -1.79 -25.51
C GLY A 523 -42.52 -3.13 -25.01
N VAL A 524 -42.89 -3.52 -23.79
CA VAL A 524 -42.44 -4.78 -23.20
C VAL A 524 -43.22 -5.93 -23.79
N VAL A 525 -42.51 -6.92 -24.32
CA VAL A 525 -43.12 -8.14 -24.84
C VAL A 525 -42.82 -9.24 -23.83
N VAL A 526 -43.80 -9.51 -22.96
CA VAL A 526 -43.58 -10.47 -21.88
C VAL A 526 -43.63 -11.92 -22.39
N GLU A 527 -44.37 -12.18 -23.46
CA GLU A 527 -44.44 -13.53 -24.03
C GLU A 527 -43.13 -13.88 -24.71
N PRO A 528 -42.41 -14.91 -24.23
CA PRO A 528 -41.08 -15.20 -24.80
C PRO A 528 -41.10 -15.54 -26.28
N GLU A 529 -42.06 -16.35 -26.72
CA GLU A 529 -42.08 -16.77 -28.12
C GLU A 529 -42.45 -15.62 -29.04
N ILE A 530 -43.30 -14.69 -28.57
CA ILE A 530 -43.58 -13.49 -29.35
C ILE A 530 -42.34 -12.59 -29.40
N ARG A 531 -41.63 -12.46 -28.29
CA ARG A 531 -40.45 -11.60 -28.24
C ARG A 531 -39.38 -12.13 -29.19
N ARG A 532 -39.16 -13.44 -29.21
CA ARG A 532 -38.19 -14.03 -30.12
C ARG A 532 -38.58 -13.78 -31.58
N ALA A 533 -39.88 -13.79 -31.88
CA ALA A 533 -40.34 -13.57 -33.25
C ALA A 533 -40.12 -12.13 -33.67
N ARG A 534 -40.40 -11.18 -32.77
CA ARG A 534 -40.24 -9.78 -33.12
C ARG A 534 -38.78 -9.42 -33.36
N ILE A 535 -37.87 -9.99 -32.56
CA ILE A 535 -36.44 -9.72 -32.74
C ILE A 535 -35.96 -10.22 -34.09
N ALA A 536 -36.31 -11.47 -34.43
CA ALA A 536 -35.93 -12.00 -35.74
C ALA A 536 -36.60 -11.22 -36.87
N GLU A 537 -37.81 -10.71 -36.64
CA GLU A 537 -38.47 -9.90 -37.64
C GLU A 537 -37.70 -8.59 -37.88
N GLN A 538 -37.33 -7.89 -36.81
CA GLN A 538 -36.60 -6.63 -36.96
C GLN A 538 -35.21 -6.86 -37.54
N ALA A 539 -34.52 -7.91 -37.09
CA ALA A 539 -33.15 -8.18 -37.55
C ALA A 539 -33.11 -8.50 -39.04
N ARG A 540 -34.02 -9.36 -39.51
CA ARG A 540 -34.02 -9.72 -40.94
C ARG A 540 -34.31 -8.51 -41.82
N THR A 541 -35.20 -7.62 -41.38
CA THR A 541 -35.43 -6.37 -42.09
C THR A 541 -34.15 -5.55 -42.25
N LEU A 542 -33.36 -5.43 -41.18
CA LEU A 542 -32.14 -4.62 -41.23
C LEU A 542 -31.06 -5.28 -42.08
N ILE A 543 -30.98 -6.60 -42.04
CA ILE A 543 -30.03 -7.32 -42.88
C ILE A 543 -30.44 -7.23 -44.35
N ALA A 544 -31.75 -7.28 -44.61
CA ALA A 544 -32.21 -7.16 -45.99
C ALA A 544 -32.00 -5.78 -46.57
N ASP A 545 -32.19 -4.74 -45.75
CA ASP A 545 -32.06 -3.37 -46.23
C ASP A 545 -30.62 -3.00 -46.61
N VAL A 546 -29.63 -3.72 -46.10
CA VAL A 546 -28.23 -3.48 -46.43
C VAL A 546 -27.69 -4.45 -47.47
N GLY A 547 -28.52 -5.35 -47.98
CA GLY A 547 -28.13 -6.28 -49.01
C GLY A 547 -27.65 -7.63 -48.52
N GLY A 548 -27.93 -8.00 -47.27
CA GLY A 548 -27.49 -9.26 -46.75
C GLY A 548 -28.58 -10.32 -46.78
N ASP A 549 -28.16 -11.57 -46.57
CA ASP A 549 -29.05 -12.71 -46.53
C ASP A 549 -29.79 -12.75 -45.18
N PRO A 550 -31.11 -12.54 -45.15
CA PRO A 550 -31.83 -12.62 -43.88
C PRO A 550 -32.06 -14.04 -43.37
N GLU A 551 -31.78 -15.07 -44.16
CA GLU A 551 -31.87 -16.43 -43.65
C GLU A 551 -30.69 -16.80 -42.77
N HIS A 552 -29.55 -16.12 -42.94
CA HIS A 552 -28.33 -16.39 -42.17
C HIS A 552 -28.43 -15.64 -40.84
N LEU A 553 -29.17 -16.24 -39.91
CA LEU A 553 -29.39 -15.69 -38.58
C LEU A 553 -29.14 -16.79 -37.56
N ASP A 554 -28.06 -16.67 -36.80
CA ASP A 554 -27.70 -17.70 -35.84
C ASP A 554 -28.80 -17.89 -34.79
N GLU A 555 -29.19 -19.15 -34.57
CA GLU A 555 -30.24 -19.45 -33.60
C GLU A 555 -29.75 -19.34 -32.16
N ALA A 556 -28.47 -19.62 -31.90
CA ALA A 556 -27.94 -19.47 -30.54
C ALA A 556 -27.99 -18.01 -30.08
N VAL A 557 -27.56 -17.08 -30.94
CA VAL A 557 -27.59 -15.66 -30.57
C VAL A 557 -29.03 -15.20 -30.37
N LEU A 558 -29.93 -15.64 -31.25
CA LEU A 558 -31.33 -15.22 -31.15
C LEU A 558 -31.97 -15.70 -29.84
N ASN A 559 -31.63 -16.92 -29.40
CA ASN A 559 -32.22 -17.44 -28.17
C ASN A 559 -31.70 -16.69 -26.95
N GLU A 560 -30.40 -16.38 -26.93
CA GLU A 560 -29.84 -15.65 -25.78
C GLU A 560 -30.30 -14.20 -25.78
N VAL A 561 -30.22 -13.53 -26.92
CA VAL A 561 -30.62 -12.12 -26.97
C VAL A 561 -32.11 -11.95 -26.70
N THR A 562 -32.93 -12.98 -26.93
CA THR A 562 -34.34 -12.92 -26.54
C THR A 562 -34.48 -12.79 -25.03
N HIS A 563 -33.56 -13.38 -24.28
CA HIS A 563 -33.59 -13.33 -22.83
C HIS A 563 -32.60 -12.33 -22.25
N LEU A 564 -32.16 -11.36 -23.05
CA LEU A 564 -31.39 -10.23 -22.55
C LEU A 564 -32.16 -8.93 -22.61
N VAL A 565 -33.38 -8.95 -23.12
CA VAL A 565 -34.17 -7.74 -23.32
C VAL A 565 -35.59 -7.98 -22.81
N GLU A 566 -36.28 -6.88 -22.52
CA GLU A 566 -37.72 -6.91 -22.24
C GLU A 566 -38.53 -6.21 -23.31
N ALA A 567 -38.02 -5.10 -23.85
CA ALA A 567 -38.66 -4.32 -24.90
C ALA A 567 -37.68 -4.25 -26.06
N PRO A 568 -37.66 -5.27 -26.92
CA PRO A 568 -36.62 -5.35 -27.95
C PRO A 568 -36.79 -4.29 -29.02
N THR A 569 -35.65 -3.84 -29.56
CA THR A 569 -35.62 -2.91 -30.69
C THR A 569 -34.27 -3.12 -31.37
N ALA A 570 -34.27 -3.89 -32.46
CA ALA A 570 -33.02 -4.18 -33.15
C ALA A 570 -32.47 -2.91 -33.81
N LEU A 571 -31.14 -2.87 -33.94
CA LEU A 571 -30.47 -1.77 -34.59
C LEU A 571 -29.33 -2.32 -35.43
N ARG A 572 -28.93 -1.56 -36.44
CA ARG A 572 -27.83 -1.94 -37.31
C ARG A 572 -26.71 -0.92 -37.15
N GLY A 573 -25.49 -1.41 -36.98
CA GLY A 573 -24.32 -0.56 -36.88
C GLY A 573 -23.26 -1.02 -37.86
N ARG A 574 -22.25 -0.16 -38.01
CA ARG A 574 -21.15 -0.40 -38.94
C ARG A 574 -19.83 -0.44 -38.17
N PHE A 575 -18.91 -1.23 -38.67
CA PHE A 575 -17.51 -1.17 -38.24
C PHE A 575 -16.64 -0.93 -39.46
N GLU A 576 -15.43 -0.42 -39.21
CA GLU A 576 -14.52 -0.03 -40.28
C GLU A 576 -14.22 -1.22 -41.20
N ASP A 577 -14.11 -0.94 -42.51
CA ASP A 577 -13.88 -1.99 -43.48
C ASP A 577 -12.54 -2.67 -43.27
N GLU A 578 -11.56 -1.93 -42.73
CA GLU A 578 -10.21 -2.49 -42.57
C GLU A 578 -10.22 -3.71 -41.65
N TYR A 579 -11.13 -3.76 -40.68
CA TYR A 579 -11.18 -4.90 -39.78
C TYR A 579 -11.58 -6.19 -40.49
N LEU A 580 -12.09 -6.12 -41.73
CA LEU A 580 -12.39 -7.35 -42.45
C LEU A 580 -11.13 -8.09 -42.88
N ARG A 581 -9.97 -7.43 -42.84
CA ARG A 581 -8.70 -8.10 -43.11
C ARG A 581 -8.36 -9.15 -42.04
N LEU A 582 -9.02 -9.12 -40.89
CA LEU A 582 -8.83 -10.13 -39.86
C LEU A 582 -9.54 -11.43 -40.26
N PRO A 583 -9.13 -12.56 -39.68
CA PRO A 583 -9.84 -13.82 -39.93
C PRO A 583 -11.31 -13.72 -39.55
N GLU A 584 -12.18 -14.33 -40.37
CA GLU A 584 -13.62 -14.24 -40.11
C GLU A 584 -13.98 -14.89 -38.78
N GLU A 585 -13.28 -15.97 -38.41
CA GLU A 585 -13.57 -16.63 -37.14
C GLU A 585 -13.32 -15.70 -35.95
N VAL A 586 -12.39 -14.75 -36.09
CA VAL A 586 -12.13 -13.82 -35.00
C VAL A 586 -13.26 -12.81 -34.87
N LEU A 587 -13.63 -12.17 -35.98
CA LEU A 587 -14.71 -11.20 -35.96
C LEU A 587 -16.04 -11.83 -35.57
N VAL A 588 -16.29 -13.04 -36.07
CA VAL A 588 -17.53 -13.74 -35.75
C VAL A 588 -17.58 -14.11 -34.28
N SER A 589 -16.45 -14.54 -33.70
CA SER A 589 -16.43 -14.92 -32.29
C SER A 589 -16.64 -13.71 -31.38
N VAL A 590 -16.09 -12.56 -31.76
CA VAL A 590 -16.26 -11.35 -30.96
C VAL A 590 -17.71 -10.92 -30.94
N MET A 591 -18.35 -10.89 -32.11
CA MET A 591 -19.72 -10.40 -32.20
C MET A 591 -20.72 -11.35 -31.52
N LYS A 592 -20.54 -12.65 -31.69
CA LYS A 592 -21.50 -13.62 -31.18
C LYS A 592 -21.28 -13.98 -29.71
N LYS A 593 -20.03 -14.26 -29.31
CA LYS A 593 -19.77 -14.72 -27.95
C LYS A 593 -19.62 -13.58 -26.94
N HIS A 594 -18.99 -12.47 -27.34
CA HIS A 594 -18.81 -11.34 -26.43
C HIS A 594 -20.00 -10.39 -26.43
N GLN A 595 -20.37 -9.86 -27.60
CA GLN A 595 -21.36 -8.80 -27.67
C GLN A 595 -22.77 -9.30 -27.92
N ARG A 596 -22.95 -10.58 -28.30
CA ARG A 596 -24.26 -11.12 -28.67
C ARG A 596 -24.86 -10.32 -29.84
N TYR A 597 -24.04 -10.05 -30.85
CA TYR A 597 -24.45 -9.37 -32.06
C TYR A 597 -24.68 -10.37 -33.18
N PHE A 598 -25.64 -10.06 -34.05
CA PHE A 598 -25.79 -10.81 -35.28
C PHE A 598 -24.80 -10.29 -36.32
N PRO A 599 -23.90 -11.12 -36.82
CA PRO A 599 -23.11 -10.73 -38.01
C PRO A 599 -24.00 -10.71 -39.25
N VAL A 600 -23.56 -9.94 -40.25
CA VAL A 600 -24.31 -9.76 -41.49
C VAL A 600 -23.54 -10.42 -42.62
N TYR A 601 -24.17 -11.39 -43.27
CA TYR A 601 -23.57 -12.10 -44.40
C TYR A 601 -24.27 -11.77 -45.70
N THR A 602 -23.54 -11.87 -46.81
CA THR A 602 -24.18 -11.67 -48.13
C THR A 602 -24.77 -12.99 -48.62
N ARG A 603 -25.33 -13.01 -49.83
CA ARG A 603 -25.82 -14.27 -50.40
C ARG A 603 -24.68 -15.24 -50.56
N GLU A 604 -23.51 -14.75 -50.98
CA GLU A 604 -22.30 -15.58 -51.10
C GLU A 604 -21.88 -16.13 -49.75
N GLY A 605 -22.09 -15.36 -48.68
CA GLY A 605 -21.63 -15.78 -47.34
C GLY A 605 -20.32 -15.12 -46.97
N GLN A 606 -19.87 -14.16 -47.78
CA GLN A 606 -18.85 -13.19 -47.34
C GLN A 606 -19.38 -12.33 -46.21
N LEU A 607 -18.55 -12.10 -45.18
CA LEU A 607 -18.98 -11.28 -44.02
C LEU A 607 -19.17 -9.83 -44.47
N LEU A 608 -20.24 -9.19 -44.00
CA LEU A 608 -20.49 -7.78 -44.37
C LEU A 608 -20.06 -6.84 -43.23
N PRO A 609 -19.60 -5.58 -43.46
CA PRO A 609 -19.13 -4.73 -42.37
C PRO A 609 -20.27 -4.13 -41.56
N TYR A 610 -21.19 -4.97 -41.09
CA TYR A 610 -22.32 -4.52 -40.30
C TYR A 610 -22.54 -5.51 -39.16
N PHE A 611 -23.25 -5.05 -38.13
CA PHE A 611 -23.67 -5.92 -37.05
C PHE A 611 -25.06 -5.50 -36.62
N ILE A 612 -25.86 -6.46 -36.17
CA ILE A 612 -27.19 -6.20 -35.67
C ILE A 612 -27.16 -6.33 -34.15
N ALA A 613 -27.65 -5.32 -33.46
CA ALA A 613 -27.73 -5.31 -32.02
C ALA A 613 -29.17 -5.07 -31.60
N VAL A 614 -29.53 -5.53 -30.41
CA VAL A 614 -30.89 -5.40 -29.90
C VAL A 614 -30.85 -4.53 -28.65
N ARG A 615 -31.55 -3.40 -28.70
CA ARG A 615 -31.64 -2.49 -27.57
C ARG A 615 -32.78 -2.89 -26.66
N ASN A 616 -32.53 -2.81 -25.34
CA ASN A 616 -33.61 -2.93 -24.36
C ASN A 616 -34.26 -1.56 -24.17
N GLY A 617 -35.00 -1.15 -25.19
CA GLY A 617 -35.64 0.16 -25.18
C GLY A 617 -36.39 0.38 -26.47
N GLY A 618 -36.79 1.64 -26.69
CA GLY A 618 -37.61 1.98 -27.83
C GLY A 618 -36.80 2.47 -29.03
N LYS A 619 -37.52 2.97 -30.03
CA LYS A 619 -36.91 3.51 -31.24
C LYS A 619 -36.50 4.98 -31.09
N GLU A 620 -36.95 5.67 -30.04
CA GLU A 620 -36.53 7.04 -29.80
C GLU A 620 -35.14 7.08 -29.16
N GLY A 621 -34.27 7.93 -29.69
CA GLY A 621 -32.90 7.98 -29.22
C GLY A 621 -32.08 6.75 -29.55
N LEU A 622 -32.52 5.97 -30.54
CA LEU A 622 -31.78 4.76 -30.92
C LEU A 622 -30.40 5.11 -31.48
N ASP A 623 -30.24 6.31 -32.04
CA ASP A 623 -28.95 6.69 -32.63
C ASP A 623 -27.85 6.77 -31.58
N VAL A 624 -28.19 7.25 -30.38
CA VAL A 624 -27.22 7.30 -29.29
C VAL A 624 -26.76 5.89 -28.91
N VAL A 625 -27.70 4.94 -28.81
CA VAL A 625 -27.33 3.57 -28.46
C VAL A 625 -26.55 2.92 -29.61
N THR A 626 -26.93 3.21 -30.87
CA THR A 626 -26.20 2.66 -32.00
C THR A 626 -24.76 3.17 -32.05
N ASP A 627 -24.55 4.45 -31.71
CA ASP A 627 -23.20 5.00 -31.69
C ASP A 627 -22.35 4.33 -30.61
N GLY A 628 -22.93 4.12 -29.42
CA GLY A 628 -22.19 3.46 -28.36
C GLY A 628 -21.79 2.03 -28.72
N ASN A 629 -22.70 1.28 -29.32
CA ASN A 629 -22.37 -0.08 -29.72
C ASN A 629 -21.30 -0.09 -30.81
N GLU A 630 -21.30 0.91 -31.70
CA GLU A 630 -20.28 0.95 -32.74
C GLU A 630 -18.91 1.23 -32.14
N GLN A 631 -18.84 2.12 -31.14
CA GLN A 631 -17.57 2.35 -30.47
C GLN A 631 -17.10 1.12 -29.72
N VAL A 632 -18.03 0.33 -29.16
CA VAL A 632 -17.62 -0.88 -28.43
C VAL A 632 -17.00 -1.89 -29.38
N ILE A 633 -17.68 -2.17 -30.50
CA ILE A 633 -17.18 -3.19 -31.41
C ILE A 633 -15.88 -2.74 -32.06
N ARG A 634 -15.72 -1.43 -32.28
CA ARG A 634 -14.42 -0.91 -32.74
C ARG A 634 -13.31 -1.25 -31.76
N ALA A 635 -13.55 -1.07 -30.46
CA ALA A 635 -12.53 -1.39 -29.46
C ALA A 635 -12.22 -2.88 -29.41
N ARG A 636 -13.26 -3.72 -29.48
CA ARG A 636 -13.06 -5.17 -29.44
C ARG A 636 -12.29 -5.67 -30.66
N PHE A 637 -12.60 -5.16 -31.84
CA PHE A 637 -11.83 -5.56 -33.03
C PHE A 637 -10.41 -5.02 -32.95
N ALA A 638 -10.22 -3.82 -32.39
CA ALA A 638 -8.88 -3.31 -32.23
C ALA A 638 -8.08 -4.16 -31.24
N ASP A 639 -8.72 -4.61 -30.15
CA ASP A 639 -8.04 -5.51 -29.22
C ASP A 639 -7.56 -6.76 -29.93
N ALA A 640 -8.45 -7.39 -30.72
CA ALA A 640 -8.06 -8.57 -31.48
C ALA A 640 -6.92 -8.25 -32.44
N ALA A 641 -6.95 -7.07 -33.06
CA ALA A 641 -5.88 -6.69 -33.97
C ALA A 641 -4.52 -6.60 -33.25
N TYR A 642 -4.48 -5.91 -32.10
CA TYR A 642 -3.22 -5.81 -31.36
C TYR A 642 -2.75 -7.17 -30.86
N PHE A 643 -3.68 -8.07 -30.50
CA PHE A 643 -3.29 -9.43 -30.15
C PHE A 643 -2.66 -10.13 -31.35
N ILE A 644 -3.30 -10.02 -32.52
CA ILE A 644 -2.74 -10.67 -33.69
C ILE A 644 -1.41 -10.02 -34.07
N ARG A 645 -1.27 -8.71 -33.85
CA ARG A 645 -0.03 -8.03 -34.20
C ARG A 645 1.16 -8.62 -33.43
N GLU A 646 0.98 -8.84 -32.12
CA GLU A 646 2.07 -9.40 -31.31
C GLU A 646 2.35 -10.84 -31.70
N ASP A 647 1.31 -11.63 -31.95
CA ASP A 647 1.52 -13.03 -32.31
C ASP A 647 2.22 -13.17 -33.65
N LEU A 648 2.09 -12.19 -34.54
CA LEU A 648 2.74 -12.25 -35.84
C LEU A 648 4.24 -11.92 -35.79
N LYS A 649 4.75 -11.47 -34.64
CA LYS A 649 6.16 -11.08 -34.58
C LYS A 649 7.11 -12.25 -34.81
N HIS A 650 6.66 -13.47 -34.49
CA HIS A 650 7.51 -14.65 -34.58
C HIS A 650 6.76 -15.79 -35.25
N PRO A 651 7.49 -16.71 -35.90
CA PRO A 651 6.85 -17.91 -36.45
C PRO A 651 6.21 -18.75 -35.35
N LEU A 652 5.21 -19.54 -35.75
CA LEU A 652 4.48 -20.37 -34.80
C LEU A 652 5.41 -21.29 -34.01
N GLU A 653 6.49 -21.78 -34.64
CA GLU A 653 7.44 -22.64 -33.97
C GLU A 653 8.15 -21.95 -32.80
N TYR A 654 8.18 -20.61 -32.80
CA TYR A 654 8.91 -19.87 -31.78
C TYR A 654 8.26 -20.01 -30.41
N TYR A 655 6.95 -20.25 -30.35
CA TYR A 655 6.21 -20.25 -29.10
C TYR A 655 6.24 -21.58 -28.38
N LEU A 656 6.93 -22.59 -28.91
CA LEU A 656 6.95 -23.90 -28.25
C LEU A 656 7.52 -23.86 -26.83
N PRO A 657 8.63 -23.17 -26.54
CA PRO A 657 9.11 -23.14 -25.15
C PRO A 657 8.12 -22.54 -24.16
N ARG A 658 7.24 -21.63 -24.60
CA ARG A 658 6.23 -21.08 -23.71
C ARG A 658 5.25 -22.13 -23.22
N LEU A 659 5.14 -23.26 -23.92
CA LEU A 659 4.19 -24.30 -23.52
C LEU A 659 4.58 -24.98 -22.22
N SER A 660 5.87 -24.99 -21.88
CA SER A 660 6.30 -25.54 -20.60
C SER A 660 5.66 -24.83 -19.41
N THR A 661 5.14 -23.62 -19.61
CA THR A 661 4.44 -22.87 -18.56
C THR A 661 2.97 -23.24 -18.47
N LEU A 662 2.47 -24.06 -19.37
CA LEU A 662 1.04 -24.35 -19.47
C LEU A 662 0.77 -25.78 -19.01
N THR A 663 -0.15 -25.92 -18.06
CA THR A 663 -0.42 -27.21 -17.43
C THR A 663 -1.45 -27.99 -18.25
N PHE A 664 -1.13 -29.25 -18.56
CA PHE A 664 -2.13 -30.16 -19.10
C PHE A 664 -2.80 -30.94 -17.97
N GLN A 665 -2.02 -31.72 -17.23
CA GLN A 665 -2.51 -32.42 -16.06
C GLN A 665 -1.39 -32.46 -15.03
N ALA A 666 -1.77 -32.56 -13.75
CA ALA A 666 -0.79 -32.46 -12.67
C ALA A 666 0.31 -33.50 -12.81
N LYS A 667 -0.04 -34.78 -12.97
CA LYS A 667 0.97 -35.81 -13.04
C LYS A 667 1.55 -36.00 -14.42
N LEU A 668 0.91 -35.47 -15.46
CA LEU A 668 1.34 -35.73 -16.84
C LEU A 668 2.23 -34.64 -17.41
N GLY A 669 2.22 -33.45 -16.83
CA GLY A 669 3.16 -32.41 -17.20
C GLY A 669 2.56 -31.22 -17.94
N SER A 670 3.39 -30.58 -18.76
CA SER A 670 2.98 -29.37 -19.46
C SER A 670 2.38 -29.72 -20.83
N MET A 671 1.95 -28.68 -21.54
CA MET A 671 1.50 -28.86 -22.92
C MET A 671 2.66 -29.12 -23.86
N LEU A 672 3.86 -28.62 -23.52
CA LEU A 672 5.04 -28.98 -24.30
C LEU A 672 5.36 -30.45 -24.14
N ASP A 673 5.18 -31.00 -22.94
CA ASP A 673 5.34 -32.43 -22.75
C ASP A 673 4.30 -33.21 -23.55
N LYS A 674 3.06 -32.73 -23.55
CA LYS A 674 2.04 -33.35 -24.39
C LYS A 674 2.41 -33.24 -25.87
N THR A 675 2.96 -32.10 -26.30
CA THR A 675 3.40 -31.96 -27.68
C THR A 675 4.46 -33.00 -28.01
N HIS A 676 5.42 -33.21 -27.11
CA HIS A 676 6.46 -34.21 -27.34
C HIS A 676 5.88 -35.62 -27.38
N ARG A 677 4.90 -35.90 -26.52
CA ARG A 677 4.26 -37.22 -26.55
C ARG A 677 3.50 -37.43 -27.86
N ILE A 678 2.83 -36.38 -28.36
CA ILE A 678 2.05 -36.51 -29.58
C ILE A 678 2.97 -36.73 -30.78
N GLU A 679 4.14 -36.07 -30.80
CA GLU A 679 5.11 -36.31 -31.86
C GLU A 679 5.52 -37.78 -31.92
N VAL A 680 5.83 -38.37 -30.75
CA VAL A 680 6.23 -39.76 -30.69
C VAL A 680 5.07 -40.67 -31.10
N LEU A 681 3.87 -40.41 -30.57
CA LEU A 681 2.72 -41.24 -30.90
C LEU A 681 2.37 -41.15 -32.38
N VAL A 682 2.54 -39.97 -33.00
CA VAL A 682 2.28 -39.82 -34.42
C VAL A 682 3.22 -40.71 -35.23
N GLU A 683 4.50 -40.76 -34.84
CA GLU A 683 5.46 -41.57 -35.58
C GLU A 683 5.07 -43.05 -35.56
N ARG A 684 4.50 -43.52 -34.43
CA ARG A 684 4.05 -44.91 -34.37
C ARG A 684 2.78 -45.12 -35.18
N LEU A 685 1.92 -44.11 -35.26
CA LEU A 685 0.63 -44.28 -35.92
C LEU A 685 0.76 -44.29 -37.44
N ILE A 686 1.79 -43.65 -37.99
CA ILE A 686 1.93 -43.57 -39.45
C ILE A 686 1.98 -44.94 -40.10
N PRO A 687 2.85 -45.88 -39.68
CA PRO A 687 2.78 -47.22 -40.29
C PRO A 687 1.49 -47.97 -39.99
N MET A 688 0.86 -47.71 -38.83
CA MET A 688 -0.39 -48.39 -38.51
C MET A 688 -1.54 -47.92 -39.39
N VAL A 689 -1.48 -46.68 -39.87
CA VAL A 689 -2.55 -46.14 -40.71
C VAL A 689 -2.21 -46.29 -42.19
N GLY A 690 -0.95 -46.11 -42.55
CA GLY A 690 -0.53 -46.22 -43.93
C GLY A 690 -0.53 -44.90 -44.67
N LEU A 691 0.11 -43.89 -44.09
CA LEU A 691 0.20 -42.58 -44.73
C LEU A 691 1.32 -42.56 -45.76
N GLU A 692 1.06 -41.88 -46.88
CA GLU A 692 2.07 -41.68 -47.89
C GLU A 692 3.17 -40.75 -47.41
N ALA A 693 4.20 -40.61 -48.25
CA ALA A 693 5.33 -39.77 -47.89
C ALA A 693 4.94 -38.32 -47.71
N GLU A 694 4.04 -37.82 -48.55
CA GLU A 694 3.62 -36.42 -48.46
C GLU A 694 2.81 -36.16 -47.20
N ASP A 695 1.85 -37.06 -46.91
CA ASP A 695 1.06 -36.92 -45.68
C ASP A 695 1.91 -37.20 -44.44
N ALA A 696 2.88 -38.11 -44.54
CA ALA A 696 3.80 -38.34 -43.43
C ALA A 696 4.59 -37.11 -43.06
N ALA A 697 4.97 -36.30 -44.04
CA ALA A 697 5.69 -35.07 -43.73
C ALA A 697 4.82 -34.04 -43.03
N ALA A 698 3.57 -33.93 -43.46
CA ALA A 698 2.65 -32.98 -42.84
C ALA A 698 2.29 -33.33 -41.41
N VAL A 699 1.96 -34.60 -41.16
CA VAL A 699 1.60 -35.02 -39.80
C VAL A 699 2.76 -34.84 -38.84
N ARG A 700 3.98 -35.15 -39.27
CA ARG A 700 5.14 -34.92 -38.41
C ARG A 700 5.30 -33.44 -38.07
N ARG A 701 5.13 -32.57 -39.07
CA ARG A 701 5.31 -31.15 -38.83
C ARG A 701 4.15 -30.57 -38.03
N ALA A 702 2.93 -31.00 -38.32
CA ALA A 702 1.78 -30.48 -37.60
C ALA A 702 1.80 -30.87 -36.13
N ALA A 703 2.21 -32.10 -35.81
CA ALA A 703 2.32 -32.49 -34.41
C ALA A 703 3.30 -31.61 -33.66
N HIS A 704 4.38 -31.19 -34.33
CA HIS A 704 5.34 -30.26 -33.75
C HIS A 704 4.67 -28.94 -33.39
N LEU A 705 3.67 -28.50 -34.15
CA LEU A 705 3.02 -27.21 -33.98
C LEU A 705 1.59 -27.32 -33.47
N SER A 706 1.18 -28.52 -33.05
CA SER A 706 -0.24 -28.78 -32.76
C SER A 706 -0.76 -27.87 -31.65
N LYS A 707 0.04 -27.65 -30.60
CA LYS A 707 -0.38 -26.89 -29.44
C LYS A 707 0.28 -25.53 -29.35
N ALA A 708 1.03 -25.13 -30.38
CA ALA A 708 1.81 -23.90 -30.31
C ALA A 708 0.95 -22.66 -30.18
N ASP A 709 -0.26 -22.66 -30.77
CA ASP A 709 -1.11 -21.48 -30.66
C ASP A 709 -1.73 -21.31 -29.28
N LEU A 710 -1.67 -22.33 -28.41
CA LEU A 710 -2.32 -22.21 -27.11
C LEU A 710 -1.69 -21.13 -26.23
N VAL A 711 -0.48 -20.68 -26.54
CA VAL A 711 0.17 -19.60 -25.80
C VAL A 711 0.18 -18.28 -26.56
N THR A 712 -0.43 -18.22 -27.75
CA THR A 712 -0.58 -16.95 -28.44
C THR A 712 -1.61 -16.08 -27.75
N HIS A 713 -1.44 -14.76 -27.87
CA HIS A 713 -2.34 -13.84 -27.20
C HIS A 713 -3.78 -14.01 -27.66
N MET A 714 -3.98 -14.26 -28.96
CA MET A 714 -5.34 -14.39 -29.49
C MET A 714 -6.06 -15.58 -28.88
N VAL A 715 -5.40 -16.72 -28.77
CA VAL A 715 -6.04 -17.92 -28.25
C VAL A 715 -6.26 -17.80 -26.74
N VAL A 716 -5.31 -17.18 -26.03
CA VAL A 716 -5.47 -16.97 -24.59
C VAL A 716 -6.75 -16.19 -24.30
N GLU A 717 -7.06 -15.20 -25.15
CA GLU A 717 -8.27 -14.40 -24.95
C GLU A 717 -9.51 -15.14 -25.43
N MET A 718 -9.44 -15.76 -26.60
CA MET A 718 -10.54 -16.54 -27.16
C MET A 718 -10.07 -18.00 -27.26
N THR A 719 -10.22 -18.75 -26.16
CA THR A 719 -9.81 -20.14 -26.14
C THR A 719 -10.54 -21.00 -27.18
N SER A 720 -11.73 -20.59 -27.61
CA SER A 720 -12.46 -21.35 -28.63
C SER A 720 -11.77 -21.30 -29.99
N LEU A 721 -10.85 -20.36 -30.20
CA LEU A 721 -10.15 -20.23 -31.47
C LEU A 721 -8.90 -21.09 -31.57
N GLN A 722 -8.71 -22.02 -30.64
CA GLN A 722 -7.59 -22.95 -30.76
C GLN A 722 -7.68 -23.75 -32.05
N GLY A 723 -6.54 -23.95 -32.69
CA GLY A 723 -6.51 -24.61 -33.99
C GLY A 723 -6.77 -23.64 -35.13
N VAL A 724 -7.78 -22.79 -34.97
CA VAL A 724 -8.08 -21.77 -35.96
C VAL A 724 -6.90 -20.83 -36.13
N MET A 725 -6.38 -20.29 -35.03
CA MET A 725 -5.22 -19.40 -35.11
C MET A 725 -3.95 -20.17 -35.47
N GLY A 726 -3.82 -21.41 -34.99
CA GLY A 726 -2.70 -22.24 -35.41
C GLY A 726 -2.65 -22.40 -36.92
N ARG A 727 -3.80 -22.60 -37.56
CA ARG A 727 -3.86 -22.63 -39.02
C ARG A 727 -3.38 -21.31 -39.60
N TYR A 728 -3.94 -20.19 -39.13
CA TYR A 728 -3.60 -18.88 -39.68
C TYR A 728 -2.13 -18.57 -39.51
N TYR A 729 -1.60 -18.69 -38.29
CA TYR A 729 -0.22 -18.32 -38.02
C TYR A 729 0.76 -19.22 -38.77
N ALA A 730 0.40 -20.49 -38.96
CA ALA A 730 1.27 -21.40 -39.71
C ALA A 730 1.32 -21.02 -41.18
N LEU A 731 0.18 -20.61 -41.74
CA LEU A 731 0.18 -20.15 -43.14
C LEU A 731 1.05 -18.90 -43.31
N GLN A 732 0.88 -17.92 -42.42
CA GLN A 732 1.69 -16.70 -42.51
C GLN A 732 3.16 -16.94 -42.19
N SER A 733 3.48 -18.00 -41.45
CA SER A 733 4.87 -18.36 -41.20
C SER A 733 5.49 -19.13 -42.36
N GLY A 734 4.71 -19.48 -43.37
CA GLY A 734 5.22 -20.19 -44.52
C GLY A 734 5.14 -21.69 -44.45
N GLU A 735 4.51 -22.25 -43.43
CA GLU A 735 4.31 -23.69 -43.36
C GLU A 735 3.40 -24.14 -44.52
N PRO A 736 3.61 -25.36 -45.02
CA PRO A 736 2.72 -25.87 -46.07
C PRO A 736 1.27 -25.92 -45.63
N ARG A 737 0.36 -25.79 -46.60
CA ARG A 737 -1.06 -25.73 -46.28
C ARG A 737 -1.55 -27.04 -45.65
N ALA A 738 -0.98 -28.16 -46.06
CA ALA A 738 -1.38 -29.44 -45.46
C ALA A 738 -1.00 -29.50 -43.99
N VAL A 739 0.09 -28.83 -43.60
CA VAL A 739 0.45 -28.72 -42.19
C VAL A 739 -0.55 -27.82 -41.47
N ALA A 740 -0.85 -26.65 -42.05
CA ALA A 740 -1.74 -25.71 -41.38
C ALA A 740 -3.13 -26.27 -41.20
N GLU A 741 -3.65 -26.98 -42.21
CA GLU A 741 -5.01 -27.52 -42.12
C GLU A 741 -5.09 -28.66 -41.12
N ALA A 742 -4.06 -29.51 -41.06
CA ALA A 742 -4.02 -30.57 -40.05
C ALA A 742 -4.05 -30.02 -38.63
N ILE A 743 -3.40 -28.88 -38.39
CA ILE A 743 -3.46 -28.26 -37.06
C ILE A 743 -4.91 -27.96 -36.69
N PHE A 744 -5.67 -27.40 -37.64
CA PHE A 744 -7.07 -27.09 -37.37
C PHE A 744 -7.92 -28.35 -37.28
N GLU A 745 -7.67 -29.31 -38.17
CA GLU A 745 -8.50 -30.51 -38.24
C GLU A 745 -8.28 -31.45 -37.06
N ALA A 746 -7.21 -31.25 -36.28
CA ALA A 746 -6.96 -32.12 -35.13
C ALA A 746 -8.11 -32.08 -34.13
N TYR A 747 -8.73 -30.91 -33.94
CA TYR A 747 -9.82 -30.78 -32.98
C TYR A 747 -11.17 -31.26 -33.52
N LEU A 748 -11.26 -31.58 -34.83
CA LEU A 748 -12.53 -31.98 -35.43
C LEU A 748 -12.86 -33.43 -35.06
N PRO A 749 -14.10 -33.71 -34.66
CA PRO A 749 -15.19 -32.72 -34.53
C PRO A 749 -15.20 -31.99 -33.19
N ARG A 750 -15.48 -30.69 -33.20
CA ARG A 750 -15.51 -29.89 -31.98
C ARG A 750 -16.81 -30.02 -31.21
N PHE A 751 -17.89 -30.41 -31.88
CA PHE A 751 -19.19 -30.57 -31.25
C PHE A 751 -20.05 -31.47 -32.14
N ALA A 752 -21.19 -31.89 -31.61
CA ALA A 752 -22.11 -32.72 -32.39
C ALA A 752 -22.62 -31.95 -33.61
N GLY A 753 -22.50 -32.55 -34.78
CA GLY A 753 -22.87 -31.90 -36.02
C GLY A 753 -21.76 -31.12 -36.70
N ASP A 754 -20.58 -31.05 -36.10
CA ASP A 754 -19.44 -30.34 -36.69
C ASP A 754 -18.92 -31.11 -37.90
N ARG A 755 -17.97 -30.48 -38.59
CA ARG A 755 -17.27 -31.14 -39.68
C ARG A 755 -16.44 -32.31 -39.16
N TYR A 756 -16.00 -33.15 -40.10
CA TYR A 756 -15.03 -34.20 -39.85
C TYR A 756 -13.71 -33.84 -40.51
N PRO A 757 -12.60 -34.39 -40.03
CA PRO A 757 -11.33 -34.18 -40.73
C PRO A 757 -11.35 -34.81 -42.11
N GLU A 758 -10.79 -34.10 -43.09
CA GLU A 758 -10.77 -34.56 -44.47
C GLU A 758 -9.37 -34.78 -45.03
N THR A 759 -8.34 -34.31 -44.36
CA THR A 759 -7.00 -34.68 -44.79
C THR A 759 -6.44 -35.78 -43.90
N PRO A 760 -5.63 -36.70 -44.46
CA PRO A 760 -5.08 -37.77 -43.62
C PRO A 760 -4.22 -37.28 -42.48
N ALA A 761 -3.48 -36.18 -42.67
CA ALA A 761 -2.67 -35.64 -41.59
C ALA A 761 -3.52 -35.14 -40.44
N GLY A 762 -4.62 -34.44 -40.76
CA GLY A 762 -5.53 -33.99 -39.70
C GLY A 762 -6.17 -35.14 -38.95
N LEU A 763 -6.48 -36.23 -39.65
CA LEU A 763 -7.09 -37.38 -39.00
C LEU A 763 -6.10 -38.03 -38.02
N VAL A 764 -4.87 -38.29 -38.49
CA VAL A 764 -3.88 -38.95 -37.65
C VAL A 764 -3.51 -38.07 -36.46
N LEU A 765 -3.43 -36.75 -36.68
CA LEU A 765 -3.03 -35.84 -35.61
C LEU A 765 -4.05 -35.85 -34.47
N GLY A 766 -5.33 -35.62 -34.80
CA GLY A 766 -6.36 -35.71 -33.78
C GLY A 766 -6.56 -37.11 -33.24
N LEU A 767 -6.18 -38.12 -34.03
CA LEU A 767 -6.20 -39.50 -33.56
C LEU A 767 -5.17 -39.71 -32.44
N ALA A 768 -3.98 -39.14 -32.61
CA ALA A 768 -2.95 -39.20 -31.58
C ALA A 768 -3.25 -38.31 -30.40
N ASP A 769 -3.89 -37.16 -30.65
CA ASP A 769 -4.22 -36.24 -29.56
C ASP A 769 -5.21 -36.87 -28.60
N ARG A 770 -6.23 -37.54 -29.12
CA ARG A 770 -7.27 -38.13 -28.28
C ARG A 770 -6.79 -39.40 -27.60
N LEU A 771 -5.92 -40.17 -28.27
CA LEU A 771 -5.42 -41.40 -27.65
C LEU A 771 -4.53 -41.09 -26.45
N ASP A 772 -3.63 -40.11 -26.60
CA ASP A 772 -2.78 -39.71 -25.48
C ASP A 772 -3.61 -39.18 -24.31
N THR A 773 -4.64 -38.38 -24.61
CA THR A 773 -5.48 -37.83 -23.55
C THR A 773 -6.24 -38.93 -22.81
N LEU A 774 -6.85 -39.84 -23.57
CA LEU A 774 -7.60 -40.94 -22.94
C LEU A 774 -6.67 -41.86 -22.15
N MET A 775 -5.57 -42.29 -22.77
CA MET A 775 -4.65 -43.20 -22.07
C MET A 775 -3.97 -42.51 -20.89
N GLY A 776 -3.69 -41.20 -21.00
CA GLY A 776 -3.03 -40.51 -19.90
C GLY A 776 -3.91 -40.36 -18.67
N LEU A 777 -5.18 -39.99 -18.87
CA LEU A 777 -6.07 -39.79 -17.73
C LEU A 777 -6.43 -41.11 -17.06
N PHE A 778 -6.68 -42.16 -17.84
CA PHE A 778 -7.01 -43.46 -17.25
C PHE A 778 -5.81 -44.07 -16.54
N ALA A 779 -4.59 -43.78 -17.00
CA ALA A 779 -3.41 -44.34 -16.36
C ALA A 779 -3.23 -43.79 -14.94
N VAL A 780 -3.71 -42.57 -14.69
CA VAL A 780 -3.64 -41.96 -13.36
C VAL A 780 -4.95 -42.07 -12.61
N GLY A 781 -5.95 -42.75 -13.17
CA GLY A 781 -7.20 -42.98 -12.46
C GLY A 781 -8.09 -41.77 -12.34
N LEU A 782 -8.20 -40.97 -13.40
CA LEU A 782 -9.07 -39.80 -13.36
C LEU A 782 -10.14 -39.90 -14.43
N ALA A 783 -10.76 -41.08 -14.55
CA ALA A 783 -11.85 -41.28 -15.49
C ALA A 783 -13.02 -40.37 -15.13
N PRO A 784 -13.85 -39.99 -16.11
CA PRO A 784 -14.95 -39.07 -15.80
C PRO A 784 -15.95 -39.69 -14.83
N THR A 785 -16.50 -38.84 -13.96
CA THR A 785 -17.47 -39.26 -12.98
C THR A 785 -18.64 -38.32 -12.88
N GLY A 786 -19.84 -38.82 -13.16
CA GLY A 786 -21.02 -37.97 -13.12
C GLY A 786 -20.93 -36.86 -14.14
N THR A 787 -21.12 -35.63 -13.68
CA THR A 787 -21.06 -34.45 -14.54
C THR A 787 -19.68 -33.80 -14.55
N LYS A 788 -18.69 -34.40 -13.89
CA LYS A 788 -17.34 -33.85 -13.82
C LYS A 788 -16.49 -34.49 -14.91
N ASP A 789 -16.32 -33.77 -16.02
CA ASP A 789 -15.48 -34.22 -17.14
C ASP A 789 -14.66 -33.04 -17.62
N PRO A 790 -13.68 -32.60 -16.84
CA PRO A 790 -12.89 -31.42 -17.23
C PRO A 790 -12.06 -31.63 -18.47
N PHE A 791 -11.60 -32.86 -18.73
CA PHE A 791 -10.79 -33.16 -19.91
C PHE A 791 -11.62 -33.61 -21.10
N ALA A 792 -12.95 -33.63 -21.00
CA ALA A 792 -13.83 -34.00 -22.09
C ALA A 792 -13.47 -35.38 -22.65
N LEU A 793 -13.22 -36.33 -21.75
CA LEU A 793 -12.88 -37.68 -22.18
C LEU A 793 -14.04 -38.36 -22.90
N ARG A 794 -15.28 -38.02 -22.55
CA ARG A 794 -16.42 -38.57 -23.27
C ARG A 794 -16.43 -38.11 -24.73
N ARG A 795 -16.18 -36.82 -24.96
CA ARG A 795 -16.09 -36.32 -26.33
C ARG A 795 -14.87 -36.88 -27.06
N ALA A 796 -13.76 -37.06 -26.34
CA ALA A 796 -12.55 -37.57 -26.97
C ALA A 796 -12.75 -39.00 -27.44
N ALA A 797 -13.41 -39.83 -26.64
CA ALA A 797 -13.71 -41.19 -27.07
C ALA A 797 -14.75 -41.20 -28.19
N LEU A 798 -15.74 -40.30 -28.13
CA LEU A 798 -16.80 -40.30 -29.14
C LEU A 798 -16.27 -39.83 -30.49
N GLY A 799 -15.57 -38.70 -30.52
CA GLY A 799 -14.89 -38.27 -31.73
C GLY A 799 -13.84 -39.25 -32.23
N LEU A 800 -13.27 -40.07 -31.34
CA LEU A 800 -12.34 -41.10 -31.77
C LEU A 800 -13.02 -42.14 -32.66
N VAL A 801 -14.21 -42.61 -32.24
CA VAL A 801 -14.88 -43.64 -33.02
C VAL A 801 -15.65 -43.02 -34.18
N GLN A 802 -16.09 -41.77 -34.05
CA GLN A 802 -16.81 -41.13 -35.15
C GLN A 802 -15.89 -40.86 -36.33
N ASN A 803 -14.66 -40.41 -36.06
CA ASN A 803 -13.73 -40.12 -37.15
C ASN A 803 -13.31 -41.38 -37.88
N LEU A 804 -13.05 -42.46 -37.13
CA LEU A 804 -12.68 -43.72 -37.76
C LEU A 804 -13.83 -44.30 -38.60
N ILE A 805 -15.06 -44.19 -38.11
CA ILE A 805 -16.20 -44.67 -38.89
C ILE A 805 -16.39 -43.80 -40.13
N HIS A 806 -16.15 -42.48 -40.01
CA HIS A 806 -16.32 -41.59 -41.14
C HIS A 806 -15.32 -41.91 -42.25
N TRP A 807 -14.08 -42.22 -41.89
CA TRP A 807 -13.06 -42.65 -42.83
C TRP A 807 -13.14 -44.14 -43.16
N ASN A 808 -13.94 -44.90 -42.41
CA ASN A 808 -13.96 -46.36 -42.52
C ASN A 808 -12.55 -46.94 -42.45
N LEU A 809 -11.73 -46.35 -41.59
CA LEU A 809 -10.35 -46.76 -41.42
C LEU A 809 -10.29 -47.87 -40.37
N ASP A 810 -9.88 -49.06 -40.80
CA ASP A 810 -9.71 -50.16 -39.87
C ASP A 810 -8.53 -49.86 -38.93
N PHE A 811 -8.77 -50.02 -37.63
CA PHE A 811 -7.83 -49.59 -36.61
C PHE A 811 -8.07 -50.43 -35.36
N ASP A 812 -6.99 -50.93 -34.76
CA ASP A 812 -7.05 -51.68 -33.51
C ASP A 812 -6.80 -50.71 -32.36
N LEU A 813 -7.85 -50.42 -31.59
CA LEU A 813 -7.71 -49.48 -30.49
C LEU A 813 -6.71 -49.97 -29.44
N ARG A 814 -6.56 -51.29 -29.28
CA ARG A 814 -5.55 -51.82 -28.37
C ARG A 814 -4.15 -51.37 -28.77
N GLN A 815 -3.84 -51.45 -30.07
CA GLN A 815 -2.53 -51.01 -30.53
C GLN A 815 -2.38 -49.50 -30.39
N GLY A 816 -3.47 -48.75 -30.61
CA GLY A 816 -3.42 -47.31 -30.42
C GLY A 816 -3.18 -46.93 -28.98
N LEU A 817 -3.87 -47.57 -28.05
CA LEU A 817 -3.70 -47.28 -26.63
C LEU A 817 -2.35 -47.79 -26.13
N GLU A 818 -1.90 -48.95 -26.59
CA GLU A 818 -0.59 -49.46 -26.18
C GLU A 818 0.52 -48.51 -26.61
N ALA A 819 0.40 -47.92 -27.80
CA ALA A 819 1.42 -46.98 -28.26
C ALA A 819 1.40 -45.70 -27.43
N ALA A 820 0.20 -45.24 -27.06
CA ALA A 820 0.11 -44.05 -26.21
C ALA A 820 0.63 -44.33 -24.81
N ALA A 821 0.32 -45.51 -24.25
CA ALA A 821 0.78 -45.84 -22.90
C ALA A 821 2.30 -45.93 -22.86
N GLN A 822 2.91 -46.46 -23.91
CA GLN A 822 4.36 -46.61 -23.95
C GLN A 822 5.08 -45.27 -23.91
N GLY A 823 4.40 -44.18 -24.25
CA GLY A 823 4.97 -42.86 -24.20
C GLY A 823 4.56 -42.01 -23.01
N LEU A 824 3.74 -42.54 -22.11
CA LEU A 824 3.29 -41.76 -20.97
C LEU A 824 4.42 -41.60 -19.94
N PRO A 825 4.39 -40.53 -19.15
CA PRO A 825 5.39 -40.35 -18.08
C PRO A 825 5.01 -41.00 -16.75
N VAL A 826 3.87 -41.67 -16.67
CA VAL A 826 3.40 -42.32 -15.45
C VAL A 826 3.27 -43.81 -15.74
N PRO A 827 3.24 -44.65 -14.71
CA PRO A 827 3.01 -46.09 -14.94
C PRO A 827 1.63 -46.37 -15.47
N VAL A 828 1.54 -47.32 -16.39
CA VAL A 828 0.27 -47.75 -16.98
C VAL A 828 0.12 -49.24 -16.75
N SER A 829 -0.96 -49.63 -16.10
CA SER A 829 -1.23 -51.01 -15.78
C SER A 829 -2.04 -51.66 -16.90
N PRO A 830 -1.94 -52.99 -17.05
CA PRO A 830 -2.82 -53.68 -17.99
C PRO A 830 -4.29 -53.43 -17.73
N GLU A 831 -4.68 -53.31 -16.46
CA GLU A 831 -6.08 -53.01 -16.16
C GLU A 831 -6.47 -51.62 -16.67
N ALA A 832 -5.55 -50.66 -16.58
CA ALA A 832 -5.84 -49.32 -17.09
C ALA A 832 -5.98 -49.32 -18.60
N LYS A 833 -5.09 -50.04 -19.30
CA LYS A 833 -5.24 -50.18 -20.76
C LYS A 833 -6.56 -50.85 -21.10
N MET A 834 -6.93 -51.89 -20.35
CA MET A 834 -8.20 -52.57 -20.59
C MET A 834 -9.37 -51.67 -20.24
N GLU A 835 -9.23 -50.85 -19.20
CA GLU A 835 -10.31 -49.95 -18.82
C GLU A 835 -10.53 -48.85 -19.86
N SER A 836 -9.45 -48.32 -20.41
CA SER A 836 -9.58 -47.32 -21.49
C SER A 836 -10.34 -47.90 -22.69
N LEU A 837 -10.00 -49.13 -23.08
CA LEU A 837 -10.65 -49.74 -24.24
C LEU A 837 -12.16 -49.89 -24.01
N GLU A 838 -12.55 -50.42 -22.84
CA GLU A 838 -13.97 -50.63 -22.58
C GLU A 838 -14.73 -49.31 -22.54
N PHE A 839 -14.07 -48.24 -22.08
CA PHE A 839 -14.70 -46.92 -22.07
C PHE A 839 -14.95 -46.42 -23.48
N ILE A 840 -13.97 -46.57 -24.37
CA ILE A 840 -14.16 -46.19 -25.77
C ILE A 840 -15.20 -47.09 -26.42
N VAL A 841 -15.08 -48.40 -26.22
CA VAL A 841 -16.08 -49.33 -26.73
C VAL A 841 -17.45 -48.98 -26.18
N GLY A 842 -17.50 -48.58 -24.91
CA GLY A 842 -18.75 -48.14 -24.31
C GLY A 842 -19.38 -46.98 -25.06
N ARG A 843 -18.59 -45.96 -25.38
CA ARG A 843 -19.11 -44.84 -26.16
C ARG A 843 -19.42 -45.24 -27.60
N LEU A 844 -18.83 -46.33 -28.09
CA LEU A 844 -19.10 -46.77 -29.46
C LEU A 844 -20.53 -47.26 -29.61
N GLN A 845 -21.06 -47.97 -28.60
CA GLN A 845 -22.39 -48.53 -28.74
C GLN A 845 -23.47 -47.44 -28.67
N ASN A 846 -23.24 -46.38 -27.89
CA ASN A 846 -24.21 -45.28 -27.85
C ASN A 846 -24.31 -44.61 -29.22
N GLU A 847 -23.18 -44.47 -29.92
CA GLU A 847 -23.22 -43.95 -31.28
C GLU A 847 -24.03 -44.88 -32.18
N LEU A 848 -23.85 -46.20 -32.03
CA LEU A 848 -24.61 -47.14 -32.85
C LEU A 848 -26.07 -47.22 -32.40
N LEU A 849 -26.31 -47.13 -31.09
CA LEU A 849 -27.68 -47.13 -30.59
C LEU A 849 -28.43 -45.86 -31.03
N GLU A 850 -27.74 -44.72 -31.04
CA GLU A 850 -28.36 -43.48 -31.50
C GLU A 850 -28.76 -43.54 -32.96
N GLN A 851 -28.10 -44.37 -33.76
CA GLN A 851 -28.46 -44.54 -35.17
C GLN A 851 -29.59 -45.53 -35.39
N GLY A 852 -30.11 -46.16 -34.33
CA GLY A 852 -31.28 -46.99 -34.43
C GLY A 852 -31.04 -48.49 -34.46
N TYR A 853 -29.79 -48.94 -34.51
CA TYR A 853 -29.51 -50.36 -34.58
C TYR A 853 -29.97 -51.07 -33.31
N ARG A 854 -30.42 -52.32 -33.49
CA ARG A 854 -30.91 -53.10 -32.36
C ARG A 854 -29.79 -53.35 -31.36
N TYR A 855 -30.14 -53.32 -30.06
CA TYR A 855 -29.13 -53.42 -29.01
C TYR A 855 -28.46 -54.79 -29.00
N ASP A 856 -29.23 -55.85 -29.26
CA ASP A 856 -28.67 -57.20 -29.26
C ASP A 856 -27.78 -57.43 -30.48
N VAL A 857 -28.10 -56.82 -31.62
CA VAL A 857 -27.23 -56.90 -32.79
C VAL A 857 -25.90 -56.19 -32.50
N VAL A 858 -25.96 -55.00 -31.90
CA VAL A 858 -24.74 -54.26 -31.61
C VAL A 858 -23.86 -55.03 -30.62
N ALA A 859 -24.48 -55.65 -29.61
CA ALA A 859 -23.70 -56.35 -28.60
C ALA A 859 -22.99 -57.58 -29.18
N ALA A 860 -23.68 -58.30 -30.08
CA ALA A 860 -23.07 -59.48 -30.70
C ALA A 860 -21.84 -59.12 -31.51
N VAL A 861 -21.83 -57.96 -32.18
CA VAL A 861 -20.68 -57.53 -32.96
C VAL A 861 -19.61 -56.88 -32.08
N LEU A 862 -20.01 -56.15 -31.03
CA LEU A 862 -19.02 -55.52 -30.14
C LEU A 862 -18.17 -56.55 -29.42
N ALA A 863 -18.76 -57.67 -29.02
CA ALA A 863 -18.02 -58.68 -28.27
C ALA A 863 -16.86 -59.26 -29.06
N ALA A 864 -16.92 -59.23 -30.40
CA ALA A 864 -15.86 -59.78 -31.24
C ALA A 864 -15.07 -58.72 -32.00
N GLN A 865 -15.68 -57.57 -32.31
CA GLN A 865 -15.04 -56.55 -33.13
C GLN A 865 -15.03 -55.17 -32.47
N GLY A 866 -15.22 -55.11 -31.15
CA GLY A 866 -15.25 -53.82 -30.48
C GLY A 866 -13.95 -53.04 -30.60
N HIS A 867 -12.82 -53.74 -30.64
CA HIS A 867 -11.52 -53.07 -30.77
C HIS A 867 -11.41 -52.26 -32.04
N ASN A 868 -12.20 -52.55 -33.08
CA ASN A 868 -12.16 -51.84 -34.36
C ASN A 868 -13.50 -51.16 -34.59
N PRO A 869 -13.61 -49.85 -34.35
CA PRO A 869 -14.92 -49.20 -34.50
C PRO A 869 -15.42 -49.13 -35.94
N ALA A 870 -14.53 -49.00 -36.92
CA ALA A 870 -14.98 -48.98 -38.31
C ALA A 870 -15.52 -50.34 -38.74
N ALA A 871 -14.79 -51.41 -38.41
CA ALA A 871 -15.28 -52.75 -38.73
C ALA A 871 -16.55 -53.09 -37.96
N THR A 872 -16.66 -52.61 -36.72
CA THR A 872 -17.89 -52.79 -35.95
C THR A 872 -19.08 -52.13 -36.62
N ALA A 873 -18.87 -50.92 -37.17
CA ALA A 873 -19.96 -50.24 -37.87
C ALA A 873 -20.42 -51.03 -39.08
N ARG A 874 -19.49 -51.59 -39.86
CA ARG A 874 -19.88 -52.41 -41.01
C ARG A 874 -20.60 -53.68 -40.56
N GLY A 875 -20.05 -54.36 -39.56
CA GLY A 875 -20.65 -55.61 -39.11
C GLY A 875 -22.06 -55.43 -38.57
N VAL A 876 -22.29 -54.33 -37.85
CA VAL A 876 -23.63 -54.06 -37.32
C VAL A 876 -24.61 -53.76 -38.46
N ARG A 877 -24.16 -53.00 -39.46
CA ARG A 877 -25.02 -52.72 -40.61
C ARG A 877 -25.37 -54.00 -41.36
N GLU A 878 -24.39 -54.86 -41.62
CA GLU A 878 -24.64 -56.10 -42.34
C GLU A 878 -25.49 -57.06 -41.52
N LEU A 879 -25.17 -57.21 -40.23
CA LEU A 879 -25.92 -58.15 -39.40
C LEU A 879 -27.35 -57.68 -39.17
N SER A 880 -27.57 -56.36 -39.18
CA SER A 880 -28.93 -55.84 -39.05
C SER A 880 -29.79 -56.23 -40.24
N ALA A 881 -29.20 -56.24 -41.45
CA ALA A 881 -29.95 -56.66 -42.63
C ALA A 881 -30.17 -58.16 -42.64
N TRP A 882 -29.19 -58.93 -42.15
CA TRP A 882 -29.33 -60.38 -42.09
C TRP A 882 -30.39 -60.83 -41.09
N VAL A 883 -30.71 -60.04 -40.09
CA VAL A 883 -31.86 -60.32 -39.25
C VAL A 883 -33.03 -59.52 -39.80
N SER A 884 -34.24 -59.74 -39.27
CA SER A 884 -35.46 -59.08 -39.73
C SER A 884 -35.81 -59.45 -41.18
N ARG A 885 -34.98 -60.27 -41.82
CA ARG A 885 -35.32 -60.82 -43.12
C ARG A 885 -36.09 -62.12 -42.93
N SER A 886 -36.82 -62.51 -43.97
CA SER A 886 -37.80 -63.60 -43.85
C SER A 886 -37.13 -64.90 -43.40
N ASP A 887 -36.12 -65.35 -44.13
CA ASP A 887 -35.50 -66.65 -43.87
C ASP A 887 -34.51 -66.63 -42.70
N TRP A 888 -34.58 -65.65 -41.78
CA TRP A 888 -33.58 -65.57 -40.72
C TRP A 888 -33.75 -66.72 -39.72
N ASN A 889 -34.99 -67.08 -39.39
CA ASN A 889 -35.24 -68.14 -38.42
C ASN A 889 -34.73 -69.50 -38.90
N THR A 890 -34.40 -69.65 -40.19
CA THR A 890 -33.91 -70.89 -40.75
C THR A 890 -32.39 -70.95 -40.87
N ILE A 891 -31.69 -69.91 -40.44
CA ILE A 891 -30.24 -69.79 -40.59
C ILE A 891 -29.51 -70.06 -39.28
N LEU A 892 -29.91 -69.38 -38.22
CA LEU A 892 -29.22 -69.51 -36.93
C LEU A 892 -29.30 -70.89 -36.30
N PRO A 893 -30.44 -71.60 -36.28
CA PRO A 893 -30.55 -72.79 -35.40
C PRO A 893 -29.47 -73.84 -35.61
N ALA A 894 -28.96 -74.00 -36.83
CA ALA A 894 -27.85 -74.93 -37.04
C ALA A 894 -26.63 -74.50 -36.25
N TYR A 895 -26.37 -73.20 -36.18
CA TYR A 895 -25.26 -72.68 -35.37
C TYR A 895 -25.58 -72.81 -33.88
N ALA A 896 -26.80 -72.44 -33.48
CA ALA A 896 -27.15 -72.47 -32.06
C ALA A 896 -27.11 -73.88 -31.49
N ARG A 897 -27.69 -74.85 -32.20
CA ARG A 897 -27.62 -76.24 -31.77
C ARG A 897 -26.18 -76.72 -31.66
N SER A 898 -25.30 -76.25 -32.54
CA SER A 898 -23.89 -76.58 -32.42
C SER A 898 -23.28 -75.95 -31.18
N VAL A 899 -23.66 -74.71 -30.87
CA VAL A 899 -23.16 -74.05 -29.66
C VAL A 899 -23.65 -74.78 -28.41
N ARG A 900 -24.92 -75.20 -28.40
CA ARG A 900 -25.51 -75.81 -27.22
C ARG A 900 -24.73 -77.04 -26.77
N ILE A 901 -24.38 -77.92 -27.72
CA ILE A 901 -23.70 -79.17 -27.38
C ILE A 901 -22.24 -78.94 -27.01
N THR A 902 -21.64 -77.84 -27.45
CA THR A 902 -20.23 -77.56 -27.23
C THR A 902 -19.98 -76.63 -26.05
N ARG A 903 -21.01 -76.20 -25.33
CA ARG A 903 -20.83 -75.24 -24.24
C ARG A 903 -20.00 -75.85 -23.11
N ASP A 904 -20.44 -76.98 -22.57
CA ASP A 904 -19.83 -77.56 -21.38
C ASP A 904 -18.44 -78.11 -21.57
N GLN A 905 -17.96 -78.25 -22.81
CA GLN A 905 -16.67 -78.87 -23.03
C GLN A 905 -15.54 -78.00 -22.54
N THR A 906 -14.49 -78.62 -22.00
CA THR A 906 -13.36 -77.92 -21.41
C THR A 906 -12.12 -77.95 -22.28
N GLU A 907 -12.20 -78.54 -23.47
CA GLU A 907 -11.05 -78.62 -24.36
C GLU A 907 -11.54 -78.69 -25.81
N ARG A 908 -10.64 -78.32 -26.72
CA ARG A 908 -10.89 -78.45 -28.15
C ARG A 908 -10.41 -79.83 -28.62
N PHE A 909 -11.29 -80.58 -29.26
CA PHE A 909 -10.99 -81.94 -29.68
C PHE A 909 -10.39 -81.96 -31.09
N ALA A 910 -9.30 -82.71 -31.24
CA ALA A 910 -8.68 -82.88 -32.54
C ALA A 910 -9.44 -83.92 -33.35
N ILE A 911 -9.41 -83.76 -34.68
CA ILE A 911 -10.17 -84.59 -35.60
C ILE A 911 -9.21 -85.50 -36.35
N ASP A 912 -9.49 -86.81 -36.31
CA ASP A 912 -8.78 -87.78 -37.12
C ASP A 912 -9.75 -88.34 -38.15
N PRO A 913 -9.64 -87.96 -39.42
CA PRO A 913 -10.65 -88.37 -40.41
C PRO A 913 -10.69 -89.87 -40.68
N ALA A 914 -9.62 -90.60 -40.34
CA ALA A 914 -9.63 -92.06 -40.50
C ALA A 914 -10.66 -92.74 -39.60
N ARG A 915 -11.03 -92.11 -38.47
CA ARG A 915 -12.05 -92.64 -37.57
C ARG A 915 -13.47 -92.25 -37.98
N LEU A 916 -13.63 -91.47 -39.04
CA LEU A 916 -14.97 -91.13 -39.52
C LEU A 916 -15.62 -92.33 -40.17
N VAL A 917 -16.87 -92.60 -39.81
CA VAL A 917 -17.57 -93.80 -40.24
C VAL A 917 -18.83 -93.41 -41.00
N GLU A 918 -19.70 -92.66 -40.35
CA GLU A 918 -21.00 -92.33 -40.92
C GLU A 918 -20.82 -91.41 -42.15
N PRO A 919 -21.69 -91.55 -43.14
CA PRO A 919 -21.61 -90.67 -44.31
C PRO A 919 -21.74 -89.20 -43.98
N ALA A 920 -22.59 -88.85 -43.01
CA ALA A 920 -22.78 -87.45 -42.66
C ALA A 920 -21.54 -86.86 -41.96
N GLU A 921 -20.79 -87.70 -41.24
CA GLU A 921 -19.52 -87.24 -40.67
C GLU A 921 -18.56 -86.77 -41.75
N LYS A 922 -18.30 -87.64 -42.74
CA LYS A 922 -17.34 -87.29 -43.78
C LYS A 922 -17.81 -86.12 -44.62
N HIS A 923 -19.13 -85.97 -44.79
CA HIS A 923 -19.66 -84.83 -45.54
C HIS A 923 -19.55 -83.54 -44.74
N LEU A 924 -19.69 -83.61 -43.42
CA LEU A 924 -19.51 -82.41 -42.61
C LEU A 924 -18.04 -81.99 -42.58
N LEU A 925 -17.13 -82.95 -42.54
CA LEU A 925 -15.70 -82.63 -42.59
C LEU A 925 -15.34 -81.94 -43.91
N SER A 926 -15.89 -82.43 -45.03
CA SER A 926 -15.62 -81.79 -46.31
C SER A 926 -16.16 -80.37 -46.34
N ALA A 927 -17.40 -80.18 -45.85
CA ALA A 927 -17.99 -78.84 -45.83
C ALA A 927 -17.22 -77.90 -44.90
N LEU A 928 -16.78 -78.41 -43.75
CA LEU A 928 -16.04 -77.57 -42.80
C LEU A 928 -14.66 -77.20 -43.34
N LEU A 929 -13.95 -78.16 -43.93
CA LEU A 929 -12.63 -77.88 -44.49
C LEU A 929 -12.71 -76.87 -45.63
N GLN A 930 -13.76 -76.94 -46.45
CA GLN A 930 -13.99 -75.90 -47.44
C GLN A 930 -14.23 -74.56 -46.76
N ALA A 931 -14.98 -74.56 -45.67
CA ALA A 931 -15.27 -73.33 -44.96
C ALA A 931 -14.02 -72.73 -44.33
N GLU A 932 -13.15 -73.56 -43.75
CA GLU A 932 -11.96 -73.05 -43.07
C GLU A 932 -10.93 -72.50 -44.07
N VAL A 933 -10.74 -73.20 -45.19
CA VAL A 933 -9.74 -72.77 -46.18
C VAL A 933 -10.16 -71.51 -46.93
N THR A 934 -11.46 -71.20 -46.95
CA THR A 934 -11.96 -70.05 -47.70
C THR A 934 -11.37 -68.76 -47.14
N PRO A 935 -10.63 -67.99 -47.94
CA PRO A 935 -10.13 -66.70 -47.46
C PRO A 935 -11.28 -65.73 -47.19
N ARG A 936 -11.31 -65.18 -45.97
CA ARG A 936 -12.34 -64.24 -45.57
C ARG A 936 -11.70 -62.98 -45.01
N ARG A 937 -12.43 -61.88 -45.11
CA ARG A 937 -11.98 -60.63 -44.52
C ARG A 937 -12.23 -60.64 -43.01
N PRO A 938 -11.30 -60.11 -42.21
CA PRO A 938 -11.46 -60.13 -40.75
C PRO A 938 -12.71 -59.37 -40.30
N GLY A 939 -13.57 -60.06 -39.57
CA GLY A 939 -14.80 -59.48 -39.06
C GLY A 939 -15.92 -59.34 -40.06
N SER A 940 -15.76 -59.82 -41.29
CA SER A 940 -16.81 -59.68 -42.29
C SER A 940 -17.99 -60.58 -41.95
N VAL A 941 -19.15 -59.96 -41.72
CA VAL A 941 -20.37 -60.74 -41.51
C VAL A 941 -20.83 -61.33 -42.84
N GLU A 942 -20.73 -60.57 -43.92
CA GLU A 942 -21.06 -61.07 -45.25
C GLU A 942 -20.25 -62.32 -45.59
N ASP A 943 -18.93 -62.26 -45.42
CA ASP A 943 -18.08 -63.41 -45.73
C ASP A 943 -18.33 -64.58 -44.78
N PHE A 944 -18.93 -64.34 -43.61
CA PHE A 944 -19.23 -65.45 -42.71
C PHE A 944 -20.46 -66.23 -43.19
N PHE A 945 -21.54 -65.51 -43.54
CA PHE A 945 -22.75 -66.19 -44.02
C PHE A 945 -22.54 -66.82 -45.39
N GLN A 946 -21.77 -66.16 -46.27
CA GLN A 946 -21.48 -66.72 -47.59
C GLN A 946 -20.73 -68.06 -47.47
N VAL A 947 -20.15 -68.33 -46.30
CA VAL A 947 -19.43 -69.57 -46.06
C VAL A 947 -20.25 -70.55 -45.19
N PHE A 948 -21.15 -70.05 -44.33
CA PHE A 948 -21.91 -70.90 -43.41
C PHE A 948 -23.21 -71.45 -44.02
N LEU A 949 -23.87 -70.65 -44.87
CA LEU A 949 -25.11 -71.08 -45.50
C LEU A 949 -24.99 -72.40 -46.26
N PRO A 950 -23.97 -72.65 -47.08
CA PRO A 950 -23.86 -73.99 -47.71
C PRO A 950 -23.71 -75.13 -46.71
N MET A 951 -23.23 -74.85 -45.49
CA MET A 951 -23.06 -75.91 -44.51
C MET A 951 -24.35 -76.32 -43.83
N ILE A 952 -25.39 -75.48 -43.89
CA ILE A 952 -26.59 -75.72 -43.09
C ILE A 952 -27.26 -77.05 -43.43
N PRO A 953 -27.54 -77.38 -44.69
CA PRO A 953 -28.13 -78.71 -44.97
C PRO A 953 -27.22 -79.85 -44.51
N VAL A 954 -25.91 -79.70 -44.66
CA VAL A 954 -24.97 -80.75 -44.25
C VAL A 954 -24.96 -80.88 -42.74
N ILE A 955 -25.13 -79.78 -42.01
CA ILE A 955 -25.17 -79.84 -40.55
C ILE A 955 -26.46 -80.50 -40.09
N ASN A 956 -27.60 -80.13 -40.70
CA ASN A 956 -28.88 -80.70 -40.30
C ASN A 956 -28.92 -82.20 -40.53
N ARG A 957 -28.46 -82.67 -41.70
CA ARG A 957 -28.39 -84.11 -41.94
C ARG A 957 -27.44 -84.79 -40.96
N PHE A 958 -26.37 -84.10 -40.56
CA PHE A 958 -25.43 -84.67 -39.59
C PHE A 958 -26.11 -84.95 -38.25
N PHE A 959 -26.95 -84.03 -37.77
CA PHE A 959 -27.58 -84.21 -36.47
C PHE A 959 -28.59 -85.35 -36.49
N ASP A 960 -29.34 -85.49 -37.59
CA ASP A 960 -30.38 -86.51 -37.65
C ASP A 960 -29.79 -87.90 -37.80
N GLU A 961 -28.72 -88.04 -38.58
CA GLU A 961 -28.17 -89.35 -38.92
C GLU A 961 -27.07 -89.81 -37.98
N VAL A 962 -26.56 -88.96 -37.11
CA VAL A 962 -25.38 -89.29 -36.31
C VAL A 962 -25.68 -89.02 -34.83
N LEU A 963 -25.29 -89.97 -33.97
CA LEU A 963 -25.29 -89.77 -32.54
C LEU A 963 -23.98 -89.11 -32.14
N VAL A 964 -24.06 -87.98 -31.45
CA VAL A 964 -22.91 -87.12 -31.23
C VAL A 964 -22.18 -87.48 -29.94
N MET A 965 -22.87 -87.41 -28.81
CA MET A 965 -22.19 -87.39 -27.51
C MET A 965 -21.55 -88.71 -27.14
N ALA A 966 -22.16 -89.84 -27.53
CA ALA A 966 -21.61 -91.14 -27.24
C ALA A 966 -21.25 -91.91 -28.49
N GLU A 967 -20.76 -93.12 -28.29
CA GLU A 967 -20.46 -93.67 -26.98
C GLU A 967 -18.97 -93.91 -26.88
N ASP A 968 -18.39 -94.32 -28.00
CA ASP A 968 -16.94 -94.49 -28.07
C ASP A 968 -16.25 -93.13 -27.94
N ALA A 969 -15.09 -93.14 -27.28
CA ALA A 969 -14.36 -91.90 -27.05
C ALA A 969 -13.88 -91.27 -28.34
N GLY A 970 -13.41 -92.08 -29.29
CA GLY A 970 -12.94 -91.55 -30.55
C GLY A 970 -14.04 -90.94 -31.39
N LEU A 971 -15.22 -91.57 -31.39
CA LEU A 971 -16.35 -91.04 -32.16
C LEU A 971 -16.85 -89.73 -31.57
N ARG A 972 -16.91 -89.65 -30.23
CA ARG A 972 -17.39 -88.43 -29.59
C ARG A 972 -16.43 -87.27 -29.83
N ALA A 973 -15.12 -87.53 -29.74
CA ALA A 973 -14.14 -86.47 -29.96
C ALA A 973 -14.21 -85.92 -31.39
N ASN A 974 -14.31 -86.82 -32.38
CA ASN A 974 -14.45 -86.37 -33.76
C ASN A 974 -15.74 -85.57 -33.96
N ARG A 975 -16.85 -86.04 -33.40
CA ARG A 975 -18.13 -85.38 -33.65
C ARG A 975 -18.20 -84.05 -32.92
N LEU A 976 -17.66 -83.98 -31.70
CA LEU A 976 -17.63 -82.71 -30.99
C LEU A 976 -16.66 -81.73 -31.64
N GLY A 977 -15.50 -82.23 -32.11
CA GLY A 977 -14.55 -81.37 -32.78
C GLY A 977 -15.13 -80.70 -34.01
N LEU A 978 -15.92 -81.44 -34.78
CA LEU A 978 -16.60 -80.84 -35.93
C LEU A 978 -17.50 -79.70 -35.49
N LEU A 979 -18.27 -79.90 -34.41
CA LEU A 979 -19.17 -78.85 -33.95
C LEU A 979 -18.40 -77.67 -33.37
N GLN A 980 -17.26 -77.95 -32.73
CA GLN A 980 -16.45 -76.87 -32.16
C GLN A 980 -15.88 -75.99 -33.26
N ARG A 981 -15.36 -76.60 -34.34
CA ARG A 981 -14.80 -75.82 -35.43
C ARG A 981 -15.87 -75.07 -36.20
N ILE A 982 -17.12 -75.57 -36.19
CA ILE A 982 -18.22 -74.80 -36.78
C ILE A 982 -18.45 -73.53 -35.99
N VAL A 983 -18.45 -73.62 -34.66
CA VAL A 983 -18.60 -72.43 -33.82
C VAL A 983 -17.44 -71.47 -34.07
N ALA A 984 -16.22 -72.00 -34.22
CA ALA A 984 -15.05 -71.17 -34.46
C ALA A 984 -15.13 -70.36 -35.76
N LEU A 985 -16.02 -70.72 -36.70
CA LEU A 985 -16.15 -69.93 -37.92
C LEU A 985 -16.63 -68.52 -37.64
N ALA A 986 -17.29 -68.30 -36.52
CA ALA A 986 -17.75 -66.97 -36.16
C ALA A 986 -16.71 -66.16 -35.37
N ASP A 987 -15.57 -66.76 -35.04
CA ASP A 987 -14.57 -66.05 -34.25
C ASP A 987 -14.13 -64.77 -34.96
N GLY A 988 -14.12 -63.66 -34.23
CA GLY A 988 -13.78 -62.38 -34.80
C GLY A 988 -14.89 -61.70 -35.57
N VAL A 989 -16.04 -62.38 -35.76
CA VAL A 989 -17.19 -61.83 -36.47
C VAL A 989 -18.28 -61.38 -35.47
N ALA A 990 -18.88 -62.33 -34.74
CA ALA A 990 -19.92 -61.97 -33.79
C ALA A 990 -20.02 -63.02 -32.71
N ASP A 991 -20.64 -62.64 -31.59
CA ASP A 991 -21.01 -63.60 -30.55
C ASP A 991 -22.52 -63.72 -30.68
N PHE A 992 -22.97 -64.69 -31.50
CA PHE A 992 -24.39 -64.77 -31.82
C PHE A 992 -25.25 -65.13 -30.61
N SER A 993 -24.65 -65.66 -29.54
CA SER A 993 -25.41 -65.92 -28.31
C SER A 993 -26.00 -64.66 -27.69
N LYS A 994 -25.49 -63.48 -28.07
CA LYS A 994 -26.02 -62.21 -27.60
C LYS A 994 -27.36 -61.83 -28.22
N LEU A 995 -27.77 -62.48 -29.31
CA LEU A 995 -29.04 -62.16 -29.92
C LEU A 995 -30.20 -62.70 -29.10
N GLU A 996 -31.36 -62.03 -29.23
CA GLU A 996 -32.53 -62.43 -28.45
C GLU A 996 -33.07 -63.77 -28.91
N GLY A 997 -33.17 -63.99 -30.22
CA GLY A 997 -33.71 -65.22 -30.74
C GLY A 997 -32.80 -66.43 -30.69
N PHE A 998 -31.63 -66.29 -30.07
CA PHE A 998 -30.68 -67.40 -30.05
C PHE A 998 -31.19 -68.55 -29.21
N GLU A 999 -31.80 -68.26 -28.06
CA GLU A 999 -32.38 -69.28 -27.21
C GLU A 999 -33.69 -69.85 -27.73
N PRO B 4 -19.53 20.27 12.13
CA PRO B 4 -18.19 19.69 12.33
C PRO B 4 -17.94 18.52 11.38
N LEU B 5 -16.91 18.67 10.54
CA LEU B 5 -16.70 17.75 9.43
C LEU B 5 -16.23 16.37 9.92
N ASP B 6 -16.72 15.33 9.25
CA ASP B 6 -16.21 13.98 9.43
C ASP B 6 -14.83 13.86 8.79
N PHE B 7 -14.14 12.77 9.16
CA PHE B 7 -12.81 12.51 8.61
C PHE B 7 -12.84 12.44 7.08
N GLN B 8 -13.77 11.66 6.52
CA GLN B 8 -13.86 11.55 5.08
C GLN B 8 -14.31 12.85 4.44
N SER B 9 -15.12 13.64 5.16
CA SER B 9 -15.56 14.92 4.63
C SER B 9 -14.41 15.92 4.57
N ILE B 10 -13.48 15.85 5.53
CA ILE B 10 -12.28 16.67 5.49
C ILE B 10 -11.44 16.33 4.26
N ILE B 11 -11.28 15.04 4.00
CA ILE B 11 -10.50 14.60 2.84
C ILE B 11 -11.17 15.04 1.54
N MET B 12 -12.49 14.87 1.45
CA MET B 12 -13.15 15.22 0.19
C MET B 12 -13.18 16.73 0.00
N LYS B 13 -13.26 17.49 1.09
CA LYS B 13 -13.27 18.95 0.95
C LYS B 13 -11.90 19.47 0.52
N LEU B 14 -10.82 18.88 1.03
CA LEU B 14 -9.48 19.25 0.56
C LEU B 14 -9.29 18.87 -0.90
N GLN B 15 -9.75 17.67 -1.28
CA GLN B 15 -9.66 17.28 -2.69
C GLN B 15 -10.44 18.25 -3.57
N GLN B 16 -11.62 18.65 -3.13
CA GLN B 16 -12.43 19.61 -3.87
C GLN B 16 -11.73 20.97 -3.97
N PHE B 17 -11.21 21.48 -2.85
CA PHE B 17 -10.55 22.78 -2.86
C PHE B 17 -9.36 22.79 -3.83
N TRP B 18 -8.44 21.84 -3.66
CA TRP B 18 -7.25 21.83 -4.52
C TRP B 18 -7.61 21.52 -5.97
N ALA B 19 -8.68 20.76 -6.21
CA ALA B 19 -9.09 20.56 -7.60
C ALA B 19 -9.56 21.87 -8.22
N GLU B 20 -10.26 22.71 -7.44
CA GLU B 20 -10.67 24.02 -7.93
C GLU B 20 -9.52 24.99 -8.12
N GLN B 21 -8.38 24.79 -7.44
CA GLN B 21 -7.19 25.57 -7.73
C GLN B 21 -6.50 25.13 -9.03
N GLY B 22 -6.91 24.01 -9.62
CA GLY B 22 -6.25 23.50 -10.81
C GLY B 22 -5.38 22.29 -10.58
N SER B 23 -5.22 21.84 -9.35
CA SER B 23 -4.32 20.73 -9.09
C SER B 23 -4.87 19.44 -9.69
N LEU B 24 -3.96 18.51 -9.97
CA LEU B 24 -4.32 17.15 -10.34
C LEU B 24 -4.49 16.32 -9.06
N ILE B 25 -5.58 15.56 -8.98
CA ILE B 25 -5.87 14.75 -7.80
C ILE B 25 -5.34 13.34 -8.02
N TRP B 26 -4.44 12.91 -7.15
CA TRP B 26 -3.74 11.63 -7.26
C TRP B 26 -4.28 10.67 -6.20
N GLN B 27 -3.66 9.51 -6.08
CA GLN B 27 -4.10 8.45 -5.17
C GLN B 27 -2.93 7.97 -4.32
N PRO B 28 -3.22 7.42 -3.13
CA PRO B 28 -2.16 6.81 -2.32
C PRO B 28 -1.41 5.73 -3.09
N TYR B 29 -0.12 5.62 -2.80
CA TYR B 29 0.74 4.69 -3.52
C TYR B 29 0.56 3.27 -3.00
N TYR B 30 0.89 2.30 -3.86
CA TYR B 30 0.64 0.90 -3.57
C TYR B 30 1.79 0.21 -2.84
N THR B 31 2.56 0.95 -2.06
CA THR B 31 3.59 0.35 -1.22
C THR B 31 3.74 1.18 0.04
N GLN B 32 4.21 0.54 1.11
CA GLN B 32 4.32 1.19 2.41
C GLN B 32 5.38 2.29 2.40
N VAL B 33 4.96 3.52 2.63
CA VAL B 33 5.85 4.67 2.61
C VAL B 33 5.74 5.41 3.94
N GLY B 34 6.86 6.01 4.36
CA GLY B 34 6.87 6.79 5.58
C GLY B 34 6.24 8.16 5.46
N ALA B 35 6.03 8.63 4.23
CA ALA B 35 5.52 9.97 4.00
C ALA B 35 5.06 10.06 2.56
N GLY B 36 4.05 10.89 2.32
CA GLY B 36 3.61 11.15 0.96
C GLY B 36 4.72 11.63 0.04
N THR B 37 5.79 12.18 0.61
CA THR B 37 6.92 12.66 -0.19
C THR B 37 7.54 11.53 -1.00
N MET B 38 7.50 10.32 -0.45
CA MET B 38 8.13 9.17 -1.09
C MET B 38 7.29 8.61 -2.22
N ASN B 39 6.04 9.04 -2.34
CA ASN B 39 5.23 8.70 -3.49
C ASN B 39 5.87 9.31 -4.74
N PRO B 40 6.02 8.54 -5.83
CA PRO B 40 6.58 9.12 -7.06
C PRO B 40 5.89 10.40 -7.53
N ALA B 41 4.60 10.58 -7.22
CA ALA B 41 3.92 11.85 -7.47
C ALA B 41 4.56 13.04 -6.75
N THR B 42 5.47 12.82 -5.81
CA THR B 42 6.25 13.91 -5.26
C THR B 42 7.72 13.77 -5.61
N PHE B 43 8.35 12.65 -5.23
CA PHE B 43 9.80 12.55 -5.33
C PHE B 43 10.28 12.65 -6.78
N LEU B 44 9.64 11.92 -7.69
CA LEU B 44 10.05 12.01 -9.10
C LEU B 44 9.60 13.30 -9.74
N ARG B 45 8.41 13.81 -9.39
CA ARG B 45 7.86 14.97 -10.10
C ARG B 45 8.52 16.29 -9.71
N VAL B 46 9.11 16.39 -8.52
CA VAL B 46 9.79 17.64 -8.18
C VAL B 46 11.10 17.77 -8.95
N LEU B 47 11.60 16.69 -9.53
CA LEU B 47 12.80 16.73 -10.36
C LEU B 47 12.49 17.40 -11.71
N GLY B 48 13.56 17.89 -12.35
CA GLY B 48 13.49 18.55 -13.63
C GLY B 48 12.72 19.85 -13.61
N PRO B 49 12.62 20.51 -14.77
CA PRO B 49 11.93 21.80 -14.86
C PRO B 49 10.44 21.75 -15.11
N GLU B 50 9.83 20.57 -15.32
CA GLU B 50 8.44 20.55 -15.75
C GLU B 50 7.50 20.89 -14.58
N PRO B 51 6.43 21.65 -14.83
CA PRO B 51 5.52 22.02 -13.75
C PRO B 51 4.68 20.84 -13.29
N TRP B 52 4.11 20.99 -12.09
CA TRP B 52 3.40 19.88 -11.47
C TRP B 52 2.63 20.37 -10.26
N ASN B 53 1.30 20.26 -10.31
CA ASN B 53 0.43 20.61 -9.20
C ASN B 53 -0.41 19.39 -8.84
N VAL B 54 -0.17 18.81 -7.67
CA VAL B 54 -0.79 17.55 -7.29
C VAL B 54 -1.26 17.63 -5.84
N ALA B 55 -2.31 16.85 -5.55
CA ALA B 55 -2.82 16.73 -4.19
C ALA B 55 -3.42 15.34 -4.04
N TYR B 56 -3.09 14.66 -2.93
CA TYR B 56 -3.56 13.30 -2.73
C TYR B 56 -3.41 12.91 -1.27
N VAL B 57 -4.23 11.92 -0.88
CA VAL B 57 -4.16 11.31 0.43
C VAL B 57 -3.00 10.32 0.47
N GLU B 58 -2.36 10.18 1.63
CA GLU B 58 -1.35 9.15 1.74
C GLU B 58 -1.30 8.60 3.16
N PRO B 59 -1.72 7.34 3.37
CA PRO B 59 -1.42 6.68 4.64
C PRO B 59 0.08 6.47 4.83
N SER B 60 0.69 7.28 5.69
CA SER B 60 2.12 7.21 5.93
C SER B 60 2.41 6.24 7.07
N ILE B 61 3.29 5.28 6.85
CA ILE B 61 3.61 4.24 7.82
C ILE B 61 4.94 4.58 8.47
N ARG B 62 4.92 4.82 9.78
CA ARG B 62 6.13 5.02 10.56
C ARG B 62 6.06 4.00 11.70
N PRO B 63 6.68 2.83 11.52
CA PRO B 63 6.58 1.77 12.53
C PRO B 63 7.06 2.20 13.92
N ASP B 64 8.09 3.05 14.00
CA ASP B 64 8.62 3.47 15.28
C ASP B 64 7.62 4.25 16.11
N ASP B 65 6.58 4.80 15.50
CA ASP B 65 5.60 5.61 16.21
C ASP B 65 4.39 4.83 16.69
N GLY B 66 4.38 3.52 16.52
CA GLY B 66 3.25 2.73 17.00
C GLY B 66 3.27 2.58 18.52
N ARG B 67 2.08 2.66 19.12
CA ARG B 67 1.91 2.46 20.54
C ARG B 67 0.74 1.52 20.82
N TYR B 68 0.54 0.52 19.96
CA TYR B 68 -0.49 -0.51 20.14
C TYR B 68 -1.90 0.07 20.19
N GLY B 69 -2.09 1.31 19.74
CA GLY B 69 -3.37 1.99 19.89
C GLY B 69 -3.68 2.48 21.28
N GLU B 70 -2.77 2.28 22.25
CA GLU B 70 -3.02 2.68 23.63
C GLU B 70 -2.81 4.18 23.83
N ASN B 71 -1.86 4.77 23.13
CA ASN B 71 -1.65 6.21 23.21
C ASN B 71 -2.78 6.96 22.52
N PRO B 72 -3.18 8.13 23.04
CA PRO B 72 -4.29 8.87 22.42
C PRO B 72 -3.98 9.46 21.04
N ASN B 73 -2.72 9.60 20.65
CA ASN B 73 -2.41 10.25 19.38
C ASN B 73 -1.23 9.65 18.61
N ARG B 74 -0.49 8.70 19.19
CA ARG B 74 0.63 8.06 18.51
C ARG B 74 0.12 6.89 17.68
N LEU B 75 0.35 6.96 16.36
CA LEU B 75 -0.09 5.93 15.43
C LEU B 75 1.06 5.53 14.54
N GLN B 76 1.16 4.22 14.24
CA GLN B 76 2.11 3.79 13.23
C GLN B 76 1.66 4.20 11.82
N GLN B 77 0.36 4.46 11.62
CA GLN B 77 -0.17 4.90 10.34
C GLN B 77 -0.93 6.21 10.52
N HIS B 78 -0.41 7.27 9.90
CA HIS B 78 -1.06 8.58 9.85
C HIS B 78 -1.53 8.87 8.44
N TYR B 79 -2.74 9.41 8.33
CA TYR B 79 -3.30 9.88 7.06
C TYR B 79 -2.84 11.32 6.82
N GLN B 80 -1.88 11.48 5.92
CA GLN B 80 -1.47 12.79 5.44
C GLN B 80 -2.26 13.16 4.21
N PHE B 81 -2.44 14.46 4.02
CA PHE B 81 -2.84 15.02 2.74
C PHE B 81 -1.63 15.75 2.16
N GLN B 82 -1.16 15.30 1.00
CA GLN B 82 0.05 15.80 0.36
C GLN B 82 -0.30 16.71 -0.80
N VAL B 83 0.21 17.94 -0.78
CA VAL B 83 0.01 18.91 -1.84
C VAL B 83 1.38 19.38 -2.32
N ILE B 84 1.58 19.38 -3.64
CA ILE B 84 2.82 19.85 -4.25
C ILE B 84 2.49 20.95 -5.25
N LEU B 85 3.03 22.14 -5.03
CA LEU B 85 2.91 23.26 -5.96
C LEU B 85 4.25 23.53 -6.62
N LYS B 86 4.31 23.33 -7.93
CA LYS B 86 5.52 23.51 -8.73
C LYS B 86 5.18 24.13 -10.07
N PRO B 87 5.66 25.36 -10.36
CA PRO B 87 6.59 26.13 -9.54
C PRO B 87 5.90 26.91 -8.42
N ASP B 88 6.66 27.74 -7.72
CA ASP B 88 6.11 28.59 -6.68
C ASP B 88 5.02 29.49 -7.26
N PRO B 89 3.82 29.51 -6.67
CA PRO B 89 2.75 30.34 -7.22
C PRO B 89 2.82 31.80 -6.77
N GLY B 90 3.68 32.14 -5.83
CA GLY B 90 3.79 33.48 -5.31
C GLY B 90 3.05 33.72 -4.02
N ASN B 91 1.99 32.96 -3.77
CA ASN B 91 1.22 33.10 -2.53
C ASN B 91 0.77 31.75 -1.98
N PRO B 92 1.67 30.75 -1.85
CA PRO B 92 1.20 29.45 -1.36
C PRO B 92 0.67 29.47 0.06
N GLN B 93 1.18 30.35 0.92
CA GLN B 93 0.69 30.41 2.30
C GLN B 93 -0.75 30.90 2.35
N GLU B 94 -1.10 31.84 1.46
CA GLU B 94 -2.45 32.38 1.45
C GLU B 94 -3.44 31.38 0.87
N ILE B 95 -3.02 30.64 -0.16
CA ILE B 95 -3.83 29.57 -0.71
C ILE B 95 -4.08 28.51 0.36
N TYR B 96 -3.03 28.08 1.04
CA TYR B 96 -3.19 27.14 2.15
C TYR B 96 -4.22 27.65 3.15
N LEU B 97 -4.16 28.94 3.48
CA LEU B 97 -5.10 29.48 4.46
C LEU B 97 -6.53 29.43 3.93
N ARG B 98 -6.72 29.69 2.63
CA ARG B 98 -8.04 29.56 2.04
C ARG B 98 -8.52 28.11 2.02
N SER B 99 -7.60 27.14 1.92
CA SER B 99 -7.98 25.75 2.08
C SER B 99 -8.46 25.47 3.49
N LEU B 100 -7.79 26.03 4.50
CA LEU B 100 -8.30 25.89 5.87
C LEU B 100 -9.66 26.55 6.02
N GLU B 101 -9.88 27.65 5.30
CA GLU B 101 -11.19 28.30 5.31
C GLU B 101 -12.26 27.42 4.66
N ALA B 102 -11.87 26.53 3.73
CA ALA B 102 -12.84 25.63 3.11
C ALA B 102 -13.32 24.56 4.08
N LEU B 103 -12.50 24.21 5.06
CA LEU B 103 -12.95 23.46 6.23
C LEU B 103 -13.65 24.43 7.17
N GLY B 104 -13.83 24.08 8.43
CA GLY B 104 -14.50 25.01 9.32
C GLY B 104 -13.62 26.03 10.01
N ILE B 105 -12.47 26.38 9.43
CA ILE B 105 -11.41 27.08 10.15
C ILE B 105 -11.24 28.47 9.54
N ASP B 106 -11.77 29.49 10.21
CA ASP B 106 -11.66 30.86 9.73
C ASP B 106 -10.43 31.51 10.32
N PRO B 107 -9.45 31.93 9.51
CA PRO B 107 -8.25 32.56 10.08
C PRO B 107 -8.54 33.85 10.85
N ARG B 108 -9.67 34.49 10.59
CA ARG B 108 -10.06 35.67 11.36
C ARG B 108 -10.50 35.34 12.78
N GLU B 109 -10.87 34.08 13.05
CA GLU B 109 -11.27 33.65 14.38
C GLU B 109 -10.24 32.76 15.07
N HIS B 110 -9.27 32.23 14.33
CA HIS B 110 -8.28 31.32 14.87
C HIS B 110 -6.89 31.91 14.70
N ASP B 111 -5.95 31.38 15.47
CA ASP B 111 -4.57 31.82 15.44
C ASP B 111 -3.78 30.75 14.68
N ILE B 112 -3.57 31.00 13.38
CA ILE B 112 -2.77 30.12 12.53
C ILE B 112 -1.38 30.73 12.42
N ARG B 113 -0.39 30.04 12.95
CA ARG B 113 0.96 30.58 13.01
C ARG B 113 1.95 29.62 12.37
N PHE B 114 2.91 30.18 11.64
CA PHE B 114 3.99 29.41 11.02
C PHE B 114 5.23 29.52 11.90
N VAL B 115 5.71 28.38 12.38
CA VAL B 115 6.87 28.30 13.26
C VAL B 115 7.93 27.44 12.60
N GLU B 116 9.18 27.87 12.69
CA GLU B 116 10.29 27.22 11.98
C GLU B 116 10.35 25.73 12.26
N ASP B 117 10.45 24.94 11.18
CA ASP B 117 10.71 23.50 11.26
C ASP B 117 11.11 23.05 9.87
N ASN B 118 12.39 22.77 9.67
CA ASN B 118 12.91 22.38 8.37
C ASN B 118 12.85 20.86 8.22
N TRP B 119 12.42 20.41 7.06
CA TRP B 119 12.09 19.01 6.84
C TRP B 119 13.17 18.33 6.02
N GLU B 120 13.34 17.03 6.26
CA GLU B 120 14.36 16.26 5.57
C GLU B 120 13.93 14.80 5.50
N SER B 121 14.07 14.20 4.33
CA SER B 121 13.93 12.76 4.18
C SER B 121 15.31 12.17 3.96
N PRO B 122 15.90 11.51 4.96
CA PRO B 122 17.30 11.06 4.82
C PRO B 122 17.45 9.83 3.93
N ALA B 123 16.41 9.01 3.80
CA ALA B 123 16.48 7.86 2.92
C ALA B 123 16.41 8.26 1.46
N LEU B 124 15.76 9.38 1.15
CA LEU B 124 15.63 9.85 -0.22
C LEU B 124 16.57 10.99 -0.56
N GLY B 125 17.34 11.48 0.42
CA GLY B 125 18.23 12.60 0.17
C GLY B 125 17.51 13.87 -0.23
N ALA B 126 16.35 14.13 0.38
CA ALA B 126 15.54 15.30 0.08
C ALA B 126 15.45 16.17 1.33
N TRP B 127 15.50 17.48 1.13
CA TRP B 127 15.40 18.39 2.25
C TRP B 127 14.92 19.75 1.75
N GLY B 128 14.45 20.55 2.70
CA GLY B 128 13.98 21.90 2.41
C GLY B 128 13.79 22.67 3.70
N LEU B 129 13.51 23.95 3.54
CA LEU B 129 13.24 24.82 4.67
C LEU B 129 11.76 25.17 4.72
N GLY B 130 11.26 25.38 5.94
CA GLY B 130 9.86 25.76 6.07
C GLY B 130 9.43 25.84 7.53
N TRP B 131 8.14 25.56 7.74
CA TRP B 131 7.51 25.75 9.04
C TRP B 131 6.59 24.58 9.35
N GLU B 132 6.32 24.41 10.64
CA GLU B 132 5.15 23.67 11.08
C GLU B 132 4.06 24.69 11.40
N VAL B 133 2.84 24.41 10.94
CA VAL B 133 1.70 25.31 11.11
C VAL B 133 1.00 24.95 12.41
N TRP B 134 0.64 25.95 13.21
CA TRP B 134 0.02 25.73 14.50
C TRP B 134 -1.34 26.40 14.50
N LEU B 135 -2.37 25.64 14.85
CA LEU B 135 -3.73 26.15 14.92
C LEU B 135 -4.10 26.22 16.41
N ASP B 136 -4.09 27.43 16.96
CA ASP B 136 -4.33 27.65 18.39
C ASP B 136 -3.52 26.68 19.25
N GLY B 137 -2.26 26.46 18.88
CA GLY B 137 -1.36 25.63 19.67
C GLY B 137 -1.16 24.21 19.19
N LEU B 138 -1.88 23.79 18.15
CA LEU B 138 -1.83 22.42 17.66
C LEU B 138 -1.16 22.37 16.29
N GLU B 139 -0.13 21.56 16.16
CA GLU B 139 0.55 21.38 14.88
C GLU B 139 -0.36 20.62 13.92
N ILE B 140 -0.63 21.19 12.75
CA ILE B 140 -1.61 20.60 11.83
C ILE B 140 -1.07 20.45 10.41
N THR B 141 0.08 21.05 10.12
CA THR B 141 0.58 21.06 8.75
C THR B 141 2.09 21.24 8.74
N GLN B 142 2.76 20.50 7.86
CA GLN B 142 4.15 20.76 7.51
C GLN B 142 4.19 21.50 6.17
N PHE B 143 4.89 22.65 6.14
CA PHE B 143 4.92 23.55 4.99
C PHE B 143 6.38 23.77 4.62
N THR B 144 6.79 23.24 3.47
CA THR B 144 8.20 23.13 3.13
C THR B 144 8.45 23.58 1.69
N TYR B 145 9.53 24.33 1.49
CA TYR B 145 10.09 24.63 0.17
C TYR B 145 11.25 23.68 -0.08
N PHE B 146 11.09 22.77 -1.02
CA PHE B 146 12.12 21.77 -1.32
C PHE B 146 13.28 22.39 -2.06
N GLN B 147 14.49 22.06 -1.63
CA GLN B 147 15.71 22.55 -2.27
C GLN B 147 16.46 21.47 -3.03
N GLN B 148 16.57 20.28 -2.45
CA GLN B 148 17.25 19.15 -3.07
C GLN B 148 16.39 17.91 -2.96
N ALA B 149 16.57 17.02 -3.92
CA ALA B 149 15.92 15.71 -3.89
C ALA B 149 16.80 14.78 -4.70
N GLY B 150 17.23 13.70 -4.08
CA GLY B 150 18.12 12.76 -4.77
C GLY B 150 19.42 13.40 -5.22
N GLY B 151 19.97 14.30 -4.40
CA GLY B 151 21.23 14.98 -4.67
C GLY B 151 21.20 16.01 -5.78
N MET B 152 20.03 16.33 -6.32
CA MET B 152 19.91 17.27 -7.42
C MET B 152 19.37 18.60 -6.90
N VAL B 153 19.93 19.70 -7.41
CA VAL B 153 19.46 21.03 -7.04
C VAL B 153 18.16 21.30 -7.79
N LEU B 154 17.08 21.51 -7.04
CA LEU B 154 15.75 21.60 -7.64
C LEU B 154 15.54 22.97 -8.28
N GLU B 155 15.02 22.97 -9.49
CA GLU B 155 14.76 24.19 -10.23
C GLU B 155 13.74 23.87 -11.30
N PRO B 156 12.51 24.41 -11.20
CA PRO B 156 12.06 25.33 -10.14
C PRO B 156 11.77 24.66 -8.77
N VAL B 157 11.91 25.43 -7.69
CA VAL B 157 11.66 24.92 -6.35
C VAL B 157 10.18 24.58 -6.20
N SER B 158 9.89 23.46 -5.52
CA SER B 158 8.53 23.01 -5.30
C SER B 158 8.12 23.30 -3.86
N VAL B 159 6.82 23.55 -3.67
CA VAL B 159 6.24 23.76 -2.34
C VAL B 159 5.50 22.49 -1.94
N GLU B 160 5.83 21.95 -0.76
CA GLU B 160 5.11 20.82 -0.20
C GLU B 160 4.29 21.27 1.00
N ILE B 161 3.00 20.93 1.00
CA ILE B 161 2.09 21.19 2.10
C ILE B 161 1.52 19.85 2.53
N THR B 162 1.81 19.44 3.76
CA THR B 162 1.43 18.13 4.26
C THR B 162 0.48 18.29 5.45
N TYR B 163 -0.81 18.12 5.22
CA TYR B 163 -1.79 18.23 6.29
C TYR B 163 -1.72 17.01 7.21
N GLY B 164 -1.79 17.27 8.52
CA GLY B 164 -2.02 16.21 9.50
C GLY B 164 -3.51 16.00 9.73
N LEU B 165 -4.11 15.02 9.05
CA LEU B 165 -5.57 14.93 9.03
C LEU B 165 -6.14 14.55 10.39
N GLU B 166 -5.46 13.64 11.11
CA GLU B 166 -5.97 13.26 12.43
C GLU B 166 -6.06 14.46 13.37
N ARG B 167 -5.02 15.30 13.40
CA ARG B 167 -5.04 16.43 14.32
C ARG B 167 -6.01 17.51 13.85
N ILE B 168 -6.16 17.70 12.55
CA ILE B 168 -7.19 18.63 12.06
C ILE B 168 -8.57 18.14 12.48
N ALA B 169 -8.82 16.83 12.36
CA ALA B 169 -10.12 16.30 12.74
C ALA B 169 -10.33 16.40 14.24
N MET B 170 -9.31 16.11 15.04
CA MET B 170 -9.45 16.24 16.48
C MET B 170 -9.79 17.67 16.87
N ALA B 171 -9.17 18.65 16.21
CA ALA B 171 -9.49 20.04 16.51
C ALA B 171 -10.91 20.39 16.10
N LEU B 172 -11.33 19.94 14.91
CA LEU B 172 -12.68 20.27 14.43
C LEU B 172 -13.76 19.58 15.24
N GLN B 173 -13.55 18.32 15.60
CA GLN B 173 -14.57 17.55 16.29
C GLN B 173 -14.47 17.67 17.81
N ARG B 174 -13.46 18.38 18.31
CA ARG B 174 -13.27 18.58 19.75
C ARG B 174 -13.21 17.25 20.50
N VAL B 175 -12.37 16.35 19.98
CA VAL B 175 -12.07 15.08 20.64
C VAL B 175 -10.57 15.04 20.91
N SER B 176 -10.20 14.25 21.92
CA SER B 176 -8.82 14.17 22.37
C SER B 176 -8.13 12.86 22.00
N ASN B 177 -8.90 11.79 21.78
CA ASN B 177 -8.36 10.50 21.37
C ASN B 177 -8.68 10.26 19.90
N PHE B 178 -7.72 9.66 19.18
CA PHE B 178 -7.99 9.31 17.78
C PHE B 178 -9.12 8.30 17.65
N ARG B 179 -9.33 7.48 18.68
CA ARG B 179 -10.41 6.50 18.65
C ARG B 179 -11.75 7.17 18.45
N ASP B 180 -11.94 8.37 19.00
CA ASP B 180 -13.23 9.04 19.02
C ASP B 180 -13.47 9.93 17.80
N ILE B 181 -12.48 10.03 16.90
CA ILE B 181 -12.71 10.71 15.64
C ILE B 181 -13.81 9.99 14.87
N ARG B 182 -14.81 10.74 14.42
CA ARG B 182 -15.85 10.22 13.56
C ARG B 182 -15.35 10.15 12.12
N TRP B 183 -15.39 8.95 11.53
CA TRP B 183 -15.05 8.80 10.12
C TRP B 183 -16.25 9.10 9.24
N ASN B 184 -17.38 8.45 9.49
CA ASN B 184 -18.65 8.82 8.87
C ASN B 184 -19.72 8.79 9.96
N ALA B 185 -21.00 8.78 9.56
CA ALA B 185 -22.08 8.81 10.55
C ALA B 185 -22.18 7.54 11.37
N GLU B 186 -21.56 6.45 10.94
CA GLU B 186 -21.73 5.14 11.54
C GLU B 186 -20.48 4.66 12.28
N ARG B 187 -19.31 4.93 11.73
CA ARG B 187 -18.06 4.36 12.21
C ARG B 187 -17.14 5.45 12.71
N THR B 188 -16.30 5.09 13.68
CA THR B 188 -15.24 5.95 14.17
C THR B 188 -13.90 5.49 13.61
N TYR B 189 -12.93 6.39 13.67
CA TYR B 189 -11.55 6.05 13.32
C TYR B 189 -11.08 4.85 14.13
N GLY B 190 -11.41 4.80 15.43
CA GLY B 190 -11.03 3.66 16.25
C GLY B 190 -11.71 2.38 15.81
N ASP B 191 -13.01 2.44 15.54
CA ASP B 191 -13.75 1.28 15.04
C ASP B 191 -13.04 0.58 13.89
N VAL B 192 -12.51 1.36 12.94
CA VAL B 192 -11.92 0.76 11.75
C VAL B 192 -10.41 0.54 11.85
N ASN B 193 -9.69 1.30 12.69
CA ASN B 193 -8.24 1.21 12.68
C ASN B 193 -7.58 0.77 13.99
N LEU B 194 -8.31 0.65 15.11
CA LEU B 194 -7.67 0.33 16.38
C LEU B 194 -6.98 -1.03 16.34
N GLN B 195 -7.68 -2.06 15.86
CA GLN B 195 -7.09 -3.40 15.77
C GLN B 195 -5.85 -3.42 14.89
N GLY B 196 -5.85 -2.66 13.78
CA GLY B 196 -4.64 -2.53 12.99
C GLY B 196 -3.50 -1.91 13.76
N GLU B 197 -3.78 -0.82 14.50
CA GLU B 197 -2.74 -0.18 15.29
C GLU B 197 -2.12 -1.15 16.28
N ARG B 198 -2.96 -1.93 16.97
CA ARG B 198 -2.46 -2.96 17.88
C ARG B 198 -1.66 -4.02 17.15
N GLU B 199 -2.23 -4.60 16.08
CA GLU B 199 -1.57 -5.73 15.45
C GLU B 199 -0.27 -5.31 14.77
N HIS B 200 -0.27 -4.17 14.06
CA HIS B 200 0.94 -3.73 13.38
C HIS B 200 2.04 -3.33 14.37
N SER B 201 1.66 -2.64 15.45
CA SER B 201 2.64 -2.36 16.51
C SER B 201 3.26 -3.66 17.03
N THR B 202 2.42 -4.66 17.31
CA THR B 202 2.93 -5.95 17.79
C THR B 202 3.91 -6.57 16.80
N TYR B 203 3.57 -6.55 15.50
CA TYR B 203 4.48 -7.16 14.52
C TYR B 203 5.76 -6.35 14.37
N TYR B 204 5.67 -5.01 14.35
CA TYR B 204 6.86 -4.19 14.14
C TYR B 204 7.84 -4.24 15.31
N PHE B 205 7.32 -4.36 16.55
CA PHE B 205 8.18 -4.34 17.75
C PHE B 205 8.63 -5.72 18.21
N GLU B 206 7.77 -6.74 18.11
CA GLU B 206 8.00 -8.04 18.73
C GLU B 206 8.24 -9.18 17.74
N VAL B 207 7.50 -9.26 16.63
CA VAL B 207 7.40 -10.49 15.85
C VAL B 207 8.38 -10.53 14.68
N ALA B 208 8.58 -9.41 13.97
CA ALA B 208 9.32 -9.44 12.72
C ALA B 208 10.72 -10.03 12.90
N ASP B 209 11.06 -11.01 12.06
CA ASP B 209 12.34 -11.69 12.13
C ASP B 209 13.44 -10.84 11.51
N VAL B 210 14.54 -10.66 12.25
CA VAL B 210 15.61 -9.77 11.80
C VAL B 210 16.31 -10.33 10.56
N GLU B 211 16.57 -11.64 10.55
CA GLU B 211 17.29 -12.22 9.41
C GLU B 211 16.46 -12.15 8.13
N ARG B 212 15.15 -12.39 8.25
CA ARG B 212 14.29 -12.30 7.09
C ARG B 212 14.21 -10.87 6.57
N LEU B 213 14.17 -9.88 7.47
CA LEU B 213 14.18 -8.49 7.04
C LEU B 213 15.49 -8.14 6.34
N ARG B 214 16.62 -8.59 6.89
CA ARG B 214 17.90 -8.27 6.27
C ARG B 214 18.02 -8.92 4.90
N GLN B 215 17.50 -10.14 4.76
CA GLN B 215 17.43 -10.77 3.45
C GLN B 215 16.53 -9.98 2.51
N MET B 216 15.35 -9.56 3.00
CA MET B 216 14.46 -8.73 2.20
C MET B 216 15.15 -7.46 1.72
N PHE B 217 15.85 -6.76 2.64
CA PHE B 217 16.55 -5.54 2.29
C PHE B 217 17.55 -5.77 1.16
N ALA B 218 18.33 -6.84 1.27
CA ALA B 218 19.31 -7.15 0.25
C ALA B 218 18.65 -7.47 -1.08
N LEU B 219 17.58 -8.26 -1.05
CA LEU B 219 16.84 -8.59 -2.27
C LEU B 219 16.28 -7.35 -2.94
N PHE B 220 15.63 -6.48 -2.16
CA PHE B 220 15.06 -5.25 -2.72
C PHE B 220 16.14 -4.38 -3.34
N GLU B 221 17.28 -4.23 -2.65
CA GLU B 221 18.36 -3.43 -3.21
C GLU B 221 18.89 -4.03 -4.50
N ALA B 222 19.01 -5.36 -4.56
CA ALA B 222 19.55 -6.01 -5.74
C ALA B 222 18.61 -5.83 -6.93
N GLU B 223 17.30 -5.94 -6.70
CA GLU B 223 16.33 -5.70 -7.77
C GLU B 223 16.28 -4.24 -8.18
N ALA B 224 16.52 -3.31 -7.26
CA ALA B 224 16.64 -1.91 -7.64
C ALA B 224 17.83 -1.69 -8.56
N GLU B 225 18.97 -2.32 -8.24
CA GLU B 225 20.16 -2.21 -9.09
C GLU B 225 19.89 -2.79 -10.47
N ALA B 226 19.25 -3.97 -10.52
CA ALA B 226 18.98 -4.60 -11.80
C ALA B 226 18.05 -3.74 -12.65
N ALA B 227 17.04 -3.14 -12.01
CA ALA B 227 16.10 -2.29 -12.73
C ALA B 227 16.76 -1.01 -13.23
N LEU B 228 17.64 -0.41 -12.43
CA LEU B 228 18.33 0.79 -12.88
C LEU B 228 19.25 0.51 -14.07
N ALA B 229 19.90 -0.66 -14.08
CA ALA B 229 20.77 -1.02 -15.19
C ALA B 229 20.03 -1.09 -16.52
N ARG B 230 18.70 -1.26 -16.49
CA ARG B 230 17.87 -1.26 -17.68
C ARG B 230 17.08 0.04 -17.86
N GLY B 231 17.36 1.06 -17.05
CA GLY B 231 16.69 2.34 -17.15
C GLY B 231 15.27 2.39 -16.63
N LEU B 232 14.83 1.36 -15.92
CA LEU B 232 13.46 1.25 -15.41
C LEU B 232 13.34 2.08 -14.13
N VAL B 233 12.79 3.28 -14.24
CA VAL B 233 12.82 4.24 -13.14
C VAL B 233 11.85 3.84 -12.04
N LEU B 234 10.58 3.64 -12.39
CA LEU B 234 9.55 3.40 -11.39
C LEU B 234 9.70 2.06 -10.66
N PRO B 235 10.05 0.96 -11.35
CA PRO B 235 10.34 -0.27 -10.59
C PRO B 235 11.50 -0.11 -9.62
N ALA B 236 12.54 0.63 -10.01
CA ALA B 236 13.66 0.87 -9.10
C ALA B 236 13.22 1.70 -7.90
N HIS B 237 12.40 2.72 -8.15
CA HIS B 237 11.87 3.55 -7.06
C HIS B 237 11.02 2.71 -6.12
N ASP B 238 10.20 1.80 -6.66
CA ASP B 238 9.40 0.92 -5.82
C ASP B 238 10.27 0.09 -4.89
N TYR B 239 11.38 -0.44 -5.40
CA TYR B 239 12.22 -1.28 -4.55
C TYR B 239 13.01 -0.45 -3.56
N VAL B 240 13.32 0.81 -3.89
CA VAL B 240 13.93 1.69 -2.92
C VAL B 240 12.96 1.98 -1.77
N LEU B 241 11.68 2.18 -2.08
CA LEU B 241 10.69 2.40 -1.03
C LEU B 241 10.53 1.15 -0.17
N LYS B 242 10.49 -0.02 -0.81
CA LYS B 242 10.35 -1.27 -0.06
C LYS B 242 11.53 -1.48 0.87
N SER B 243 12.74 -1.23 0.37
CA SER B 243 13.93 -1.36 1.21
C SER B 243 13.92 -0.35 2.35
N SER B 244 13.38 0.85 2.10
CA SER B 244 13.29 1.87 3.13
C SER B 244 12.31 1.45 4.23
N HIS B 245 11.16 0.89 3.86
CA HIS B 245 10.22 0.39 4.86
C HIS B 245 10.82 -0.76 5.65
N THR B 246 11.53 -1.67 4.97
CA THR B 246 12.18 -2.77 5.67
C THR B 246 13.21 -2.27 6.67
N PHE B 247 13.96 -1.23 6.30
CA PHE B 247 14.94 -0.67 7.20
C PHE B 247 14.27 -0.07 8.44
N ASN B 248 13.15 0.63 8.24
CA ASN B 248 12.39 1.16 9.38
C ASN B 248 11.94 0.05 10.32
N VAL B 249 11.46 -1.07 9.77
CA VAL B 249 11.05 -2.18 10.62
C VAL B 249 12.25 -2.73 11.38
N LEU B 250 13.40 -2.84 10.70
CA LEU B 250 14.62 -3.30 11.36
C LEU B 250 14.98 -2.42 12.54
N ASP B 251 15.03 -1.10 12.31
CA ASP B 251 15.31 -0.15 13.39
C ASP B 251 14.30 -0.23 14.51
N THR B 252 13.05 -0.57 14.18
CA THR B 252 12.03 -0.72 15.21
C THR B 252 12.27 -1.97 16.05
N ARG B 253 12.90 -3.00 15.48
CA ARG B 253 13.23 -4.20 16.24
C ARG B 253 14.55 -4.07 17.01
N GLY B 254 15.20 -2.91 16.95
CA GLY B 254 16.47 -2.73 17.64
C GLY B 254 17.66 -3.47 17.06
N ALA B 255 17.65 -3.78 15.77
CA ALA B 255 18.71 -4.57 15.15
C ALA B 255 19.72 -3.73 14.38
N VAL B 256 19.64 -2.41 14.48
CA VAL B 256 20.50 -1.51 13.72
C VAL B 256 21.26 -0.61 14.69
N GLY B 257 22.60 -0.59 14.56
CA GLY B 257 23.43 0.29 15.35
C GLY B 257 23.71 1.59 14.62
N VAL B 258 24.52 2.43 15.27
CA VAL B 258 24.79 3.76 14.72
C VAL B 258 25.54 3.67 13.40
N THR B 259 26.62 2.90 13.38
CA THR B 259 27.40 2.78 12.14
C THR B 259 26.57 2.13 11.04
N GLU B 260 25.84 1.06 11.37
CA GLU B 260 25.03 0.39 10.36
C GLU B 260 23.92 1.31 9.85
N ARG B 261 23.34 2.11 10.74
CA ARG B 261 22.31 3.07 10.33
C ARG B 261 22.86 4.05 9.31
N GLN B 262 24.08 4.57 9.52
CA GLN B 262 24.65 5.52 8.58
C GLN B 262 25.00 4.85 7.25
N VAL B 263 25.53 3.63 7.30
CA VAL B 263 25.90 2.92 6.07
C VAL B 263 24.65 2.64 5.24
N LEU B 264 23.60 2.11 5.87
CA LEU B 264 22.40 1.76 5.14
C LEU B 264 21.70 2.99 4.58
N PHE B 265 21.68 4.09 5.34
CA PHE B 265 21.08 5.33 4.82
C PHE B 265 21.84 5.83 3.60
N ALA B 266 23.16 5.71 3.61
CA ALA B 266 23.94 6.18 2.47
C ALA B 266 23.67 5.33 1.23
N ARG B 267 23.53 4.02 1.41
CA ARG B 267 23.27 3.15 0.28
C ARG B 267 21.87 3.38 -0.29
N MET B 268 20.89 3.63 0.59
CA MET B 268 19.57 4.02 0.12
C MET B 268 19.61 5.37 -0.60
N ARG B 269 20.38 6.34 -0.08
CA ARG B 269 20.47 7.63 -0.77
C ARG B 269 21.11 7.47 -2.15
N ASP B 270 22.11 6.59 -2.26
CA ASP B 270 22.77 6.44 -3.55
C ASP B 270 21.83 5.83 -4.58
N MET B 271 21.02 4.84 -4.17
CA MET B 271 20.00 4.31 -5.05
C MET B 271 18.99 5.38 -5.43
N ALA B 272 18.57 6.20 -4.45
CA ALA B 272 17.60 7.25 -4.73
C ALA B 272 18.21 8.33 -5.63
N ARG B 273 19.52 8.56 -5.52
CA ARG B 273 20.19 9.50 -6.40
C ARG B 273 20.20 9.00 -7.85
N ARG B 274 20.52 7.72 -8.04
CA ARG B 274 20.57 7.18 -9.39
C ARG B 274 19.16 7.04 -10.00
N VAL B 275 18.16 6.79 -9.16
CA VAL B 275 16.77 6.80 -9.65
C VAL B 275 16.40 8.19 -10.11
N ALA B 276 16.75 9.21 -9.33
CA ALA B 276 16.40 10.58 -9.68
C ALA B 276 17.11 11.02 -10.96
N GLU B 277 18.40 10.70 -11.10
CA GLU B 277 19.12 11.09 -12.31
C GLU B 277 18.59 10.34 -13.53
N ALA B 278 18.22 9.06 -13.37
CA ALA B 278 17.61 8.33 -14.46
C ALA B 278 16.28 8.97 -14.87
N TYR B 279 15.50 9.43 -13.89
CA TYR B 279 14.22 10.06 -14.20
C TYR B 279 14.42 11.34 -15.00
N VAL B 280 15.36 12.19 -14.57
CA VAL B 280 15.58 13.47 -15.26
C VAL B 280 16.10 13.22 -16.66
N ALA B 281 17.01 12.26 -16.83
CA ALA B 281 17.48 11.92 -18.17
C ALA B 281 16.34 11.41 -19.05
N GLN B 282 15.39 10.68 -18.44
CA GLN B 282 14.24 10.18 -19.18
C GLN B 282 13.35 11.32 -19.66
N ARG B 283 13.11 12.31 -18.79
CA ARG B 283 12.30 13.46 -19.19
C ARG B 283 13.00 14.31 -20.24
N GLN B 284 14.33 14.42 -20.17
CA GLN B 284 15.06 15.20 -21.15
C GLN B 284 15.00 14.55 -22.52
N ALA B 285 15.14 13.23 -22.58
CA ALA B 285 15.00 12.52 -23.85
C ALA B 285 13.61 12.69 -24.44
N LEU B 286 12.61 13.03 -23.63
CA LEU B 286 11.27 13.34 -24.13
C LEU B 286 11.12 14.81 -24.52
N GLY B 287 12.16 15.61 -24.35
CA GLY B 287 12.08 17.02 -24.64
C GLY B 287 11.34 17.85 -23.61
N PHE B 288 11.19 17.35 -22.38
CA PHE B 288 10.43 17.97 -21.29
C PHE B 288 9.05 18.38 -21.80
N PRO B 289 8.19 17.42 -22.15
CA PRO B 289 6.95 17.78 -22.84
C PRO B 289 6.01 18.68 -22.05
N TRP B 290 6.08 18.65 -20.72
CA TRP B 290 5.11 19.41 -19.95
C TRP B 290 5.45 20.89 -19.85
N LEU B 291 6.59 21.32 -20.38
CA LEU B 291 6.91 22.75 -20.42
C LEU B 291 5.90 23.50 -21.28
N ILE B 310 12.92 67.23 -5.43
CA ILE B 310 13.95 66.78 -4.48
C ILE B 310 14.04 67.78 -3.32
N PRO B 311 13.64 67.35 -2.14
CA PRO B 311 13.70 68.24 -0.97
C PRO B 311 15.10 68.27 -0.38
N GLU B 312 15.29 69.22 0.54
CA GLU B 312 16.56 69.31 1.26
C GLU B 312 16.87 68.01 1.98
N GLN B 313 15.88 67.45 2.66
CA GLN B 313 16.02 66.17 3.33
C GLN B 313 14.63 65.60 3.59
N GLU B 314 14.56 64.28 3.72
CA GLU B 314 13.28 63.60 3.92
C GLU B 314 13.54 62.22 4.51
N THR B 315 12.48 61.60 5.02
CA THR B 315 12.59 60.31 5.66
C THR B 315 12.78 59.18 4.65
N LEU B 316 13.58 58.19 5.05
CA LEU B 316 13.83 56.99 4.27
C LEU B 316 13.15 55.78 4.93
N LEU B 317 12.33 55.06 4.15
CA LEU B 317 11.70 53.83 4.61
C LEU B 317 12.00 52.70 3.63
N ILE B 318 12.55 51.60 4.15
CA ILE B 318 12.81 50.41 3.36
C ILE B 318 12.21 49.22 4.10
N GLU B 319 11.27 48.53 3.46
CA GLU B 319 10.63 47.35 4.04
C GLU B 319 10.86 46.16 3.13
N ILE B 320 11.46 45.11 3.67
CA ILE B 320 11.61 43.83 3.00
C ILE B 320 10.54 42.91 3.55
N GLY B 321 9.48 42.71 2.78
CA GLY B 321 8.39 41.82 3.17
C GLY B 321 8.73 40.38 2.90
N THR B 322 8.70 39.56 3.95
CA THR B 322 9.08 38.16 3.84
C THR B 322 7.94 37.28 4.39
N GLU B 323 8.07 35.99 4.13
CA GLU B 323 7.30 35.01 4.90
C GLU B 323 8.01 34.77 6.23
N GLU B 324 7.28 34.19 7.18
CA GLU B 324 7.72 34.12 8.58
C GLU B 324 9.19 33.69 8.75
N LEU B 325 10.05 34.64 9.18
CA LEU B 325 11.46 34.39 9.45
C LEU B 325 11.65 33.75 10.83
N PRO B 326 12.54 32.76 10.95
CA PRO B 326 12.86 32.21 12.25
C PRO B 326 13.48 33.30 13.16
N PRO B 327 13.29 33.18 14.47
CA PRO B 327 13.85 34.21 15.37
C PRO B 327 15.34 34.46 15.20
N ALA B 328 16.16 33.41 15.08
CA ALA B 328 17.60 33.64 14.93
C ALA B 328 17.91 34.35 13.61
N ASP B 329 17.26 33.95 12.52
CA ASP B 329 17.44 34.64 11.25
C ASP B 329 16.97 36.09 11.32
N LEU B 330 15.90 36.36 12.07
CA LEU B 330 15.42 37.73 12.21
C LEU B 330 16.42 38.58 13.01
N GLU B 331 16.87 38.08 14.16
CA GLU B 331 17.88 38.79 14.94
C GLU B 331 19.14 39.05 14.11
N ALA B 332 19.59 38.05 13.36
CA ALA B 332 20.79 38.22 12.54
C ALA B 332 20.60 39.28 11.46
N ALA B 333 19.42 39.31 10.84
CA ALA B 333 19.16 40.32 9.82
C ALA B 333 19.14 41.73 10.41
N LEU B 334 18.51 41.88 11.58
CA LEU B 334 18.46 43.20 12.22
C LEU B 334 19.85 43.67 12.61
N ALA B 335 20.66 42.79 13.21
CA ALA B 335 22.01 43.20 13.60
C ALA B 335 22.85 43.58 12.38
N GLN B 336 22.81 42.74 11.33
CA GLN B 336 23.58 43.06 10.13
C GLN B 336 23.13 44.35 9.47
N LEU B 337 21.84 44.70 9.59
CA LEU B 337 21.37 45.97 9.03
C LEU B 337 21.71 47.14 9.94
N ARG B 338 21.72 46.92 11.26
CA ARG B 338 22.12 47.98 12.19
C ARG B 338 23.57 48.39 12.00
N GLN B 339 24.43 47.44 11.63
CA GLN B 339 25.86 47.72 11.47
C GLN B 339 26.23 48.25 10.09
N ARG B 340 25.43 47.95 9.06
CA ARG B 340 25.79 48.26 7.69
C ARG B 340 25.14 49.54 7.17
N VAL B 341 23.88 49.80 7.51
CA VAL B 341 23.17 50.97 6.96
C VAL B 341 23.84 52.29 7.34
N PRO B 342 24.20 52.55 8.60
CA PRO B 342 24.92 53.81 8.89
C PRO B 342 26.21 53.96 8.10
N ALA B 343 27.02 52.90 8.04
CA ALA B 343 28.24 52.94 7.24
C ALA B 343 27.92 53.10 5.76
N LEU B 344 26.86 52.46 5.27
CA LEU B 344 26.49 52.58 3.86
C LEU B 344 26.16 54.02 3.48
N LEU B 345 25.39 54.70 4.33
CA LEU B 345 24.98 56.07 4.02
C LEU B 345 26.18 57.01 3.99
N ASP B 346 27.14 56.81 4.90
CA ASP B 346 28.35 57.63 4.90
C ASP B 346 29.17 57.41 3.63
N GLU B 347 29.35 56.14 3.24
CA GLU B 347 30.06 55.85 2.00
C GLU B 347 29.36 56.41 0.76
N LEU B 348 28.05 56.71 0.87
CA LEU B 348 27.35 57.48 -0.14
C LEU B 348 27.51 58.98 0.04
N HIS B 349 28.15 59.42 1.13
CA HIS B 349 28.27 60.84 1.46
C HIS B 349 26.88 61.47 1.57
N LEU B 350 25.95 60.74 2.18
CA LEU B 350 24.59 61.22 2.39
C LEU B 350 24.41 61.60 3.86
N PRO B 351 24.30 62.89 4.19
CA PRO B 351 23.98 63.27 5.57
C PRO B 351 22.65 62.70 6.00
N HIS B 352 22.60 62.24 7.25
CA HIS B 352 21.40 61.57 7.74
C HIS B 352 21.32 61.70 9.25
N GLY B 353 20.12 61.50 9.77
CA GLY B 353 19.87 61.49 11.21
C GLY B 353 20.00 60.10 11.81
N ASP B 354 19.18 59.83 12.82
CA ASP B 354 19.22 58.53 13.48
C ASP B 354 18.69 57.45 12.54
N VAL B 355 19.38 56.31 12.54
CA VAL B 355 19.01 55.15 11.72
C VAL B 355 18.43 54.09 12.64
N GLN B 356 17.17 53.75 12.41
CA GLN B 356 16.47 52.74 13.20
C GLN B 356 16.15 51.54 12.33
N VAL B 357 16.28 50.35 12.91
CA VAL B 357 16.06 49.09 12.21
C VAL B 357 15.11 48.24 13.06
N TRP B 358 13.88 48.08 12.59
CA TRP B 358 12.89 47.23 13.23
C TRP B 358 12.59 46.02 12.36
N GLY B 359 11.76 45.12 12.90
CA GLY B 359 11.47 43.89 12.21
C GLY B 359 10.49 42.98 12.92
N THR B 360 9.64 42.32 12.13
CA THR B 360 8.75 41.27 12.60
C THR B 360 9.09 40.02 11.79
N PRO B 361 8.49 38.87 12.09
CA PRO B 361 8.77 37.68 11.26
C PRO B 361 8.46 37.87 9.78
N ARG B 362 7.65 38.86 9.41
CA ARG B 362 7.34 39.12 8.01
C ARG B 362 7.96 40.40 7.47
N ARG B 363 8.70 41.15 8.30
CA ARG B 363 9.20 42.47 7.90
C ARG B 363 10.64 42.67 8.35
N LEU B 364 11.44 43.24 7.45
CA LEU B 364 12.71 43.86 7.80
C LEU B 364 12.59 45.34 7.43
N VAL B 365 12.68 46.22 8.42
CA VAL B 365 12.37 47.63 8.26
C VAL B 365 13.61 48.47 8.58
N VAL B 366 13.95 49.38 7.65
CA VAL B 366 15.04 50.35 7.83
C VAL B 366 14.41 51.74 7.82
N TRP B 367 14.66 52.51 8.86
CA TRP B 367 14.02 53.81 9.05
C TRP B 367 15.08 54.85 9.34
N VAL B 368 15.25 55.81 8.42
CA VAL B 368 16.25 56.85 8.54
C VAL B 368 15.56 58.20 8.46
N GLU B 369 15.73 59.01 9.50
CA GLU B 369 15.16 60.35 9.55
C GLU B 369 16.14 61.37 9.00
N ASP B 370 15.61 62.35 8.27
CA ASP B 370 16.39 63.47 7.74
C ASP B 370 17.55 62.99 6.88
N LEU B 371 17.22 62.26 5.83
CA LEU B 371 18.21 61.82 4.86
C LEU B 371 18.31 62.87 3.76
N ALA B 372 19.55 63.25 3.44
CA ALA B 372 19.78 64.28 2.44
C ALA B 372 19.21 63.84 1.09
N GLY B 373 18.57 64.79 0.39
CA GLY B 373 17.99 64.49 -0.91
C GLY B 373 18.97 64.37 -2.05
N ARG B 374 20.19 64.87 -1.88
CA ARG B 374 21.16 64.90 -2.97
C ARG B 374 22.56 64.73 -2.41
N GLN B 375 23.41 64.08 -3.21
CA GLN B 375 24.82 63.98 -2.86
C GLN B 375 25.52 65.32 -3.09
N PRO B 376 26.56 65.61 -2.31
CA PRO B 376 27.38 66.78 -2.61
C PRO B 376 28.34 66.50 -3.75
N ASP B 377 28.59 67.53 -4.55
CA ASP B 377 29.59 67.43 -5.61
C ASP B 377 30.95 67.08 -5.01
N ARG B 378 31.73 66.28 -5.73
CA ARG B 378 32.92 65.67 -5.17
C ARG B 378 34.01 65.55 -6.22
N GLU B 379 35.25 65.75 -5.80
CA GLU B 379 36.43 65.52 -6.63
C GLU B 379 37.16 64.29 -6.10
N LEU B 380 37.38 63.32 -6.98
CA LEU B 380 38.02 62.07 -6.61
C LEU B 380 39.48 62.09 -7.04
N ILE B 381 40.36 61.68 -6.13
CA ILE B 381 41.80 61.62 -6.38
C ILE B 381 42.19 60.15 -6.46
N ILE B 382 42.68 59.73 -7.62
CA ILE B 382 42.99 58.33 -7.89
C ILE B 382 44.50 58.15 -7.84
N LYS B 383 44.96 57.38 -6.86
CA LYS B 383 46.38 57.10 -6.72
C LYS B 383 46.89 56.30 -7.92
N GLY B 384 48.07 56.65 -8.39
CA GLY B 384 48.67 55.98 -9.53
C GLY B 384 50.12 55.58 -9.29
N PRO B 385 50.91 55.56 -10.35
CA PRO B 385 52.33 55.15 -10.23
C PRO B 385 53.11 56.12 -9.37
N PRO B 386 54.23 55.69 -8.80
CA PRO B 386 55.08 56.62 -8.03
C PRO B 386 55.62 57.74 -8.90
N ALA B 387 55.89 58.88 -8.26
CA ALA B 387 56.33 60.05 -9.01
C ALA B 387 57.62 59.83 -9.79
N ASN B 388 58.60 59.17 -9.17
CA ASN B 388 59.89 58.96 -9.82
C ASN B 388 59.76 58.06 -11.06
N ARG B 389 58.90 57.05 -10.99
CA ARG B 389 58.71 56.12 -12.11
C ARG B 389 57.79 56.67 -13.19
N ALA B 390 57.14 57.82 -12.96
CA ALA B 390 56.22 58.39 -13.93
C ALA B 390 56.78 59.62 -14.65
N PHE B 391 57.90 60.18 -14.20
CA PHE B 391 58.54 61.30 -14.86
C PHE B 391 60.03 61.01 -15.02
N ASP B 392 60.58 61.44 -16.16
CA ASP B 392 61.99 61.22 -16.46
C ASP B 392 62.84 62.29 -15.75
N ALA B 393 64.12 62.37 -16.12
CA ALA B 393 65.00 63.35 -15.50
C ALA B 393 64.60 64.79 -15.84
N GLU B 394 64.03 65.00 -17.03
CA GLU B 394 63.64 66.33 -17.47
C GLU B 394 62.24 66.73 -17.03
N GLY B 395 61.58 65.88 -16.24
CA GLY B 395 60.23 66.16 -15.77
C GLY B 395 59.11 65.82 -16.74
N ARG B 396 59.42 65.12 -17.87
CA ARG B 396 58.38 64.73 -18.82
C ARG B 396 57.78 63.39 -18.41
N PRO B 397 56.48 63.20 -18.65
CA PRO B 397 55.83 61.95 -18.26
C PRO B 397 56.32 60.77 -19.08
N THR B 398 56.41 59.61 -18.43
CA THR B 398 56.89 58.38 -19.03
C THR B 398 55.72 57.55 -19.54
N ALA B 399 56.04 56.36 -20.05
CA ALA B 399 55.01 55.48 -20.58
C ALA B 399 54.07 55.01 -19.48
N ALA B 400 54.59 54.81 -18.26
CA ALA B 400 53.73 54.44 -17.13
C ALA B 400 52.68 55.49 -16.86
N ALA B 401 53.06 56.77 -16.94
CA ALA B 401 52.09 57.84 -16.72
C ALA B 401 51.09 57.90 -17.87
N GLU B 402 51.55 57.71 -19.10
CA GLU B 402 50.64 57.69 -20.25
C GLU B 402 49.67 56.53 -20.16
N GLY B 403 50.16 55.36 -19.72
CA GLY B 403 49.28 54.21 -19.55
C GLY B 403 48.27 54.41 -18.44
N PHE B 404 48.72 54.93 -17.29
CA PHE B 404 47.81 55.21 -16.19
C PHE B 404 46.76 56.24 -16.59
N ALA B 405 47.17 57.24 -17.37
CA ALA B 405 46.20 58.23 -17.83
C ALA B 405 45.23 57.62 -18.85
N ARG B 406 45.73 56.78 -19.75
CA ARG B 406 44.85 56.12 -20.72
C ARG B 406 43.90 55.13 -20.03
N SER B 407 44.35 54.47 -18.96
CA SER B 407 43.46 53.60 -18.20
C SER B 407 42.31 54.37 -17.58
N LYS B 408 42.52 55.65 -17.27
CA LYS B 408 41.44 56.53 -16.83
C LYS B 408 40.94 57.34 -18.02
N GLY B 409 40.10 58.33 -17.75
CA GLY B 409 39.54 59.13 -18.83
C GLY B 409 40.22 60.49 -18.99
N VAL B 410 41.54 60.53 -18.82
CA VAL B 410 42.27 61.80 -18.80
C VAL B 410 43.49 61.72 -19.71
N PRO B 411 43.90 62.83 -20.32
CA PRO B 411 45.21 62.86 -20.99
C PRO B 411 46.34 62.96 -19.98
N VAL B 412 47.53 62.56 -20.42
CA VAL B 412 48.67 62.50 -19.50
C VAL B 412 49.02 63.89 -18.96
N GLU B 413 48.73 64.95 -19.72
CA GLU B 413 49.05 66.31 -19.27
C GLU B 413 48.21 66.74 -18.07
N ALA B 414 47.03 66.14 -17.87
CA ALA B 414 46.17 66.52 -16.76
C ALA B 414 46.55 65.82 -15.45
N LEU B 415 47.48 64.88 -15.49
CA LEU B 415 47.96 64.26 -14.26
C LEU B 415 48.73 65.27 -13.43
N THR B 416 48.57 65.18 -12.11
CA THR B 416 49.36 65.95 -11.16
C THR B 416 50.00 65.01 -10.16
N VAL B 417 50.89 65.56 -9.34
CA VAL B 417 51.60 64.79 -8.32
C VAL B 417 51.09 65.20 -6.96
N ALA B 418 50.72 64.22 -6.15
CA ALA B 418 50.24 64.46 -4.80
C ALA B 418 51.13 63.76 -3.79
N GLU B 419 51.46 64.48 -2.72
CA GLU B 419 52.21 63.90 -1.62
C GLU B 419 51.34 63.14 -0.65
N MET B 420 51.31 61.82 -0.77
CA MET B 420 50.44 61.00 0.06
C MET B 420 51.13 59.67 0.35
N ASP B 421 50.76 59.08 1.49
CA ASP B 421 51.27 57.78 1.91
C ASP B 421 52.79 57.76 2.02
N GLY B 422 53.36 58.87 2.49
CA GLY B 422 54.77 58.97 2.73
C GLY B 422 55.64 59.20 1.51
N GLY B 423 55.04 59.48 0.35
CA GLY B 423 55.82 59.71 -0.85
C GLY B 423 55.03 60.52 -1.86
N ARG B 424 55.65 60.73 -3.01
CA ARG B 424 55.03 61.44 -4.12
C ARG B 424 54.45 60.44 -5.11
N TYR B 425 53.19 60.64 -5.49
CA TYR B 425 52.51 59.75 -6.41
C TYR B 425 51.76 60.56 -7.45
N VAL B 426 51.71 60.05 -8.67
CA VAL B 426 50.92 60.66 -9.74
C VAL B 426 49.45 60.30 -9.53
N VAL B 427 48.59 61.30 -9.61
CA VAL B 427 47.17 61.10 -9.36
C VAL B 427 46.37 61.66 -10.53
N ALA B 428 45.16 61.14 -10.68
CA ALA B 428 44.18 61.66 -11.63
C ALA B 428 43.01 62.26 -10.88
N HIS B 429 42.37 63.25 -11.49
CA HIS B 429 41.28 63.99 -10.86
C HIS B 429 39.99 63.74 -11.63
N VAL B 430 38.96 63.24 -10.95
CA VAL B 430 37.64 63.05 -11.52
C VAL B 430 36.64 63.82 -10.67
N ARG B 431 35.85 64.68 -11.31
CA ARG B 431 34.86 65.51 -10.63
C ARG B 431 33.50 64.82 -10.75
N GLU B 432 33.10 64.13 -9.68
CA GLU B 432 31.86 63.38 -9.65
C GLU B 432 30.70 64.30 -9.25
N THR B 433 29.64 64.28 -10.04
CA THR B 433 28.47 65.10 -9.72
C THR B 433 27.71 64.49 -8.54
N GLY B 434 27.18 65.37 -7.69
CA GLY B 434 26.31 64.91 -6.62
C GLY B 434 24.98 64.47 -7.18
N ARG B 435 24.67 63.18 -7.06
CA ARG B 435 23.44 62.62 -7.58
C ARG B 435 22.38 62.51 -6.49
N PRO B 436 21.10 62.45 -6.85
CA PRO B 436 20.06 62.34 -5.82
C PRO B 436 20.15 61.02 -5.07
N ALA B 437 19.70 61.05 -3.81
CA ALA B 437 19.78 59.86 -2.96
C ALA B 437 18.96 58.71 -3.54
N VAL B 438 17.80 59.03 -4.13
CA VAL B 438 16.98 58.00 -4.77
C VAL B 438 17.76 57.26 -5.85
N GLU B 439 18.48 58.00 -6.70
CA GLU B 439 19.19 57.37 -7.81
C GLU B 439 20.35 56.50 -7.33
N VAL B 440 21.07 56.95 -6.28
CA VAL B 440 22.25 56.20 -5.85
C VAL B 440 21.87 55.05 -4.92
N LEU B 441 20.79 55.20 -4.13
CA LEU B 441 20.36 54.10 -3.28
C LEU B 441 19.82 52.93 -4.10
N ALA B 442 19.19 53.22 -5.25
CA ALA B 442 18.68 52.15 -6.10
C ALA B 442 19.79 51.23 -6.59
N GLU B 443 21.01 51.74 -6.70
CA GLU B 443 22.12 50.92 -7.17
C GLU B 443 22.70 50.01 -6.09
N VAL B 444 22.45 50.31 -4.81
CA VAL B 444 23.09 49.57 -3.73
C VAL B 444 22.12 48.69 -2.95
N LEU B 445 20.83 49.04 -2.91
CA LEU B 445 19.88 48.26 -2.11
C LEU B 445 19.81 46.78 -2.48
N PRO B 446 19.81 46.38 -3.76
CA PRO B 446 19.93 44.93 -4.06
C PRO B 446 21.14 44.29 -3.43
N GLY B 447 22.29 44.96 -3.46
CA GLY B 447 23.48 44.41 -2.83
C GLY B 447 23.36 44.35 -1.32
N VAL B 448 22.62 45.29 -0.72
CA VAL B 448 22.46 45.28 0.74
C VAL B 448 21.71 44.03 1.17
N ILE B 449 20.64 43.67 0.45
CA ILE B 449 19.86 42.48 0.79
C ILE B 449 20.67 41.21 0.55
N ALA B 450 21.38 41.16 -0.58
CA ALA B 450 22.17 39.97 -0.90
C ALA B 450 23.29 39.72 0.12
N ASP B 451 23.87 40.78 0.69
CA ASP B 451 24.96 40.58 1.63
C ASP B 451 24.49 40.05 2.98
N LEU B 452 23.18 40.02 3.21
CA LEU B 452 22.63 39.44 4.43
C LEU B 452 22.94 37.94 4.50
N ARG B 453 23.38 37.50 5.67
CA ARG B 453 23.85 36.12 5.87
C ARG B 453 23.01 35.43 6.93
N PHE B 454 22.51 34.24 6.60
CA PHE B 454 21.79 33.39 7.54
C PHE B 454 22.45 32.03 7.60
N GLU B 455 22.21 31.31 8.71
CA GLU B 455 22.79 29.98 8.86
C GLU B 455 22.35 29.04 7.73
N ARG B 456 21.09 29.13 7.32
CA ARG B 456 20.56 28.36 6.20
C ARG B 456 19.72 29.26 5.32
N SER B 457 19.91 29.15 4.01
CA SER B 457 19.15 29.95 3.06
C SER B 457 18.47 29.03 2.05
N MET B 458 17.45 29.55 1.38
CA MET B 458 16.67 28.77 0.45
C MET B 458 16.28 29.61 -0.75
N ARG B 459 16.17 28.95 -1.91
CA ARG B 459 15.62 29.54 -3.11
C ARG B 459 14.13 29.24 -3.21
N TRP B 460 13.42 30.05 -3.99
CA TRP B 460 12.00 29.80 -4.18
C TRP B 460 11.46 30.12 -5.57
N ASN B 461 12.20 30.81 -6.44
CA ASN B 461 11.69 31.16 -7.75
C ASN B 461 12.84 31.15 -8.76
N SER B 462 12.58 31.66 -9.96
CA SER B 462 13.56 31.55 -11.04
C SER B 462 14.70 32.54 -10.91
N SER B 463 14.58 33.55 -10.05
CA SER B 463 15.67 34.51 -9.87
C SER B 463 16.93 33.87 -9.27
N GLY B 464 16.79 32.73 -8.60
CA GLY B 464 17.92 32.08 -7.98
C GLY B 464 18.39 32.68 -6.67
N VAL B 465 17.70 33.71 -6.19
CA VAL B 465 18.09 34.39 -4.96
C VAL B 465 17.84 33.47 -3.77
N ALA B 466 18.86 33.28 -2.93
CA ALA B 466 18.68 32.59 -1.66
C ALA B 466 18.39 33.61 -0.57
N PHE B 467 17.51 33.23 0.36
CA PHE B 467 17.19 34.06 1.51
C PHE B 467 16.77 33.13 2.63
N SER B 468 16.59 33.69 3.82
CA SER B 468 16.13 32.88 4.95
C SER B 468 14.77 32.26 4.65
N ARG B 469 13.82 33.09 4.23
CA ARG B 469 12.51 32.65 3.77
C ARG B 469 12.19 33.52 2.55
N PRO B 470 11.16 33.20 1.75
CA PRO B 470 10.95 34.00 0.53
C PRO B 470 10.65 35.46 0.84
N ILE B 471 11.12 36.34 -0.05
CA ILE B 471 10.77 37.76 -0.03
C ILE B 471 9.60 37.96 -0.98
N ARG B 472 8.55 38.63 -0.50
CA ARG B 472 7.29 38.75 -1.24
C ARG B 472 6.94 40.15 -1.70
N TRP B 473 7.41 41.18 -1.00
CA TRP B 473 7.17 42.54 -1.46
C TRP B 473 8.29 43.43 -0.93
N LEU B 474 8.51 44.54 -1.63
CA LEU B 474 9.58 45.48 -1.33
C LEU B 474 9.01 46.88 -1.25
N VAL B 475 9.36 47.61 -0.19
CA VAL B 475 9.03 49.02 -0.06
C VAL B 475 10.32 49.81 0.05
N ALA B 476 10.42 50.89 -0.73
CA ALA B 476 11.60 51.74 -0.74
C ALA B 476 11.13 53.16 -1.05
N LEU B 477 10.94 53.95 0.01
CA LEU B 477 10.45 55.32 -0.09
C LEU B 477 11.49 56.29 0.44
N HIS B 478 11.81 57.30 -0.35
CA HIS B 478 12.52 58.49 0.11
C HIS B 478 11.49 59.61 0.05
N GLY B 479 10.81 59.84 1.17
CA GLY B 479 9.64 60.71 1.15
C GLY B 479 8.54 60.13 0.29
N GLU B 480 7.98 60.97 -0.58
CA GLU B 480 6.91 60.52 -1.46
C GLU B 480 7.43 59.80 -2.70
N THR B 481 8.74 59.67 -2.86
CA THR B 481 9.31 59.13 -4.09
C THR B 481 9.81 57.71 -3.88
N VAL B 482 9.46 56.84 -4.82
CA VAL B 482 9.81 55.42 -4.75
C VAL B 482 11.21 55.22 -5.31
N ILE B 483 12.04 54.50 -4.57
CA ILE B 483 13.38 54.13 -5.04
C ILE B 483 13.25 52.93 -5.96
N PRO B 484 13.47 53.08 -7.28
CA PRO B 484 13.22 51.97 -8.20
C PRO B 484 14.38 50.99 -8.34
N PHE B 485 14.19 49.77 -7.85
CA PHE B 485 15.17 48.70 -8.02
C PHE B 485 14.46 47.36 -8.05
N THR B 486 15.15 46.33 -8.55
CA THR B 486 14.57 44.97 -8.63
C THR B 486 15.50 44.02 -7.86
N TYR B 487 14.94 43.13 -7.03
CA TYR B 487 15.82 42.15 -6.35
C TYR B 487 15.45 40.71 -6.72
N ALA B 488 14.59 40.05 -5.92
CA ALA B 488 14.27 38.62 -6.16
C ALA B 488 13.07 38.47 -7.11
N GLY B 489 13.25 38.81 -8.39
CA GLY B 489 12.12 38.76 -9.34
C GLY B 489 10.98 39.63 -8.83
N LEU B 490 11.30 40.77 -8.21
CA LEU B 490 10.26 41.66 -7.62
C LEU B 490 10.56 43.08 -8.10
N THR B 491 9.70 44.04 -7.73
CA THR B 491 9.97 45.43 -8.08
C THR B 491 9.56 46.31 -6.92
N SER B 492 10.47 47.16 -6.47
CA SER B 492 10.19 48.03 -5.33
C SER B 492 9.00 48.93 -5.63
N GLY B 493 8.22 49.21 -4.60
CA GLY B 493 7.05 50.05 -4.72
C GLY B 493 6.73 50.70 -3.39
N ARG B 494 5.52 51.25 -3.27
CA ARG B 494 5.06 51.93 -2.08
C ARG B 494 3.98 51.16 -1.33
N VAL B 495 3.76 49.90 -1.67
CA VAL B 495 2.66 49.11 -1.12
C VAL B 495 3.21 48.14 -0.08
N THR B 496 2.62 48.16 1.10
CA THR B 496 2.96 47.23 2.17
C THR B 496 1.76 46.30 2.42
N ARG B 497 1.99 45.29 3.26
CA ARG B 497 0.94 44.37 3.68
C ARG B 497 0.77 44.43 5.19
N GLY B 498 -0.46 44.31 5.65
CA GLY B 498 -0.76 44.21 7.07
C GLY B 498 -0.82 42.76 7.50
N LEU B 499 -1.58 42.51 8.56
CA LEU B 499 -1.92 41.14 8.93
C LEU B 499 -2.68 40.45 7.79
N ARG B 500 -2.45 39.14 7.63
CA ARG B 500 -3.06 38.41 6.52
C ARG B 500 -4.58 38.39 6.60
N PHE B 501 -5.14 38.33 7.81
CA PHE B 501 -6.57 38.22 8.00
C PHE B 501 -7.27 39.57 8.19
N ALA B 502 -6.56 40.66 7.94
CA ALA B 502 -7.10 42.00 8.13
C ALA B 502 -7.44 42.65 6.79
N GLU B 503 -8.31 43.65 6.86
CA GLU B 503 -8.73 44.42 5.70
C GLU B 503 -8.26 45.87 5.84
N PRO B 504 -7.55 46.42 4.84
CA PRO B 504 -7.20 45.72 3.60
C PRO B 504 -5.94 44.89 3.74
N ALA B 505 -5.73 43.96 2.80
CA ALA B 505 -4.52 43.13 2.86
C ALA B 505 -3.30 43.91 2.38
N THR B 506 -3.46 44.74 1.36
CA THR B 506 -2.42 45.63 0.87
C THR B 506 -2.80 47.08 1.16
N PHE B 507 -1.76 47.91 1.31
CA PHE B 507 -1.94 49.32 1.61
C PHE B 507 -0.85 50.12 0.90
N ALA B 508 -1.25 51.13 0.14
CA ALA B 508 -0.32 51.98 -0.58
C ALA B 508 0.09 53.15 0.30
N LEU B 509 1.40 53.39 0.38
CA LEU B 509 1.97 54.42 1.23
C LEU B 509 2.24 55.67 0.40
N SER B 510 1.55 56.77 0.72
CA SER B 510 1.88 58.04 0.10
C SER B 510 3.17 58.63 0.65
N HIS B 511 3.46 58.40 1.93
CA HIS B 511 4.65 58.90 2.60
C HIS B 511 5.00 57.91 3.72
N PRO B 512 6.27 57.77 4.08
CA PRO B 512 6.63 56.89 5.20
C PRO B 512 5.91 57.18 6.51
N ARG B 513 5.38 58.39 6.70
CA ARG B 513 4.64 58.68 7.92
C ARG B 513 3.33 57.89 8.01
N ASP B 514 2.81 57.41 6.88
CA ASP B 514 1.62 56.57 6.87
C ASP B 514 1.91 55.14 7.32
N TYR B 515 3.16 54.69 7.16
CA TYR B 515 3.51 53.30 7.43
C TYR B 515 3.25 52.92 8.87
N ARG B 516 3.67 53.75 9.82
CA ARG B 516 3.50 53.42 11.23
C ARG B 516 2.04 53.53 11.66
N ILE B 517 1.29 54.49 11.11
CA ILE B 517 -0.12 54.64 11.46
C ILE B 517 -0.92 53.44 10.98
N PHE B 518 -0.61 52.95 9.78
CA PHE B 518 -1.35 51.81 9.22
C PHE B 518 -1.11 50.55 10.04
N LEU B 519 0.14 50.27 10.40
CA LEU B 519 0.44 49.06 11.17
C LEU B 519 -0.15 49.13 12.57
N GLU B 520 -0.03 50.26 13.25
CA GLU B 520 -0.56 50.38 14.60
C GLU B 520 -2.09 50.22 14.62
N ARG B 521 -2.76 50.58 13.53
CA ARG B 521 -4.20 50.41 13.46
C ARG B 521 -4.59 48.94 13.52
N GLN B 522 -3.72 48.04 13.04
CA GLN B 522 -3.94 46.61 13.11
C GLN B 522 -3.35 45.97 14.37
N GLY B 523 -2.75 46.77 15.25
CA GLY B 523 -2.11 46.26 16.44
C GLY B 523 -0.71 45.75 16.23
N VAL B 524 -0.15 45.94 15.03
CA VAL B 524 1.19 45.49 14.73
C VAL B 524 2.18 46.39 15.46
N VAL B 525 3.12 45.77 16.17
CA VAL B 525 4.19 46.51 16.84
C VAL B 525 5.48 46.15 16.14
N VAL B 526 5.89 46.96 15.17
CA VAL B 526 7.04 46.59 14.36
C VAL B 526 8.34 46.71 15.13
N GLU B 527 8.40 47.51 16.20
CA GLU B 527 9.64 47.68 16.96
C GLU B 527 9.85 46.49 17.89
N PRO B 528 10.93 45.71 17.71
CA PRO B 528 11.11 44.51 18.56
C PRO B 528 11.17 44.81 20.03
N GLU B 529 11.81 45.91 20.44
CA GLU B 529 11.87 46.22 21.87
C GLU B 529 10.51 46.60 22.42
N ILE B 530 9.72 47.34 21.65
CA ILE B 530 8.38 47.70 22.09
C ILE B 530 7.48 46.46 22.11
N ARG B 531 7.63 45.59 21.11
CA ARG B 531 6.80 44.39 21.05
C ARG B 531 7.05 43.49 22.25
N ARG B 532 8.32 43.25 22.58
CA ARG B 532 8.63 42.43 23.74
C ARG B 532 8.04 43.04 25.01
N ALA B 533 8.13 44.37 25.14
CA ALA B 533 7.62 45.03 26.34
C ALA B 533 6.11 44.96 26.44
N ARG B 534 5.41 45.03 25.30
CA ARG B 534 3.95 45.00 25.34
C ARG B 534 3.43 43.63 25.75
N ILE B 535 4.11 42.56 25.30
CA ILE B 535 3.74 41.21 25.74
C ILE B 535 3.86 41.10 27.26
N ALA B 536 4.97 41.59 27.82
CA ALA B 536 5.15 41.51 29.27
C ALA B 536 4.10 42.33 30.00
N GLU B 537 3.76 43.51 29.46
CA GLU B 537 2.70 44.32 30.05
C GLU B 537 1.38 43.56 30.09
N GLN B 538 1.02 42.89 29.00
CA GLN B 538 -0.25 42.18 28.93
C GLN B 538 -0.23 40.94 29.82
N ALA B 539 0.88 40.21 29.84
CA ALA B 539 0.96 39.02 30.69
C ALA B 539 0.89 39.37 32.17
N ARG B 540 1.56 40.46 32.57
CA ARG B 540 1.51 40.85 33.98
C ARG B 540 0.09 41.15 34.44
N THR B 541 -0.70 41.78 33.57
CA THR B 541 -2.09 42.11 33.93
C THR B 541 -2.92 40.84 34.10
N LEU B 542 -2.73 39.87 33.22
CA LEU B 542 -3.51 38.63 33.27
C LEU B 542 -3.12 37.75 34.45
N ILE B 543 -1.83 37.76 34.81
CA ILE B 543 -1.38 37.02 35.99
C ILE B 543 -1.90 37.65 37.26
N ALA B 544 -1.83 38.99 37.35
CA ALA B 544 -2.28 39.69 38.55
C ALA B 544 -3.77 39.50 38.82
N ASP B 545 -4.57 39.22 37.80
CA ASP B 545 -6.01 39.07 37.96
C ASP B 545 -6.41 37.74 38.59
N VAL B 546 -5.49 36.77 38.66
CA VAL B 546 -5.75 35.48 39.29
C VAL B 546 -4.89 35.28 40.53
N GLY B 547 -4.22 36.32 41.02
CA GLY B 547 -3.45 36.22 42.23
C GLY B 547 -2.05 35.67 42.07
N GLY B 548 -1.51 35.66 40.85
CA GLY B 548 -0.18 35.15 40.62
C GLY B 548 0.89 36.22 40.81
N ASP B 549 2.14 35.79 40.63
CA ASP B 549 3.29 36.68 40.69
C ASP B 549 3.59 37.24 39.30
N PRO B 550 3.20 38.49 39.01
CA PRO B 550 3.42 39.02 37.66
C PRO B 550 4.88 39.25 37.30
N GLU B 551 5.79 39.24 38.27
CA GLU B 551 7.20 39.40 37.96
C GLU B 551 7.87 38.07 37.61
N HIS B 552 7.13 36.96 37.67
CA HIS B 552 7.63 35.65 37.33
C HIS B 552 7.24 35.32 35.89
N LEU B 553 8.07 35.79 34.95
CA LEU B 553 7.92 35.54 33.53
C LEU B 553 9.25 35.04 32.98
N ASP B 554 9.22 33.89 32.32
CA ASP B 554 10.43 33.31 31.77
C ASP B 554 10.96 34.16 30.61
N GLU B 555 12.25 34.44 30.63
CA GLU B 555 12.85 35.30 29.62
C GLU B 555 12.95 34.60 28.28
N ALA B 556 13.27 33.30 28.28
CA ALA B 556 13.44 32.58 27.03
C ALA B 556 12.11 32.50 26.26
N VAL B 557 11.01 32.26 26.97
CA VAL B 557 9.69 32.25 26.33
C VAL B 557 9.37 33.64 25.79
N LEU B 558 9.65 34.68 26.57
CA LEU B 558 9.36 36.04 26.13
C LEU B 558 10.18 36.44 24.91
N ASN B 559 11.44 36.00 24.84
CA ASN B 559 12.26 36.28 23.66
C ASN B 559 11.77 35.51 22.45
N GLU B 560 11.38 34.25 22.65
CA GLU B 560 10.85 33.45 21.55
C GLU B 560 9.51 33.99 21.08
N VAL B 561 8.58 34.23 22.02
CA VAL B 561 7.24 34.67 21.65
C VAL B 561 7.30 36.01 20.91
N THR B 562 8.18 36.92 21.34
CA THR B 562 8.29 38.22 20.69
C THR B 562 8.57 38.09 19.19
N HIS B 563 9.34 37.07 18.79
CA HIS B 563 9.72 36.88 17.39
C HIS B 563 8.82 35.91 16.66
N LEU B 564 7.68 35.56 17.25
CA LEU B 564 6.68 34.72 16.61
C LEU B 564 5.39 35.46 16.31
N VAL B 565 5.28 36.73 16.69
CA VAL B 565 4.05 37.49 16.50
C VAL B 565 4.39 38.83 15.85
N GLU B 566 3.36 39.46 15.29
CA GLU B 566 3.41 40.84 14.85
C GLU B 566 2.52 41.75 15.68
N ALA B 567 1.34 41.26 16.05
CA ALA B 567 0.35 42.03 16.79
C ALA B 567 0.04 41.25 18.07
N PRO B 568 0.86 41.41 19.10
CA PRO B 568 0.71 40.58 20.31
C PRO B 568 -0.57 40.89 21.05
N THR B 569 -1.26 39.84 21.48
CA THR B 569 -2.41 39.94 22.37
C THR B 569 -2.33 38.75 23.31
N ALA B 570 -1.86 38.98 24.54
CA ALA B 570 -1.73 37.89 25.49
C ALA B 570 -3.10 37.46 25.98
N LEU B 571 -3.25 36.17 26.22
CA LEU B 571 -4.49 35.60 26.72
C LEU B 571 -4.18 34.65 27.86
N ARG B 572 -5.17 34.44 28.73
CA ARG B 572 -5.04 33.54 29.86
C ARG B 572 -5.99 32.37 29.69
N GLY B 573 -5.44 31.15 29.70
CA GLY B 573 -6.27 29.96 29.73
C GLY B 573 -6.16 29.19 31.03
N ARG B 574 -7.12 28.31 31.28
CA ARG B 574 -7.16 27.51 32.49
C ARG B 574 -7.03 26.04 32.12
N PHE B 575 -6.39 25.27 33.00
CA PHE B 575 -6.41 23.82 32.89
C PHE B 575 -6.89 23.23 34.19
N GLU B 576 -7.37 21.99 34.11
CA GLU B 576 -8.02 21.35 35.25
C GLU B 576 -7.05 21.12 36.40
N ASP B 577 -7.57 21.25 37.63
CA ASP B 577 -6.76 21.12 38.84
C ASP B 577 -6.14 19.74 38.98
N GLU B 578 -6.75 18.70 38.40
CA GLU B 578 -6.21 17.35 38.51
C GLU B 578 -4.75 17.26 38.08
N TYR B 579 -4.40 17.94 36.98
CA TYR B 579 -3.04 17.85 36.45
C TYR B 579 -2.01 18.51 37.36
N LEU B 580 -2.44 19.23 38.41
CA LEU B 580 -1.49 19.77 39.36
C LEU B 580 -0.81 18.68 40.18
N ARG B 581 -1.43 17.49 40.27
CA ARG B 581 -0.80 16.35 40.94
C ARG B 581 0.44 15.87 40.21
N LEU B 582 0.57 16.19 38.92
CA LEU B 582 1.78 15.84 38.19
C LEU B 582 2.96 16.67 38.71
N PRO B 583 4.19 16.22 38.46
CA PRO B 583 5.35 17.01 38.86
C PRO B 583 5.34 18.39 38.23
N GLU B 584 5.80 19.40 38.99
CA GLU B 584 5.85 20.75 38.47
C GLU B 584 6.78 20.86 37.28
N GLU B 585 7.93 20.17 37.33
CA GLU B 585 8.88 20.25 36.22
C GLU B 585 8.29 19.64 34.95
N VAL B 586 7.37 18.68 35.08
CA VAL B 586 6.71 18.12 33.91
C VAL B 586 5.75 19.12 33.29
N LEU B 587 4.89 19.74 34.11
CA LEU B 587 3.95 20.73 33.59
C LEU B 587 4.66 21.93 32.97
N VAL B 588 5.73 22.40 33.61
CA VAL B 588 6.43 23.59 33.13
C VAL B 588 7.15 23.31 31.81
N SER B 589 7.81 22.16 31.70
CA SER B 589 8.53 21.84 30.47
C SER B 589 7.57 21.70 29.29
N VAL B 590 6.38 21.16 29.54
CA VAL B 590 5.36 21.09 28.49
C VAL B 590 4.97 22.49 28.05
N MET B 591 4.68 23.37 29.01
CA MET B 591 4.25 24.72 28.66
C MET B 591 5.36 25.51 27.96
N LYS B 592 6.58 25.44 28.46
CA LYS B 592 7.64 26.32 27.98
C LYS B 592 8.38 25.77 26.77
N LYS B 593 8.79 24.50 26.81
CA LYS B 593 9.62 23.97 25.74
C LYS B 593 8.79 23.59 24.52
N HIS B 594 7.60 23.03 24.72
CA HIS B 594 6.77 22.54 23.62
C HIS B 594 5.74 23.56 23.14
N GLN B 595 5.01 24.21 24.05
CA GLN B 595 3.89 25.06 23.69
C GLN B 595 4.21 26.56 23.70
N ARG B 596 5.34 26.96 24.28
CA ARG B 596 5.70 28.38 24.42
C ARG B 596 4.63 29.16 25.17
N TYR B 597 4.17 28.60 26.29
CA TYR B 597 3.26 29.28 27.20
C TYR B 597 4.02 29.78 28.42
N PHE B 598 3.42 30.76 29.11
CA PHE B 598 3.94 31.25 30.39
C PHE B 598 3.25 30.49 31.51
N PRO B 599 3.97 29.75 32.34
CA PRO B 599 3.38 29.24 33.58
C PRO B 599 3.01 30.39 34.51
N VAL B 600 2.01 30.16 35.35
CA VAL B 600 1.54 31.14 36.33
C VAL B 600 1.85 30.60 37.73
N TYR B 601 2.68 31.33 38.47
CA TYR B 601 3.07 30.97 39.82
C TYR B 601 2.44 31.91 40.83
N THR B 602 2.37 31.45 42.08
CA THR B 602 2.16 32.36 43.20
C THR B 602 3.49 32.99 43.60
N ARG B 603 3.42 34.07 44.38
CA ARG B 603 4.64 34.68 44.89
C ARG B 603 5.38 33.74 45.84
N GLU B 604 4.64 32.83 46.49
CA GLU B 604 5.28 31.81 47.30
C GLU B 604 6.00 30.78 46.44
N GLY B 605 5.53 30.57 45.20
CA GLY B 605 6.18 29.68 44.25
C GLY B 605 5.33 28.50 43.80
N GLN B 606 4.11 28.33 44.29
CA GLN B 606 3.28 27.21 43.86
C GLN B 606 2.70 27.47 42.47
N LEU B 607 2.61 26.40 41.69
CA LEU B 607 2.07 26.51 40.34
C LEU B 607 0.56 26.68 40.39
N LEU B 608 0.04 27.50 39.48
CA LEU B 608 -1.39 27.76 39.43
C LEU B 608 -2.02 27.13 38.17
N PRO B 609 -3.30 26.76 38.23
CA PRO B 609 -3.93 26.14 37.05
C PRO B 609 -4.27 27.13 35.95
N TYR B 610 -3.26 27.88 35.50
CA TYR B 610 -3.42 28.87 34.45
C TYR B 610 -2.17 28.89 33.60
N PHE B 611 -2.32 29.37 32.37
CA PHE B 611 -1.19 29.60 31.48
C PHE B 611 -1.49 30.85 30.65
N ILE B 612 -0.43 31.52 30.22
CA ILE B 612 -0.55 32.72 29.39
C ILE B 612 -0.01 32.37 28.01
N ALA B 613 -0.83 32.55 26.98
CA ALA B 613 -0.41 32.41 25.60
C ALA B 613 -0.52 33.77 24.93
N VAL B 614 0.13 33.90 23.77
CA VAL B 614 0.14 35.15 23.03
C VAL B 614 -0.44 34.88 21.64
N ARG B 615 -1.53 35.57 21.31
CA ARG B 615 -2.12 35.48 19.98
C ARG B 615 -1.48 36.49 19.04
N ASN B 616 -1.32 36.10 17.78
CA ASN B 616 -0.94 37.04 16.71
C ASN B 616 -2.21 37.61 16.08
N GLY B 617 -2.82 38.55 16.80
CA GLY B 617 -4.07 39.14 16.36
C GLY B 617 -4.65 40.00 17.47
N GLY B 618 -5.94 40.34 17.34
CA GLY B 618 -6.59 41.27 18.24
C GLY B 618 -7.42 40.58 19.30
N LYS B 619 -8.24 41.40 19.97
CA LYS B 619 -9.08 40.93 21.07
C LYS B 619 -10.43 40.39 20.62
N GLU B 620 -10.78 40.53 19.34
CA GLU B 620 -12.04 40.00 18.83
C GLU B 620 -11.87 38.52 18.50
N GLY B 621 -12.74 37.68 19.06
CA GLY B 621 -12.63 36.26 18.88
C GLY B 621 -11.57 35.61 19.75
N LEU B 622 -11.15 36.28 20.82
CA LEU B 622 -10.12 35.72 21.68
C LEU B 622 -10.61 34.50 22.43
N ASP B 623 -11.91 34.40 22.70
CA ASP B 623 -12.46 33.23 23.38
C ASP B 623 -12.24 31.96 22.58
N VAL B 624 -12.40 32.01 21.27
CA VAL B 624 -12.15 30.85 20.42
C VAL B 624 -10.69 30.44 20.47
N VAL B 625 -9.78 31.42 20.35
CA VAL B 625 -8.35 31.14 20.40
C VAL B 625 -7.98 30.59 21.78
N THR B 626 -8.55 31.16 22.84
CA THR B 626 -8.31 30.65 24.19
C THR B 626 -8.76 29.21 24.33
N ASP B 627 -9.97 28.90 23.87
CA ASP B 627 -10.49 27.54 23.98
C ASP B 627 -9.64 26.54 23.21
N GLY B 628 -9.12 26.96 22.05
CA GLY B 628 -8.26 26.08 21.28
C GLY B 628 -6.98 25.73 22.02
N ASN B 629 -6.31 26.74 22.58
CA ASN B 629 -5.12 26.48 23.38
C ASN B 629 -5.45 25.69 24.63
N GLU B 630 -6.62 25.91 25.23
CA GLU B 630 -6.99 25.14 26.41
C GLU B 630 -7.15 23.66 26.07
N GLN B 631 -7.73 23.35 24.91
CA GLN B 631 -7.86 21.96 24.50
C GLN B 631 -6.49 21.34 24.21
N VAL B 632 -5.58 22.13 23.64
CA VAL B 632 -4.24 21.63 23.32
C VAL B 632 -3.48 21.32 24.60
N ILE B 633 -3.50 22.25 25.56
CA ILE B 633 -2.78 22.02 26.82
C ILE B 633 -3.43 20.91 27.63
N ARG B 634 -4.76 20.78 27.56
CA ARG B 634 -5.44 19.68 28.21
C ARG B 634 -4.95 18.33 27.66
N ALA B 635 -4.69 18.27 26.35
CA ALA B 635 -4.24 17.03 25.74
C ALA B 635 -2.77 16.76 26.04
N ARG B 636 -1.91 17.80 26.00
CA ARG B 636 -0.50 17.57 26.29
C ARG B 636 -0.26 17.19 27.74
N PHE B 637 -1.10 17.69 28.66
CA PHE B 637 -0.99 17.27 30.05
C PHE B 637 -1.50 15.85 30.24
N ALA B 638 -2.62 15.50 29.61
CA ALA B 638 -3.16 14.16 29.74
C ALA B 638 -2.18 13.12 29.19
N ASP B 639 -1.47 13.47 28.11
CA ASP B 639 -0.41 12.60 27.60
C ASP B 639 0.66 12.38 28.66
N ALA B 640 1.06 13.45 29.35
CA ALA B 640 2.06 13.32 30.41
C ALA B 640 1.53 12.49 31.56
N ALA B 641 0.27 12.69 31.95
CA ALA B 641 -0.32 11.88 33.00
C ALA B 641 -0.42 10.42 32.59
N TYR B 642 -0.78 10.16 31.34
CA TYR B 642 -0.80 8.80 30.83
C TYR B 642 0.61 8.22 30.74
N PHE B 643 1.59 9.05 30.36
CA PHE B 643 2.98 8.58 30.34
C PHE B 643 3.46 8.22 31.73
N ILE B 644 3.10 9.03 32.74
CA ILE B 644 3.52 8.73 34.10
C ILE B 644 2.83 7.49 34.63
N ARG B 645 1.56 7.29 34.29
CA ARG B 645 0.83 6.11 34.76
C ARG B 645 1.50 4.83 34.29
N GLU B 646 1.89 4.78 33.02
CA GLU B 646 2.55 3.60 32.49
C GLU B 646 3.92 3.40 33.15
N ASP B 647 4.63 4.49 33.43
CA ASP B 647 5.94 4.37 34.07
C ASP B 647 5.82 3.87 35.51
N LEU B 648 4.78 4.33 36.23
CA LEU B 648 4.62 3.97 37.63
C LEU B 648 4.15 2.53 37.81
N LYS B 649 3.71 1.85 36.76
CA LYS B 649 3.25 0.47 36.88
C LYS B 649 4.38 -0.48 37.27
N HIS B 650 5.63 -0.11 37.02
CA HIS B 650 6.79 -0.95 37.30
C HIS B 650 7.83 -0.16 38.09
N PRO B 651 8.46 -0.79 39.09
CA PRO B 651 9.55 -0.13 39.81
C PRO B 651 10.67 0.33 38.88
N LEU B 652 11.38 1.37 39.32
CA LEU B 652 12.46 1.95 38.52
C LEU B 652 13.55 0.93 38.23
N GLU B 653 13.71 -0.06 39.10
CA GLU B 653 14.73 -1.08 38.88
C GLU B 653 14.44 -1.91 37.64
N TYR B 654 13.17 -2.02 37.24
CA TYR B 654 12.81 -2.82 36.07
C TYR B 654 13.37 -2.22 34.78
N TYR B 655 13.50 -0.90 34.71
CA TYR B 655 14.01 -0.23 33.51
C TYR B 655 15.52 -0.29 33.37
N LEU B 656 16.23 -0.86 34.35
CA LEU B 656 17.68 -0.90 34.28
C LEU B 656 18.21 -1.73 33.12
N PRO B 657 17.79 -2.98 32.90
CA PRO B 657 18.34 -3.74 31.76
C PRO B 657 17.86 -3.23 30.42
N ARG B 658 16.75 -2.49 30.38
CA ARG B 658 16.32 -1.83 29.15
C ARG B 658 17.27 -0.73 28.71
N LEU B 659 18.22 -0.33 29.56
CA LEU B 659 19.24 0.66 29.20
C LEU B 659 20.25 0.13 28.20
N SER B 660 20.29 -1.19 27.97
CA SER B 660 21.09 -1.73 26.88
C SER B 660 20.57 -1.29 25.52
N THR B 661 19.28 -0.95 25.42
CA THR B 661 18.72 -0.40 24.19
C THR B 661 19.39 0.92 23.81
N LEU B 662 19.58 1.81 24.80
CA LEU B 662 20.25 3.07 24.54
C LEU B 662 21.73 2.89 24.30
N THR B 663 22.33 3.89 23.67
CA THR B 663 23.74 3.82 23.35
C THR B 663 24.50 5.04 23.81
N PHE B 664 25.56 4.84 24.58
CA PHE B 664 26.40 5.96 25.00
C PHE B 664 27.31 6.40 23.86
N GLN B 665 28.21 5.53 23.44
CA GLN B 665 29.14 5.83 22.36
C GLN B 665 29.73 4.52 21.86
N ALA B 666 29.73 4.34 20.54
CA ALA B 666 30.28 3.15 19.91
C ALA B 666 31.73 2.89 20.28
N LYS B 667 32.01 1.72 20.80
CA LYS B 667 33.32 1.41 21.34
C LYS B 667 33.47 1.65 22.83
N LEU B 668 32.49 2.28 23.46
CA LEU B 668 32.48 2.48 24.91
C LEU B 668 31.38 1.70 25.62
N GLY B 669 30.21 1.57 25.00
CA GLY B 669 29.15 0.74 25.53
C GLY B 669 27.82 1.47 25.55
N SER B 670 26.83 0.80 26.13
CA SER B 670 25.48 1.32 26.25
C SER B 670 25.30 2.05 27.58
N MET B 671 24.07 2.49 27.84
CA MET B 671 23.77 3.10 29.13
C MET B 671 23.89 2.09 30.26
N LEU B 672 23.41 0.85 30.03
CA LEU B 672 23.61 -0.22 30.99
C LEU B 672 25.10 -0.49 31.23
N ASP B 673 25.92 -0.35 30.19
CA ASP B 673 27.37 -0.49 30.36
C ASP B 673 27.97 0.69 31.12
N LYS B 674 27.42 1.89 30.93
CA LYS B 674 27.93 3.07 31.65
C LYS B 674 27.49 3.07 33.11
N THR B 675 26.26 2.66 33.38
CA THR B 675 25.79 2.53 34.76
C THR B 675 26.67 1.59 35.56
N HIS B 676 27.09 0.48 34.94
CA HIS B 676 27.94 -0.50 35.64
C HIS B 676 29.28 0.11 36.01
N ARG B 677 29.95 0.76 35.05
CA ARG B 677 31.24 1.36 35.36
C ARG B 677 31.13 2.65 36.16
N ILE B 678 29.92 3.23 36.26
CA ILE B 678 29.68 4.28 37.24
C ILE B 678 29.48 3.70 38.64
N GLU B 679 28.89 2.50 38.75
CA GLU B 679 28.81 1.82 40.03
C GLU B 679 30.18 1.48 40.58
N VAL B 680 31.07 0.97 39.71
CA VAL B 680 32.44 0.66 40.12
C VAL B 680 33.17 1.93 40.52
N LEU B 681 32.96 3.03 39.78
CA LEU B 681 33.66 4.26 40.06
C LEU B 681 33.23 4.88 41.38
N VAL B 682 31.92 4.82 41.69
CA VAL B 682 31.43 5.41 42.93
C VAL B 682 32.07 4.76 44.15
N GLU B 683 32.20 3.43 44.14
CA GLU B 683 32.88 2.74 45.24
C GLU B 683 34.34 3.17 45.36
N ARG B 684 34.97 3.52 44.24
CA ARG B 684 36.33 4.06 44.30
C ARG B 684 36.35 5.45 44.90
N LEU B 685 35.28 6.22 44.69
CA LEU B 685 35.26 7.63 45.09
C LEU B 685 34.99 7.81 46.58
N ILE B 686 34.30 6.84 47.20
CA ILE B 686 33.91 6.98 48.60
C ILE B 686 35.12 7.13 49.53
N PRO B 687 36.18 6.31 49.42
CA PRO B 687 37.36 6.57 50.27
C PRO B 687 38.02 7.92 50.01
N MET B 688 38.04 8.38 48.76
CA MET B 688 38.76 9.61 48.45
C MET B 688 38.05 10.85 48.99
N VAL B 689 36.73 10.86 48.96
CA VAL B 689 35.93 11.97 49.50
C VAL B 689 35.70 11.82 50.99
N GLY B 690 35.24 10.64 51.43
CA GLY B 690 34.96 10.40 52.84
C GLY B 690 33.48 10.50 53.18
N LEU B 691 32.76 9.38 53.07
CA LEU B 691 31.32 9.36 53.30
C LEU B 691 30.99 8.43 54.46
N GLU B 692 30.04 8.85 55.29
CA GLU B 692 29.55 8.02 56.37
C GLU B 692 28.82 6.79 55.86
N ALA B 693 28.49 5.90 56.80
CA ALA B 693 27.81 4.68 56.42
C ALA B 693 26.46 4.93 55.78
N GLU B 694 25.74 5.96 56.23
CA GLU B 694 24.44 6.24 55.67
C GLU B 694 24.52 6.76 54.25
N ASP B 695 25.46 7.66 53.97
CA ASP B 695 25.58 8.25 52.64
C ASP B 695 26.25 7.30 51.66
N ALA B 696 27.23 6.53 52.13
CA ALA B 696 27.87 5.56 51.25
C ALA B 696 26.88 4.55 50.69
N ALA B 697 25.94 4.09 51.51
CA ALA B 697 24.91 3.19 51.03
C ALA B 697 23.91 3.86 50.13
N ALA B 698 23.69 5.17 50.31
CA ALA B 698 22.77 5.89 49.44
C ALA B 698 23.31 6.10 48.03
N VAL B 699 24.57 6.50 47.91
CA VAL B 699 25.16 6.71 46.59
C VAL B 699 25.32 5.39 45.84
N ARG B 700 25.60 4.29 46.54
CA ARG B 700 25.77 3.00 45.85
C ARG B 700 24.46 2.54 45.22
N ARG B 701 23.34 2.72 45.93
CA ARG B 701 22.04 2.42 45.35
C ARG B 701 21.65 3.42 44.27
N ALA B 702 22.07 4.68 44.43
CA ALA B 702 21.76 5.70 43.43
C ALA B 702 22.47 5.44 42.12
N ALA B 703 23.79 5.18 42.18
CA ALA B 703 24.54 4.88 40.95
C ALA B 703 23.97 3.66 40.23
N HIS B 704 23.39 2.72 40.98
CA HIS B 704 22.71 1.58 40.36
C HIS B 704 21.47 2.04 39.59
N LEU B 705 20.71 2.99 40.14
CA LEU B 705 19.49 3.50 39.53
C LEU B 705 19.69 4.84 38.84
N SER B 706 20.94 5.25 38.60
CA SER B 706 21.20 6.61 38.13
C SER B 706 20.56 6.86 36.77
N LYS B 707 20.86 6.01 35.79
CA LYS B 707 20.44 6.23 34.40
C LYS B 707 19.17 5.46 34.03
N ALA B 708 18.50 4.83 35.00
CA ALA B 708 17.32 4.02 34.71
C ALA B 708 16.13 4.83 34.20
N ASP B 709 16.13 6.16 34.34
CA ASP B 709 15.00 6.97 33.88
C ASP B 709 15.03 7.21 32.37
N LEU B 710 16.18 7.06 31.73
CA LEU B 710 16.33 7.44 30.33
C LEU B 710 15.40 6.67 29.41
N VAL B 711 14.91 5.51 29.82
CA VAL B 711 14.08 4.66 28.97
C VAL B 711 12.62 4.65 29.43
N THR B 712 12.22 5.60 30.27
CA THR B 712 10.82 5.71 30.66
C THR B 712 10.05 6.50 29.60
N HIS B 713 8.74 6.62 29.81
CA HIS B 713 7.91 7.34 28.86
C HIS B 713 8.18 8.85 28.90
N MET B 714 8.27 9.43 30.11
CA MET B 714 8.44 10.87 30.23
C MET B 714 9.78 11.33 29.68
N VAL B 715 10.87 10.63 30.00
CA VAL B 715 12.18 11.06 29.53
C VAL B 715 12.30 10.85 28.02
N VAL B 716 11.64 9.83 27.47
CA VAL B 716 11.67 9.64 26.02
C VAL B 716 10.95 10.78 25.30
N GLU B 717 9.82 11.25 25.86
CA GLU B 717 9.12 12.38 25.28
C GLU B 717 9.82 13.70 25.62
N MET B 718 10.20 13.88 26.89
CA MET B 718 10.91 15.07 27.35
C MET B 718 12.32 14.67 27.78
N THR B 719 13.29 14.86 26.89
CA THR B 719 14.67 14.50 27.21
C THR B 719 15.23 15.36 28.33
N SER B 720 14.71 16.58 28.52
CA SER B 720 15.21 17.47 29.56
C SER B 720 14.81 17.02 30.96
N LEU B 721 13.82 16.14 31.08
CA LEU B 721 13.37 15.65 32.38
C LEU B 721 14.24 14.53 32.94
N GLN B 722 15.45 14.35 32.40
CA GLN B 722 16.37 13.39 32.99
C GLN B 722 16.78 13.84 34.38
N GLY B 723 16.84 12.89 35.30
CA GLY B 723 17.11 13.18 36.70
C GLY B 723 15.90 13.57 37.49
N VAL B 724 15.08 14.47 36.93
CA VAL B 724 13.86 14.90 37.61
C VAL B 724 12.91 13.72 37.79
N MET B 725 12.68 12.96 36.72
CA MET B 725 11.74 11.84 36.78
C MET B 725 12.33 10.63 37.50
N GLY B 726 13.64 10.41 37.38
CA GLY B 726 14.29 9.37 38.18
C GLY B 726 14.05 9.56 39.66
N ARG B 727 14.19 10.79 40.16
CA ARG B 727 13.90 11.07 41.56
C ARG B 727 12.44 10.77 41.90
N TYR B 728 11.51 11.20 41.04
CA TYR B 728 10.09 10.99 41.30
C TYR B 728 9.73 9.51 41.25
N TYR B 729 10.36 8.76 40.33
CA TYR B 729 10.09 7.33 40.23
C TYR B 729 10.71 6.56 41.38
N ALA B 730 11.92 6.96 41.80
CA ALA B 730 12.55 6.31 42.95
C ALA B 730 11.69 6.44 44.20
N LEU B 731 11.16 7.64 44.46
CA LEU B 731 10.32 7.85 45.64
C LEU B 731 9.06 7.00 45.58
N GLN B 732 8.43 6.92 44.41
CA GLN B 732 7.23 6.11 44.26
C GLN B 732 7.52 4.63 44.41
N SER B 733 8.72 4.18 44.01
CA SER B 733 9.12 2.79 44.18
C SER B 733 9.36 2.43 45.64
N GLY B 734 9.52 3.43 46.51
CA GLY B 734 9.85 3.19 47.91
C GLY B 734 11.30 3.41 48.27
N GLU B 735 12.12 3.89 47.35
CA GLU B 735 13.53 4.13 47.63
C GLU B 735 13.68 5.29 48.61
N PRO B 736 14.77 5.31 49.38
CA PRO B 736 14.99 6.41 50.33
C PRO B 736 15.21 7.75 49.63
N ARG B 737 14.87 8.82 50.34
CA ARG B 737 15.03 10.17 49.79
C ARG B 737 16.49 10.48 49.48
N ALA B 738 17.42 9.98 50.31
CA ALA B 738 18.83 10.20 50.04
C ALA B 738 19.28 9.62 48.71
N VAL B 739 18.68 8.48 48.30
CA VAL B 739 18.98 7.90 46.99
C VAL B 739 18.28 8.66 45.87
N ALA B 740 17.03 9.08 46.10
CA ALA B 740 16.27 9.78 45.05
C ALA B 740 16.89 11.14 44.73
N GLU B 741 17.24 11.92 45.75
CA GLU B 741 17.85 13.22 45.51
C GLU B 741 19.18 13.10 44.78
N ALA B 742 19.95 12.06 45.08
CA ALA B 742 21.23 11.87 44.39
C ALA B 742 21.00 11.62 42.91
N ILE B 743 19.98 10.83 42.56
CA ILE B 743 19.69 10.57 41.15
C ILE B 743 19.39 11.86 40.40
N PHE B 744 18.78 12.85 41.06
CA PHE B 744 18.52 14.16 40.48
C PHE B 744 19.70 15.11 40.58
N GLU B 745 20.36 15.17 41.75
CA GLU B 745 21.48 16.09 41.94
C GLU B 745 22.71 15.70 41.13
N ALA B 746 22.70 14.51 40.51
CA ALA B 746 23.86 14.08 39.73
C ALA B 746 24.14 15.01 38.56
N TYR B 747 23.09 15.49 37.88
CA TYR B 747 23.28 16.34 36.71
C TYR B 747 23.65 17.77 37.07
N LEU B 748 23.43 18.21 38.31
CA LEU B 748 23.70 19.59 38.68
C LEU B 748 25.20 19.89 38.65
N PRO B 749 25.60 21.06 38.11
CA PRO B 749 24.71 22.05 37.52
C PRO B 749 24.38 21.78 36.04
N ARG B 750 23.10 21.83 35.70
CA ARG B 750 22.68 21.56 34.32
C ARG B 750 23.06 22.70 33.38
N PHE B 751 23.09 23.93 33.88
CA PHE B 751 23.35 25.11 33.06
C PHE B 751 23.93 26.20 33.95
N ALA B 752 24.47 27.24 33.31
CA ALA B 752 24.98 28.38 34.05
C ALA B 752 23.86 29.03 34.86
N GLY B 753 24.09 29.21 36.16
CA GLY B 753 23.10 29.76 37.06
C GLY B 753 22.21 28.74 37.73
N ASP B 754 22.31 27.46 37.35
CA ASP B 754 21.56 26.41 38.03
C ASP B 754 22.10 26.20 39.44
N ARG B 755 21.30 25.56 40.28
CA ARG B 755 21.72 25.30 41.64
C ARG B 755 22.62 24.07 41.68
N TYR B 756 23.40 23.97 42.76
CA TYR B 756 24.39 22.95 42.97
C TYR B 756 23.83 21.80 43.80
N PRO B 757 24.48 20.64 43.78
CA PRO B 757 24.05 19.55 44.67
C PRO B 757 24.37 19.87 46.12
N GLU B 758 23.53 19.35 47.01
CA GLU B 758 23.70 19.54 48.45
C GLU B 758 24.03 18.24 49.19
N THR B 759 23.35 17.14 48.87
CA THR B 759 23.66 15.86 49.47
C THR B 759 24.98 15.32 48.93
N PRO B 760 25.88 14.81 49.79
CA PRO B 760 27.15 14.27 49.29
C PRO B 760 27.00 13.09 48.34
N ALA B 761 25.93 12.30 48.50
CA ALA B 761 25.67 11.23 47.56
C ALA B 761 25.39 11.78 46.17
N GLY B 762 24.60 12.85 46.08
CA GLY B 762 24.40 13.51 44.80
C GLY B 762 25.69 14.08 44.23
N LEU B 763 26.54 14.63 45.10
CA LEU B 763 27.81 15.17 44.63
C LEU B 763 28.71 14.08 44.06
N VAL B 764 28.96 13.03 44.85
CA VAL B 764 29.86 11.96 44.45
C VAL B 764 29.32 11.25 43.20
N LEU B 765 28.02 11.00 43.15
CA LEU B 765 27.43 10.42 41.95
C LEU B 765 27.62 11.35 40.74
N GLY B 766 27.58 12.66 40.96
CA GLY B 766 27.89 13.59 39.90
C GLY B 766 29.34 13.51 39.47
N LEU B 767 30.24 13.25 40.43
CA LEU B 767 31.65 13.06 40.08
C LEU B 767 31.85 11.82 39.22
N ALA B 768 31.26 10.70 39.62
CA ALA B 768 31.40 9.47 38.84
C ALA B 768 30.83 9.59 37.44
N ASP B 769 29.72 10.30 37.30
CA ASP B 769 29.14 10.51 35.98
C ASP B 769 30.07 11.34 35.11
N ARG B 770 30.68 12.38 35.67
CA ARG B 770 31.47 13.32 34.86
C ARG B 770 32.87 12.78 34.58
N LEU B 771 33.55 12.26 35.61
CA LEU B 771 34.87 11.68 35.38
C LEU B 771 34.84 10.62 34.30
N ASP B 772 33.87 9.70 34.37
CA ASP B 772 33.77 8.65 33.36
C ASP B 772 33.43 9.22 31.98
N THR B 773 32.59 10.25 31.94
CA THR B 773 32.24 10.86 30.65
C THR B 773 33.45 11.53 30.02
N LEU B 774 34.22 12.30 30.79
CA LEU B 774 35.38 12.99 30.25
C LEU B 774 36.48 12.02 29.85
N MET B 775 36.96 11.21 30.80
CA MET B 775 38.10 10.34 30.53
C MET B 775 37.74 9.28 29.48
N GLY B 776 36.49 8.81 29.49
CA GLY B 776 36.07 7.82 28.51
C GLY B 776 36.01 8.38 27.10
N LEU B 777 35.42 9.57 26.95
CA LEU B 777 35.38 10.21 25.63
C LEU B 777 36.77 10.65 25.18
N PHE B 778 37.69 10.91 26.11
CA PHE B 778 39.07 11.23 25.73
C PHE B 778 39.86 9.98 25.34
N ALA B 779 39.57 8.84 25.98
CA ALA B 779 40.25 7.61 25.61
C ALA B 779 39.94 7.17 24.19
N VAL B 780 38.68 7.34 23.77
CA VAL B 780 38.28 7.09 22.38
C VAL B 780 38.76 8.17 21.42
N GLY B 781 39.58 9.12 21.89
CA GLY B 781 40.10 10.19 21.06
C GLY B 781 39.12 11.29 20.72
N LEU B 782 37.89 11.24 21.26
CA LEU B 782 36.89 12.24 20.97
C LEU B 782 37.09 13.57 21.68
N ALA B 783 38.33 14.02 21.79
CA ALA B 783 38.62 15.31 22.36
C ALA B 783 38.03 16.44 21.53
N PRO B 784 37.32 17.35 22.17
CA PRO B 784 36.73 18.49 21.45
C PRO B 784 37.80 19.29 20.71
N THR B 785 37.46 19.73 19.50
CA THR B 785 38.35 20.54 18.71
C THR B 785 37.63 21.73 18.09
N GLY B 786 38.14 22.94 18.35
CA GLY B 786 37.48 24.14 17.88
C GLY B 786 36.13 24.36 18.51
N THR B 787 35.06 23.97 17.80
CA THR B 787 33.71 24.07 18.31
C THR B 787 32.90 22.85 17.94
N LYS B 788 31.68 22.80 18.47
CA LYS B 788 30.77 21.72 18.18
C LYS B 788 31.12 20.38 18.79
N ASP B 789 31.07 20.29 20.12
CA ASP B 789 31.28 19.02 20.80
C ASP B 789 29.99 18.28 21.07
N PRO B 790 29.83 17.10 20.47
CA PRO B 790 28.58 16.38 20.58
C PRO B 790 28.21 16.05 22.02
N PHE B 791 29.20 15.74 22.85
CA PHE B 791 29.01 15.51 24.27
C PHE B 791 29.39 16.75 25.05
N ALA B 792 28.63 17.03 26.10
CA ALA B 792 28.86 18.23 26.89
C ALA B 792 30.15 18.20 27.69
N LEU B 793 31.28 17.96 27.03
CA LEU B 793 32.55 17.91 27.74
C LEU B 793 32.96 19.28 28.28
N ARG B 794 32.62 20.34 27.55
CA ARG B 794 32.85 21.68 28.09
C ARG B 794 32.04 21.94 29.35
N ARG B 795 30.76 21.55 29.34
CA ARG B 795 29.91 21.71 30.51
C ARG B 795 30.20 20.65 31.57
N ALA B 796 30.45 19.40 31.15
CA ALA B 796 30.80 18.36 32.10
C ALA B 796 32.07 18.68 32.87
N ALA B 797 33.07 19.24 32.20
CA ALA B 797 34.29 19.66 32.89
C ALA B 797 34.06 20.85 33.80
N LEU B 798 33.26 21.82 33.34
CA LEU B 798 33.03 23.03 34.11
C LEU B 798 32.21 22.75 35.37
N GLY B 799 31.07 22.08 35.20
CA GLY B 799 30.24 21.75 36.36
C GLY B 799 30.95 20.91 37.39
N LEU B 800 31.90 20.07 36.93
CA LEU B 800 32.78 19.37 37.86
C LEU B 800 33.65 20.36 38.64
N VAL B 801 34.39 21.21 37.93
CA VAL B 801 35.24 22.19 38.61
C VAL B 801 34.41 23.14 39.48
N GLN B 802 33.17 23.45 39.07
CA GLN B 802 32.35 24.35 39.87
C GLN B 802 31.82 23.67 41.13
N ASN B 803 31.45 22.39 41.03
CA ASN B 803 30.88 21.69 42.18
C ASN B 803 31.92 21.40 43.25
N LEU B 804 33.20 21.29 42.87
CA LEU B 804 34.25 21.08 43.86
C LEU B 804 34.51 22.36 44.66
N ILE B 805 34.53 23.51 44.00
CA ILE B 805 34.37 24.76 44.73
C ILE B 805 32.93 24.86 45.21
N HIS B 806 32.64 25.86 46.05
CA HIS B 806 31.30 26.01 46.63
C HIS B 806 31.00 24.87 47.60
N TRP B 807 31.69 23.74 47.43
CA TRP B 807 31.78 22.69 48.45
C TRP B 807 33.06 22.77 49.26
N ASN B 808 34.10 23.43 48.74
CA ASN B 808 35.42 23.48 49.38
C ASN B 808 35.93 22.07 49.68
N LEU B 809 35.69 21.16 48.75
CA LEU B 809 36.10 19.77 48.89
C LEU B 809 37.40 19.57 48.13
N ASP B 810 38.50 19.39 48.86
CA ASP B 810 39.78 19.13 48.23
C ASP B 810 39.74 17.77 47.56
N PHE B 811 40.35 17.70 46.37
CA PHE B 811 40.20 16.55 45.50
C PHE B 811 41.27 16.62 44.43
N ASP B 812 41.96 15.50 44.20
CA ASP B 812 42.97 15.39 43.15
C ASP B 812 42.33 14.86 41.87
N LEU B 813 42.34 15.68 40.83
CA LEU B 813 41.72 15.27 39.57
C LEU B 813 42.49 14.15 38.88
N ARG B 814 43.83 14.19 38.97
CA ARG B 814 44.63 13.14 38.36
C ARG B 814 44.31 11.78 38.97
N GLN B 815 44.13 11.72 40.30
CA GLN B 815 43.73 10.47 40.93
C GLN B 815 42.32 10.07 40.53
N GLY B 816 41.42 11.04 40.40
CA GLY B 816 40.06 10.73 40.00
C GLY B 816 39.97 10.28 38.55
N LEU B 817 40.67 10.98 37.64
CA LEU B 817 40.67 10.58 36.24
C LEU B 817 41.32 9.21 36.07
N GLU B 818 42.39 8.95 36.80
CA GLU B 818 42.99 7.63 36.78
C GLU B 818 42.05 6.55 37.27
N ALA B 819 41.31 6.84 38.35
CA ALA B 819 40.35 5.87 38.85
C ALA B 819 39.28 5.52 37.84
N ALA B 820 38.84 6.49 37.05
CA ALA B 820 37.92 6.21 35.96
C ALA B 820 38.57 5.51 34.78
N ALA B 821 39.88 5.73 34.59
CA ALA B 821 40.58 5.07 33.51
C ALA B 821 40.61 3.55 33.66
N GLN B 822 40.86 3.06 34.87
CA GLN B 822 40.85 1.62 35.14
C GLN B 822 39.47 0.99 35.00
N GLY B 823 38.41 1.80 34.90
CA GLY B 823 37.07 1.28 34.63
C GLY B 823 36.70 1.27 33.17
N LEU B 824 37.47 1.96 32.33
CA LEU B 824 37.19 2.04 30.91
C LEU B 824 37.60 0.77 30.17
N PRO B 825 36.76 0.33 29.24
CA PRO B 825 37.06 -0.89 28.48
C PRO B 825 38.26 -0.73 27.55
N VAL B 826 38.26 0.33 26.74
CA VAL B 826 39.35 0.61 25.83
C VAL B 826 40.63 0.94 26.56
N PRO B 827 41.77 0.80 25.88
CA PRO B 827 43.05 1.17 26.49
C PRO B 827 43.13 2.67 26.73
N VAL B 828 43.72 3.03 27.87
CA VAL B 828 43.86 4.43 28.23
C VAL B 828 45.24 4.98 27.98
N SER B 829 45.42 5.67 26.86
CA SER B 829 46.67 6.31 26.57
C SER B 829 47.05 7.33 27.63
N PRO B 830 48.28 7.25 28.13
CA PRO B 830 48.72 8.24 29.14
C PRO B 830 48.63 9.68 28.66
N GLU B 831 48.76 9.93 27.35
CA GLU B 831 48.48 11.25 26.81
C GLU B 831 47.02 11.64 26.98
N ALA B 832 46.11 10.67 26.90
CA ALA B 832 44.71 10.95 27.18
C ALA B 832 44.47 11.37 28.61
N LYS B 833 45.23 10.81 29.55
CA LYS B 833 45.22 11.31 30.92
C LYS B 833 45.78 12.73 31.00
N MET B 834 46.89 12.98 30.31
CA MET B 834 47.43 14.34 30.25
C MET B 834 46.47 15.28 29.52
N GLU B 835 45.89 14.81 28.42
CA GLU B 835 44.91 15.61 27.71
C GLU B 835 43.64 15.84 28.52
N SER B 836 43.12 14.79 29.15
CA SER B 836 41.92 14.94 29.97
C SER B 836 42.14 15.82 31.18
N LEU B 837 43.33 15.74 31.78
CA LEU B 837 43.64 16.60 32.92
C LEU B 837 43.79 18.06 32.50
N GLU B 838 44.53 18.30 31.40
CA GLU B 838 44.69 19.67 30.94
C GLU B 838 43.38 20.34 30.58
N PHE B 839 42.43 19.57 30.07
CA PHE B 839 41.11 20.10 29.74
C PHE B 839 40.34 20.49 31.00
N ILE B 840 40.39 19.66 32.05
CA ILE B 840 39.71 19.98 33.30
C ILE B 840 40.35 21.19 33.97
N VAL B 841 41.68 21.28 33.97
CA VAL B 841 42.32 22.47 34.52
C VAL B 841 42.02 23.70 33.67
N GLY B 842 41.77 23.51 32.37
CA GLY B 842 41.43 24.65 31.52
C GLY B 842 40.10 25.28 31.90
N ARG B 843 39.07 24.45 32.08
CA ARG B 843 37.78 24.96 32.56
C ARG B 843 37.91 25.60 33.94
N LEU B 844 38.83 25.10 34.77
CA LEU B 844 39.07 25.72 36.07
C LEU B 844 39.56 27.16 35.90
N GLN B 845 40.48 27.38 34.96
CA GLN B 845 40.98 28.73 34.72
C GLN B 845 39.85 29.66 34.28
N ASN B 846 38.98 29.19 33.39
CA ASN B 846 37.91 30.04 32.88
C ASN B 846 36.94 30.44 33.99
N GLU B 847 36.60 29.49 34.88
CA GLU B 847 35.70 29.81 35.98
C GLU B 847 36.34 30.82 36.93
N LEU B 848 37.64 30.69 37.19
CA LEU B 848 38.33 31.66 38.03
C LEU B 848 38.37 33.03 37.36
N LEU B 849 38.57 33.06 36.04
CA LEU B 849 38.51 34.30 35.29
C LEU B 849 37.09 34.85 35.19
N GLU B 850 36.07 33.98 35.35
CA GLU B 850 34.70 34.46 35.44
C GLU B 850 34.51 35.45 36.57
N GLN B 851 35.00 35.12 37.76
CA GLN B 851 35.12 36.11 38.81
C GLN B 851 36.24 37.10 38.47
N GLY B 852 36.20 38.26 39.09
CA GLY B 852 37.16 39.31 38.77
C GLY B 852 38.56 39.03 39.26
N TYR B 853 39.12 37.89 38.87
CA TYR B 853 40.44 37.47 39.33
C TYR B 853 41.48 37.71 38.25
N ARG B 854 42.65 38.21 38.67
CA ARG B 854 43.73 38.51 37.75
C ARG B 854 44.21 37.26 37.03
N TYR B 855 44.55 37.42 35.75
CA TYR B 855 45.02 36.30 34.94
C TYR B 855 46.34 35.75 35.47
N ASP B 856 47.27 36.62 35.85
CA ASP B 856 48.58 36.15 36.32
C ASP B 856 48.48 35.48 37.69
N VAL B 857 47.68 36.06 38.60
CA VAL B 857 47.51 35.47 39.92
C VAL B 857 46.85 34.10 39.81
N VAL B 858 45.82 33.99 38.98
CA VAL B 858 45.16 32.69 38.79
C VAL B 858 46.11 31.68 38.14
N ALA B 859 47.00 32.14 37.27
CA ALA B 859 47.97 31.24 36.67
C ALA B 859 49.08 30.85 37.64
N ALA B 860 49.52 31.79 38.47
CA ALA B 860 50.56 31.48 39.44
C ALA B 860 50.17 30.38 40.41
N VAL B 861 49.00 30.51 41.02
CA VAL B 861 48.51 29.47 41.92
C VAL B 861 48.10 28.21 41.16
N LEU B 862 47.67 28.37 39.90
CA LEU B 862 47.28 27.20 39.12
C LEU B 862 48.44 26.32 38.73
N ALA B 863 49.63 26.91 38.56
CA ALA B 863 50.79 26.12 38.20
C ALA B 863 51.20 25.12 39.26
N ALA B 864 50.86 25.40 40.53
CA ALA B 864 51.22 24.51 41.62
C ALA B 864 50.07 23.69 42.14
N GLN B 865 48.87 24.26 42.20
CA GLN B 865 47.70 23.62 42.80
C GLN B 865 46.61 23.30 41.79
N GLY B 866 46.95 23.23 40.51
CA GLY B 866 45.96 22.97 39.47
C GLY B 866 45.15 21.69 39.67
N HIS B 867 45.79 20.63 40.20
CA HIS B 867 45.08 19.39 40.42
C HIS B 867 43.94 19.49 41.43
N ASN B 868 43.97 20.51 42.29
CA ASN B 868 42.95 20.70 43.32
C ASN B 868 42.19 21.99 43.08
N PRO B 869 40.95 21.91 42.57
CA PRO B 869 40.16 23.14 42.39
C PRO B 869 39.85 23.86 43.69
N ALA B 870 39.51 23.11 44.74
CA ALA B 870 39.28 23.74 46.04
C ALA B 870 40.49 24.51 46.53
N ALA B 871 41.67 23.88 46.48
CA ALA B 871 42.89 24.57 46.87
C ALA B 871 43.18 25.79 46.02
N THR B 872 43.02 25.65 44.69
CA THR B 872 43.27 26.79 43.80
C THR B 872 42.31 27.93 44.09
N ALA B 873 41.03 27.62 44.30
CA ALA B 873 40.07 28.65 44.68
C ALA B 873 40.48 29.39 45.93
N ARG B 874 40.90 28.66 46.96
CA ARG B 874 41.39 29.30 48.18
C ARG B 874 42.69 30.05 47.92
N GLY B 875 43.58 29.47 47.11
CA GLY B 875 44.84 30.13 46.81
C GLY B 875 44.68 31.41 46.00
N VAL B 876 43.78 31.38 45.01
CA VAL B 876 43.54 32.58 44.20
C VAL B 876 42.96 33.71 45.05
N ARG B 877 42.07 33.37 45.99
CA ARG B 877 41.54 34.39 46.89
C ARG B 877 42.63 34.95 47.80
N GLU B 878 43.48 34.10 48.35
CA GLU B 878 44.51 34.59 49.27
C GLU B 878 45.59 35.37 48.52
N LEU B 879 46.02 34.88 47.35
CA LEU B 879 47.04 35.58 46.59
C LEU B 879 46.52 36.92 46.05
N SER B 880 45.25 36.98 45.65
CA SER B 880 44.68 38.24 45.19
C SER B 880 44.69 39.29 46.29
N ALA B 881 44.37 38.90 47.53
CA ALA B 881 44.44 39.85 48.63
C ALA B 881 45.85 40.33 48.90
N TRP B 882 46.84 39.44 48.76
CA TRP B 882 48.22 39.84 48.97
C TRP B 882 48.72 40.73 47.84
N VAL B 883 48.34 40.41 46.59
CA VAL B 883 48.73 41.21 45.45
C VAL B 883 48.15 42.62 45.45
N SER B 884 47.04 42.83 46.16
CA SER B 884 46.43 44.14 46.22
C SER B 884 46.74 44.91 47.49
N ARG B 885 47.93 44.71 48.03
CA ARG B 885 48.36 45.36 49.27
C ARG B 885 49.19 46.60 48.97
N SER B 886 49.23 47.51 49.94
CA SER B 886 49.99 48.74 49.82
C SER B 886 51.49 48.59 49.92
N ASP B 887 51.97 47.41 50.31
CA ASP B 887 53.40 47.17 50.40
C ASP B 887 53.80 45.87 49.71
N TRP B 888 52.93 45.39 48.81
CA TRP B 888 53.18 44.11 48.14
C TRP B 888 54.46 44.13 47.30
N ASN B 889 54.78 45.28 46.71
CA ASN B 889 56.02 45.40 45.94
C ASN B 889 57.26 45.28 46.81
N THR B 890 57.11 45.33 48.14
CA THR B 890 58.23 45.26 49.07
C THR B 890 58.40 43.88 49.71
N ILE B 891 57.61 42.89 49.30
CA ILE B 891 57.68 41.54 49.86
C ILE B 891 58.37 40.54 48.95
N LEU B 892 58.09 40.59 47.65
CA LEU B 892 58.58 39.61 46.70
C LEU B 892 60.07 39.60 46.36
N PRO B 893 60.70 40.77 46.16
CA PRO B 893 61.94 40.77 45.37
C PRO B 893 63.09 39.99 46.01
N ALA B 894 63.10 39.85 47.33
CA ALA B 894 64.06 38.93 47.94
C ALA B 894 63.91 37.52 47.42
N TYR B 895 62.66 37.04 47.35
CA TYR B 895 62.40 35.72 46.77
C TYR B 895 62.69 35.72 45.27
N ALA B 896 62.26 36.77 44.56
CA ALA B 896 62.50 36.82 43.12
C ALA B 896 63.97 36.85 42.76
N ARG B 897 64.77 37.60 43.52
CA ARG B 897 66.21 37.64 43.29
C ARG B 897 66.85 36.26 43.50
N SER B 898 66.47 35.58 44.57
CA SER B 898 66.99 34.23 44.79
C SER B 898 66.58 33.25 43.71
N VAL B 899 65.37 33.43 43.16
CA VAL B 899 64.92 32.58 42.07
C VAL B 899 65.69 32.85 40.79
N ARG B 900 66.04 34.12 40.55
CA ARG B 900 66.79 34.45 39.35
C ARG B 900 68.15 33.78 39.31
N ILE B 901 68.88 33.85 40.43
CA ILE B 901 70.15 33.14 40.54
C ILE B 901 69.92 31.63 40.51
N THR B 902 69.02 31.14 41.36
CA THR B 902 68.67 29.72 41.38
C THR B 902 68.01 29.21 40.12
N ARG B 903 67.65 30.09 39.18
CA ARG B 903 67.08 29.63 37.92
C ARG B 903 68.03 28.75 37.14
N ASP B 904 69.31 29.09 37.13
CA ASP B 904 70.34 28.23 36.58
C ASP B 904 70.86 27.24 37.61
N GLN B 905 71.90 26.51 37.22
CA GLN B 905 72.51 25.47 38.05
C GLN B 905 71.47 24.42 38.44
N THR B 906 71.04 23.66 37.43
CA THR B 906 70.01 22.65 37.60
C THR B 906 70.42 21.45 38.43
N GLU B 907 70.61 21.67 39.73
CA GLU B 907 70.97 20.59 40.65
C GLU B 907 70.93 21.02 42.10
N ARG B 908 70.47 20.13 42.98
CA ARG B 908 70.41 20.46 44.39
C ARG B 908 71.78 20.60 45.01
N PHE B 909 71.82 21.32 46.13
CA PHE B 909 73.07 21.53 46.84
C PHE B 909 72.97 21.32 48.33
N ALA B 910 73.83 20.46 48.89
CA ALA B 910 73.80 20.23 50.32
C ALA B 910 74.42 21.39 51.08
N ILE B 911 73.79 21.74 52.20
CA ILE B 911 74.30 22.82 53.03
C ILE B 911 75.20 22.32 54.14
N ASP B 912 76.35 21.77 53.77
CA ASP B 912 77.32 21.30 54.74
C ASP B 912 77.83 22.37 55.67
N PRO B 913 77.59 22.21 56.97
CA PRO B 913 77.95 23.22 57.97
C PRO B 913 79.44 23.48 58.10
N ALA B 914 80.29 22.63 57.51
CA ALA B 914 81.72 22.86 57.56
C ALA B 914 82.16 24.14 56.88
N ARG B 915 81.53 24.50 55.76
CA ARG B 915 81.84 25.72 55.03
C ARG B 915 81.30 27.01 55.60
N LEU B 916 80.69 26.98 56.78
CA LEU B 916 80.17 28.18 57.41
C LEU B 916 81.26 29.14 57.84
N VAL B 917 81.44 30.23 57.10
CA VAL B 917 82.48 31.19 57.40
C VAL B 917 81.99 32.60 57.57
N GLU B 918 80.87 32.93 56.92
CA GLU B 918 80.29 34.26 57.01
C GLU B 918 79.20 34.31 58.05
N PRO B 919 79.27 35.33 58.92
CA PRO B 919 78.26 35.47 59.96
C PRO B 919 76.86 35.62 59.42
N ALA B 920 76.70 36.42 58.37
CA ALA B 920 75.39 36.56 57.75
C ALA B 920 74.91 35.27 57.09
N GLU B 921 75.83 34.52 56.49
CA GLU B 921 75.46 33.24 55.90
C GLU B 921 75.02 32.21 56.92
N LYS B 922 75.60 32.27 58.13
CA LYS B 922 75.16 31.40 59.20
C LYS B 922 73.75 31.72 59.70
N HIS B 923 73.39 33.01 59.74
CA HIS B 923 72.05 33.40 60.17
C HIS B 923 70.99 32.95 59.17
N LEU B 924 71.30 32.93 57.87
CA LEU B 924 70.31 32.47 56.89
C LEU B 924 69.93 31.02 57.12
N LEU B 925 70.91 30.17 57.41
CA LEU B 925 70.61 28.77 57.72
C LEU B 925 69.79 28.66 59.02
N SER B 926 70.13 29.49 60.01
CA SER B 926 69.34 29.51 61.25
C SER B 926 67.91 29.98 60.97
N ALA B 927 67.75 31.03 60.16
CA ALA B 927 66.42 31.48 59.81
C ALA B 927 65.69 30.49 58.92
N LEU B 928 66.41 29.89 57.97
CA LEU B 928 65.79 28.91 57.06
C LEU B 928 65.33 27.68 57.81
N LEU B 929 66.18 27.13 58.70
CA LEU B 929 65.81 25.92 59.44
C LEU B 929 64.54 26.10 60.24
N GLN B 930 64.35 27.29 60.81
CA GLN B 930 63.08 27.59 61.46
C GLN B 930 61.90 27.62 60.49
N ALA B 931 62.13 27.71 59.18
CA ALA B 931 61.03 27.77 58.24
C ALA B 931 60.41 26.43 57.97
N GLU B 932 61.25 25.41 57.82
CA GLU B 932 60.76 24.09 57.57
C GLU B 932 60.11 23.48 58.81
N VAL B 933 60.70 23.73 59.98
CA VAL B 933 60.12 23.27 61.24
C VAL B 933 58.79 23.94 61.56
N THR B 934 58.51 25.08 60.94
CA THR B 934 57.26 25.79 61.21
C THR B 934 56.08 25.03 60.59
N PRO B 935 54.98 24.84 61.32
CA PRO B 935 53.81 24.16 60.74
C PRO B 935 53.12 25.06 59.73
N ARG B 936 53.02 24.57 58.48
CA ARG B 936 52.35 25.35 57.41
C ARG B 936 51.25 24.49 56.81
N ARG B 937 50.06 25.04 56.65
CA ARG B 937 48.93 24.29 56.04
C ARG B 937 49.31 23.94 54.61
N PRO B 938 48.98 22.72 54.11
CA PRO B 938 49.40 22.34 52.76
C PRO B 938 48.82 23.31 51.72
N GLY B 939 49.66 23.78 50.80
CA GLY B 939 49.20 24.70 49.75
C GLY B 939 48.56 25.97 50.32
N SER B 940 49.11 26.53 51.39
CA SER B 940 48.55 27.81 51.91
C SER B 940 49.49 28.97 51.58
N VAL B 941 49.00 29.93 50.80
CA VAL B 941 49.81 31.14 50.47
C VAL B 941 50.06 31.94 51.75
N GLU B 942 49.04 32.07 52.60
CA GLU B 942 49.19 32.89 53.84
C GLU B 942 50.28 32.28 54.72
N ASP B 943 50.25 30.95 54.87
CA ASP B 943 51.26 30.27 55.74
C ASP B 943 52.66 30.46 55.12
N PHE B 944 52.76 30.37 53.80
CA PHE B 944 54.07 30.60 53.14
C PHE B 944 54.54 32.02 53.44
N PHE B 945 53.63 32.99 53.37
CA PHE B 945 54.02 34.40 53.59
C PHE B 945 54.41 34.61 55.05
N GLN B 946 53.61 34.11 55.99
CA GLN B 946 53.92 34.27 57.41
C GLN B 946 55.26 33.64 57.77
N VAL B 947 55.69 32.61 57.03
CA VAL B 947 56.99 32.00 57.24
C VAL B 947 58.11 32.72 56.50
N PHE B 948 57.81 33.29 55.33
CA PHE B 948 58.82 33.94 54.50
C PHE B 948 59.09 35.39 54.92
N LEU B 949 58.08 36.09 55.44
CA LEU B 949 58.24 37.51 55.76
C LEU B 949 59.33 37.79 56.79
N PRO B 950 59.45 37.06 57.90
CA PRO B 950 60.53 37.36 58.84
C PRO B 950 61.92 37.08 58.28
N MET B 951 62.03 36.29 57.22
CA MET B 951 63.34 36.02 56.61
C MET B 951 63.76 37.07 55.59
N ILE B 952 62.96 38.11 55.38
CA ILE B 952 63.36 39.13 54.39
C ILE B 952 64.59 39.90 54.83
N PRO B 953 64.70 40.39 56.08
CA PRO B 953 65.96 41.03 56.48
C PRO B 953 67.16 40.09 56.45
N VAL B 954 66.99 38.84 56.92
CA VAL B 954 68.09 37.91 56.92
C VAL B 954 68.53 37.55 55.49
N ILE B 955 67.58 37.36 54.59
CA ILE B 955 67.93 37.10 53.19
C ILE B 955 68.54 38.33 52.54
N ASN B 956 68.20 39.53 53.03
CA ASN B 956 68.82 40.73 52.49
C ASN B 956 70.26 40.91 52.93
N ARG B 957 70.53 40.70 54.23
CA ARG B 957 71.90 40.82 54.73
C ARG B 957 72.82 39.81 54.06
N PHE B 958 72.38 38.56 53.94
CA PHE B 958 73.15 37.55 53.21
C PHE B 958 73.39 37.98 51.76
N PHE B 959 72.44 38.69 51.16
CA PHE B 959 72.66 39.20 49.82
C PHE B 959 73.69 40.31 49.76
N ASP B 960 73.78 41.14 50.80
CA ASP B 960 74.73 42.23 50.84
C ASP B 960 76.15 41.81 51.21
N GLU B 961 76.30 41.26 52.43
CA GLU B 961 77.62 40.93 52.94
C GLU B 961 78.28 39.82 52.13
N VAL B 962 77.62 38.67 51.99
CA VAL B 962 78.21 37.53 51.31
C VAL B 962 78.12 37.70 49.79
N LEU B 963 78.84 36.84 49.08
CA LEU B 963 78.82 36.85 47.64
C LEU B 963 78.54 35.49 47.04
N VAL B 964 77.43 35.38 46.30
CA VAL B 964 77.11 34.13 45.65
C VAL B 964 78.01 33.86 44.46
N MET B 965 78.01 32.59 44.04
CA MET B 965 78.83 32.14 42.90
C MET B 965 80.31 32.43 43.15
N ALA B 966 80.76 32.14 44.38
CA ALA B 966 82.12 32.39 44.77
C ALA B 966 83.11 31.45 44.10
N GLU B 967 84.39 31.73 44.34
CA GLU B 967 85.44 30.93 43.72
C GLU B 967 85.44 29.50 44.21
N LEU B 971 82.17 26.30 48.54
CA LEU B 971 81.57 27.50 49.12
C LEU B 971 80.41 28.03 48.30
N ARG B 972 80.50 27.90 46.97
CA ARG B 972 79.39 28.28 46.12
C ARG B 972 78.19 27.36 46.25
N ALA B 973 78.43 26.06 46.47
CA ALA B 973 77.33 25.14 46.70
C ALA B 973 76.51 25.45 47.94
N ASN B 974 77.16 26.00 48.98
CA ASN B 974 76.43 26.46 50.15
C ASN B 974 75.58 27.68 49.83
N ARG B 975 76.12 28.61 49.04
CA ARG B 975 75.33 29.76 48.63
C ARG B 975 74.15 29.39 47.76
N LEU B 976 74.38 28.54 46.75
CA LEU B 976 73.30 28.11 45.90
C LEU B 976 72.31 27.19 46.60
N GLY B 977 72.81 26.33 47.48
CA GLY B 977 71.93 25.45 48.22
C GLY B 977 71.02 26.19 49.19
N LEU B 978 71.55 27.22 49.85
CA LEU B 978 70.71 28.03 50.73
C LEU B 978 69.63 28.76 49.94
N LEU B 979 69.98 29.29 48.77
CA LEU B 979 68.99 29.95 47.94
C LEU B 979 67.98 28.99 47.35
N GLN B 980 68.43 27.81 46.92
CA GLN B 980 67.52 26.83 46.35
C GLN B 980 66.47 26.37 47.33
N ARG B 981 66.86 26.18 48.60
CA ARG B 981 65.89 25.86 49.64
C ARG B 981 64.96 27.03 49.92
N ILE B 982 65.46 28.27 49.84
CA ILE B 982 64.58 29.43 50.03
C ILE B 982 63.50 29.48 48.95
N VAL B 983 63.86 29.16 47.70
CA VAL B 983 62.87 29.07 46.64
C VAL B 983 61.95 27.86 46.79
N ALA B 984 62.39 26.83 47.51
CA ALA B 984 61.59 25.64 47.77
C ALA B 984 60.46 25.81 48.76
N LEU B 985 60.38 26.96 49.44
CA LEU B 985 59.28 27.20 50.38
C LEU B 985 57.95 27.38 49.66
N ALA B 986 57.98 27.93 48.44
CA ALA B 986 56.81 28.02 47.60
C ALA B 986 56.31 26.72 47.02
N ASP B 987 57.05 25.62 47.21
CA ASP B 987 56.63 24.34 46.65
C ASP B 987 55.27 23.94 47.18
N GLY B 988 54.30 23.79 46.26
CA GLY B 988 52.94 23.47 46.62
C GLY B 988 52.03 24.68 46.81
N VAL B 989 52.60 25.87 47.01
CA VAL B 989 51.80 27.09 47.16
C VAL B 989 51.52 27.73 45.80
N ALA B 990 52.54 28.25 45.13
CA ALA B 990 52.37 28.86 43.83
C ALA B 990 53.69 28.96 43.09
N ASP B 991 53.64 29.59 41.92
CA ASP B 991 54.84 29.73 41.10
C ASP B 991 55.52 31.07 41.31
N PHE B 992 54.74 32.15 41.38
CA PHE B 992 55.20 33.52 41.59
C PHE B 992 55.98 34.06 40.39
N SER B 993 56.45 33.18 39.51
CA SER B 993 57.04 33.64 38.26
C SER B 993 56.00 33.97 37.20
N LYS B 994 54.73 33.65 37.45
CA LYS B 994 53.64 34.06 36.58
C LYS B 994 53.18 35.49 36.84
N LEU B 995 53.56 36.09 37.97
CA LEU B 995 53.11 37.44 38.30
C LEU B 995 53.60 38.44 37.27
N GLU B 996 52.77 39.47 37.04
CA GLU B 996 53.10 40.46 36.03
C GLU B 996 54.38 41.23 36.34
N GLY B 997 54.58 41.59 37.60
CA GLY B 997 55.73 42.40 37.97
C GLY B 997 56.87 41.59 38.53
N PHE B 998 56.87 40.28 38.25
CA PHE B 998 57.91 39.41 38.80
C PHE B 998 59.28 39.70 38.19
N GLU B 999 59.32 40.15 36.93
CA GLU B 999 60.61 40.51 36.34
C GLU B 999 61.32 41.60 37.11
N ASN B 1000 60.57 42.59 37.60
CA ASN B 1000 61.16 43.65 38.40
C ASN B 1000 61.66 43.14 39.74
N LEU B 1001 62.94 43.30 40.01
CA LEU B 1001 63.52 42.84 41.27
C LEU B 1001 64.80 43.57 41.62
N GLY C . 6.61 15.29 4.15
CA GLY C . 6.03 16.00 5.27
C GLY C . 5.73 15.12 6.47
O GLY C . 5.83 13.90 6.41
OXT GLY C . 5.39 15.63 7.54
#